data_7Q84
#
_entry.id   7Q84
#
_cell.length_a   87.871
_cell.length_b   133.222
_cell.length_c   139.564
_cell.angle_alpha   90.000
_cell.angle_beta   90.000
_cell.angle_gamma   90.000
#
_symmetry.space_group_name_H-M   'P 21 21 21'
#
loop_
_entity.id
_entity.type
_entity.pdbx_description
1 polymer 'Isoform 2 of Peroxisomal acyl-coenzyme A oxidase 1'
2 non-polymer 'TRIETHYLENE GLYCOL'
3 non-polymer 1,2-ETHANEDIOL
4 non-polymer DI(HYDROXYETHYL)ETHER
5 non-polymer GLYCEROL
6 water water
#
_entity_poly.entity_id   1
_entity_poly.type   'polypeptide(L)'
_entity_poly.pdbx_seq_one_letter_code
;MHHHHHHMNPDLRRERDSASFNPELLTHILDGSPEKTRRRREIENMILNDPDFQHEDLNFLTRSQRYEVAVRKSAIMVKK
MREFGIADPDEIMWFKNFVHRGRPEPLDLHLGMFLPTLLHQATAEQQERFFMPAWNLEIIGTYAQTEMGHGTHLRGLETT
ATYDPETQEFILNSPTVTSIKWWPGGLGKTSNHAIVLAQLITKGK(CSO)YGLHAFIVPIREIGTHKPLPGITVGDIGPK
FGYDEIDNGYLKMDNHRIPRENMLMKYAQVKPDGTYVKPLSNKLTYGTMVFVRSFLVGEAARALSKACTIAIRYSAVRHQ
SEIKPGEPEPQILDFQTQQYKLFPLLATAYAFQFVGAYMKETYHRINEGIGQGDLSELPELHALTAGLKAFTSWTANTGI
EACRMACGGHGYSHCSGLPNIYVNFTPSCTFEGENTVMMLQTARFLMKSYDQVHSGKLV(CSO)GMVSYLNDLPSQRIQP
QQVAVWPTMVDINSPESLTEAYKLRAARLVEIAAKNLQKEVIHRKSKEVAWNLTSVDLVRASEAHCHYVVVKLFSEKLLK
IQDKAIQAVLRSLCLLYSLYGISQNAGDFLQGSIMTEPQITQVNQRVKELLTLIRSDAVALVDAFDFQDVTLGSVLGRYD
GNVYENLFEWAKNSPLNKAEVHESYKHLKSLQSKL
;
_entity_poly.pdbx_strand_id   A,B
#
loop_
_chem_comp.id
_chem_comp.type
_chem_comp.name
_chem_comp.formula
EDO non-polymer 1,2-ETHANEDIOL 'C2 H6 O2'
GOL non-polymer GLYCEROL 'C3 H8 O3'
PEG non-polymer DI(HYDROXYETHYL)ETHER 'C4 H10 O3'
PGE non-polymer 'TRIETHYLENE GLYCOL' 'C6 H14 O4'
#
# COMPACT_ATOMS: atom_id res chain seq x y z
N MET A 8 -7.01 -29.61 -13.90
CA MET A 8 -7.36 -28.16 -14.09
C MET A 8 -8.69 -27.86 -13.40
N ASN A 9 -8.74 -26.86 -12.54
CA ASN A 9 -10.02 -26.41 -11.91
C ASN A 9 -11.10 -26.26 -13.01
N PRO A 10 -12.30 -26.88 -12.88
CA PRO A 10 -13.28 -26.86 -13.97
C PRO A 10 -13.86 -25.50 -14.25
N ASP A 11 -13.75 -24.60 -13.28
CA ASP A 11 -14.22 -23.22 -13.55
C ASP A 11 -13.29 -22.62 -14.63
N LEU A 12 -11.98 -22.76 -14.45
CA LEU A 12 -10.95 -22.10 -15.30
C LEU A 12 -11.02 -22.77 -16.68
N ARG A 13 -11.14 -24.09 -16.67
CA ARG A 13 -11.32 -24.88 -17.90
C ARG A 13 -12.54 -24.34 -18.71
N ARG A 14 -13.65 -24.12 -18.02
CA ARG A 14 -14.82 -23.50 -18.66
C ARG A 14 -14.46 -22.09 -19.17
N GLU A 15 -13.85 -21.22 -18.34
CA GLU A 15 -13.66 -19.81 -18.77
C GLU A 15 -12.75 -19.84 -20.01
N ARG A 16 -11.73 -20.68 -19.96
CA ARG A 16 -10.69 -20.69 -20.98
C ARG A 16 -11.30 -21.24 -22.26
N ASP A 17 -12.21 -22.21 -22.15
CA ASP A 17 -12.79 -22.86 -23.34
C ASP A 17 -13.70 -21.90 -24.08
N SER A 18 -14.36 -20.94 -23.45
CA SER A 18 -15.31 -20.11 -24.22
C SER A 18 -14.78 -18.68 -24.33
N ALA A 19 -13.45 -18.52 -24.32
CA ALA A 19 -12.78 -17.23 -24.58
C ALA A 19 -13.03 -16.86 -26.06
N SER A 20 -12.94 -15.60 -26.43
CA SER A 20 -13.43 -15.08 -27.73
C SER A 20 -12.25 -14.99 -28.71
N PHE A 21 -11.06 -15.40 -28.27
CA PHE A 21 -9.81 -15.13 -29.02
C PHE A 21 -8.86 -16.27 -28.62
N ASN A 22 -7.73 -16.29 -29.30
CA ASN A 22 -6.59 -17.17 -28.96
C ASN A 22 -5.52 -16.41 -28.15
N PRO A 23 -5.38 -16.65 -26.83
CA PRO A 23 -4.44 -15.88 -26.01
C PRO A 23 -2.99 -16.14 -26.44
N GLU A 24 -2.68 -17.27 -27.04
CA GLU A 24 -1.32 -17.49 -27.60
C GLU A 24 -0.95 -16.33 -28.55
N LEU A 25 -1.87 -15.86 -29.41
CA LEU A 25 -1.50 -14.81 -30.43
C LEU A 25 -1.32 -13.46 -29.72
N LEU A 26 -1.97 -13.26 -28.56
CA LEU A 26 -1.87 -12.01 -27.78
C LEU A 26 -0.51 -12.02 -27.09
N THR A 27 -0.13 -13.18 -26.57
CA THR A 27 1.26 -13.35 -26.08
C THR A 27 2.27 -12.88 -27.13
N HIS A 28 2.11 -13.26 -28.42
CA HIS A 28 3.03 -12.83 -29.51
C HIS A 28 3.19 -11.23 -29.34
N ILE A 29 2.01 -10.63 -29.34
CA ILE A 29 1.84 -9.17 -29.52
C ILE A 29 2.58 -8.52 -28.35
N LEU A 30 2.50 -9.13 -27.15
CA LEU A 30 3.15 -8.60 -25.95
C LEU A 30 4.66 -8.81 -26.05
N ASP A 31 5.12 -9.94 -26.57
CA ASP A 31 6.58 -10.17 -26.62
C ASP A 31 7.16 -9.35 -27.79
N GLY A 32 6.37 -9.09 -28.82
CA GLY A 32 6.86 -8.49 -30.07
C GLY A 32 6.80 -9.41 -31.29
N SER A 33 7.07 -10.71 -31.16
CA SER A 33 6.90 -11.68 -32.28
C SER A 33 6.73 -13.11 -31.76
N PRO A 34 6.20 -14.03 -32.62
CA PRO A 34 6.08 -15.44 -32.27
C PRO A 34 7.43 -16.06 -31.91
N GLU A 35 8.51 -15.63 -32.56
CA GLU A 35 9.86 -16.15 -32.20
C GLU A 35 10.34 -15.63 -30.80
N LYS A 36 10.07 -14.36 -30.47
CA LYS A 36 10.43 -13.78 -29.15
C LYS A 36 9.66 -14.49 -28.01
N THR A 37 8.37 -14.81 -28.25
CA THR A 37 7.63 -15.69 -27.36
C THR A 37 8.42 -16.99 -27.19
N ARG A 38 8.86 -17.60 -28.29
CA ARG A 38 9.36 -18.99 -28.24
C ARG A 38 10.68 -18.94 -27.49
N ARG A 39 11.48 -17.96 -27.81
CA ARG A 39 12.84 -17.88 -27.21
C ARG A 39 12.73 -17.56 -25.70
N ARG A 40 11.81 -16.67 -25.34
CA ARG A 40 11.64 -16.36 -23.90
C ARG A 40 11.27 -17.65 -23.16
N ARG A 41 10.26 -18.37 -23.68
CA ARG A 41 9.86 -19.64 -23.05
C ARG A 41 11.07 -20.59 -22.94
N GLU A 42 11.91 -20.70 -23.95
CA GLU A 42 13.12 -21.57 -23.92
C GLU A 42 14.03 -21.17 -22.76
N ILE A 43 14.29 -19.88 -22.60
CA ILE A 43 15.21 -19.36 -21.54
C ILE A 43 14.63 -19.67 -20.17
N GLU A 44 13.33 -19.42 -20.02
CA GLU A 44 12.57 -19.72 -18.78
C GLU A 44 12.71 -21.21 -18.46
N ASN A 45 12.53 -22.09 -19.44
CA ASN A 45 12.44 -23.55 -19.14
C ASN A 45 13.83 -24.09 -18.83
N MET A 46 14.85 -23.52 -19.45
CA MET A 46 16.22 -23.94 -19.11
C MET A 46 16.48 -23.51 -17.65
N ILE A 47 15.89 -22.42 -17.14
CA ILE A 47 16.18 -21.99 -15.73
C ILE A 47 15.36 -22.85 -14.80
N LEU A 48 14.09 -23.08 -15.15
CA LEU A 48 13.09 -23.77 -14.32
C LEU A 48 13.66 -25.15 -13.98
N ASN A 49 14.31 -25.78 -14.93
CA ASN A 49 14.81 -27.18 -14.84
C ASN A 49 16.27 -27.21 -14.40
N ASP A 50 16.84 -26.09 -13.98
CA ASP A 50 18.24 -26.13 -13.54
C ASP A 50 18.29 -26.18 -11.99
N PRO A 51 18.75 -27.29 -11.36
CA PRO A 51 18.85 -27.39 -9.90
C PRO A 51 19.56 -26.22 -9.23
N ASP A 52 20.54 -25.60 -9.90
CA ASP A 52 21.32 -24.45 -9.37
C ASP A 52 20.40 -23.25 -9.13
N PHE A 53 19.23 -23.13 -9.75
CA PHE A 53 18.37 -21.93 -9.61
C PHE A 53 17.21 -22.24 -8.69
N GLN A 54 17.28 -23.37 -7.97
CA GLN A 54 16.19 -23.89 -7.11
C GLN A 54 16.53 -23.60 -5.64
N HIS A 55 15.49 -23.38 -4.84
CA HIS A 55 15.64 -23.12 -3.39
C HIS A 55 14.27 -23.20 -2.70
N GLU A 56 14.30 -23.15 -1.37
CA GLU A 56 13.11 -23.12 -0.49
C GLU A 56 12.24 -21.91 -0.89
N ASP A 57 10.91 -22.00 -0.72
CA ASP A 57 9.94 -20.87 -0.83
C ASP A 57 10.52 -19.68 -0.05
N LEU A 58 10.70 -18.52 -0.71
CA LEU A 58 11.39 -17.35 -0.08
C LEU A 58 10.58 -16.85 1.12
N ASN A 59 9.26 -17.06 1.11
CA ASN A 59 8.38 -16.63 2.23
C ASN A 59 8.85 -17.33 3.52
N PHE A 60 9.54 -18.46 3.45
CA PHE A 60 9.81 -19.28 4.68
C PHE A 60 11.23 -19.03 5.14
N LEU A 61 11.93 -18.05 4.55
CA LEU A 61 13.36 -17.77 4.87
C LEU A 61 13.40 -16.45 5.63
N THR A 62 14.41 -16.28 6.44
CA THR A 62 14.78 -14.97 7.07
C THR A 62 15.47 -14.06 6.04
N ARG A 63 15.59 -12.79 6.38
CA ARG A 63 16.22 -11.80 5.53
C ARG A 63 17.66 -12.24 5.19
N SER A 64 18.45 -12.58 6.18
CA SER A 64 19.88 -12.97 5.92
C SER A 64 19.90 -14.12 4.90
N GLN A 65 19.02 -15.09 5.04
CA GLN A 65 18.94 -16.24 4.10
C GLN A 65 18.48 -15.79 2.72
N ARG A 66 17.57 -14.83 2.62
CA ARG A 66 17.09 -14.33 1.32
C ARG A 66 18.25 -13.67 0.58
N TYR A 67 19.02 -12.84 1.30
CA TYR A 67 20.22 -12.16 0.79
C TYR A 67 21.16 -13.25 0.26
N GLU A 68 21.46 -14.26 1.06
CA GLU A 68 22.37 -15.38 0.66
C GLU A 68 21.85 -16.06 -0.63
N VAL A 69 20.59 -16.44 -0.70
CA VAL A 69 20.01 -17.11 -1.90
C VAL A 69 20.18 -16.21 -3.13
N ALA A 70 19.89 -14.94 -2.97
CA ALA A 70 19.90 -13.99 -4.10
C ALA A 70 21.34 -13.79 -4.63
N VAL A 71 22.28 -13.52 -3.76
CA VAL A 71 23.72 -13.42 -4.14
C VAL A 71 24.15 -14.66 -4.91
N ARG A 72 23.89 -15.83 -4.33
CA ARG A 72 24.22 -17.14 -4.91
C ARG A 72 23.66 -17.21 -6.32
N LYS A 73 22.36 -16.95 -6.47
CA LYS A 73 21.73 -17.03 -7.80
C LYS A 73 22.42 -16.05 -8.73
N SER A 74 22.75 -14.84 -8.25
CA SER A 74 23.32 -13.75 -9.11
C SER A 74 24.73 -14.16 -9.61
N ALA A 75 25.61 -14.68 -8.74
CA ALA A 75 26.90 -15.32 -9.12
C ALA A 75 26.67 -16.37 -10.20
N ILE A 76 25.79 -17.32 -9.95
CA ILE A 76 25.55 -18.44 -10.89
C ILE A 76 25.00 -17.91 -12.21
N MET A 77 24.13 -16.92 -12.15
CA MET A 77 23.41 -16.39 -13.33
C MET A 77 24.43 -15.80 -14.32
N VAL A 78 25.45 -15.10 -13.81
CA VAL A 78 26.55 -14.50 -14.63
C VAL A 78 27.33 -15.65 -15.31
N LYS A 79 27.76 -16.64 -14.54
CA LYS A 79 28.44 -17.86 -15.05
C LYS A 79 27.59 -18.45 -16.17
N LYS A 80 26.32 -18.74 -15.94
CA LYS A 80 25.50 -19.55 -16.87
C LYS A 80 25.16 -18.76 -18.13
N MET A 81 24.86 -17.48 -17.99
CA MET A 81 24.52 -16.68 -19.19
C MET A 81 25.73 -16.68 -20.12
N ARG A 82 26.92 -16.53 -19.55
CA ARG A 82 28.22 -16.56 -20.26
C ARG A 82 28.40 -17.95 -20.89
N GLU A 83 28.25 -19.03 -20.12
CA GLU A 83 28.28 -20.45 -20.58
C GLU A 83 27.39 -20.61 -21.82
N PHE A 84 26.09 -20.22 -21.77
CA PHE A 84 25.09 -20.46 -22.84
C PHE A 84 25.11 -19.33 -23.89
N GLY A 85 26.10 -18.40 -23.82
CA GLY A 85 26.27 -17.35 -24.84
C GLY A 85 25.02 -16.47 -24.92
N ILE A 86 24.37 -16.17 -23.78
CA ILE A 86 23.20 -15.24 -23.79
C ILE A 86 23.70 -13.80 -23.77
N ALA A 87 23.52 -13.12 -24.90
CA ALA A 87 24.07 -11.77 -25.12
C ALA A 87 23.02 -10.78 -25.64
N ASP A 88 21.96 -11.22 -26.32
CA ASP A 88 20.88 -10.28 -26.76
C ASP A 88 20.32 -9.61 -25.49
N PRO A 89 20.27 -8.26 -25.43
CA PRO A 89 19.74 -7.58 -24.25
C PRO A 89 18.34 -8.02 -23.79
N ASP A 90 17.45 -8.36 -24.70
CA ASP A 90 16.11 -8.92 -24.35
C ASP A 90 16.30 -10.30 -23.68
N GLU A 91 17.10 -11.16 -24.29
CA GLU A 91 17.37 -12.48 -23.71
C GLU A 91 17.96 -12.30 -22.30
N ILE A 92 18.84 -11.32 -22.06
CA ILE A 92 19.49 -11.15 -20.72
C ILE A 92 18.39 -10.75 -19.73
N MET A 93 17.53 -9.83 -20.12
CA MET A 93 16.40 -9.38 -19.23
C MET A 93 15.53 -10.62 -18.87
N TRP A 94 15.18 -11.44 -19.87
CA TRP A 94 14.26 -12.58 -19.67
C TRP A 94 14.94 -13.54 -18.72
N PHE A 95 16.25 -13.73 -18.91
CA PHE A 95 17.02 -14.67 -18.08
C PHE A 95 17.02 -14.17 -16.61
N LYS A 96 17.47 -12.93 -16.38
CA LYS A 96 17.62 -12.29 -15.03
C LYS A 96 16.28 -12.19 -14.27
N ASN A 97 15.24 -11.65 -14.92
CA ASN A 97 13.85 -11.66 -14.40
C ASN A 97 13.46 -13.05 -13.91
N PHE A 98 13.55 -14.03 -14.78
CA PHE A 98 13.04 -15.35 -14.41
C PHE A 98 13.91 -15.92 -13.30
N VAL A 99 15.24 -15.80 -13.32
CA VAL A 99 16.12 -16.37 -12.23
C VAL A 99 15.68 -15.86 -10.85
N HIS A 100 15.35 -14.57 -10.78
CA HIS A 100 15.14 -13.80 -9.52
C HIS A 100 13.66 -13.75 -9.14
N ARG A 101 12.77 -14.43 -9.88
CA ARG A 101 11.30 -14.54 -9.59
C ARG A 101 10.76 -13.14 -9.35
N GLY A 102 11.23 -12.17 -10.14
CA GLY A 102 10.82 -10.76 -9.98
C GLY A 102 11.35 -10.10 -8.70
N ARG A 103 12.28 -10.70 -7.93
CA ARG A 103 12.90 -9.95 -6.78
C ARG A 103 14.01 -9.11 -7.39
N PRO A 104 14.45 -8.02 -6.75
CA PRO A 104 15.64 -7.31 -7.23
C PRO A 104 16.87 -8.21 -6.96
N GLU A 105 17.98 -7.98 -7.67
CA GLU A 105 19.16 -8.90 -7.65
C GLU A 105 20.37 -8.08 -7.30
N PRO A 106 21.19 -8.57 -6.35
CA PRO A 106 22.15 -7.73 -5.67
C PRO A 106 23.44 -7.38 -6.43
N LEU A 107 23.63 -7.92 -7.63
CA LEU A 107 24.79 -7.56 -8.50
C LEU A 107 24.35 -6.49 -9.52
N ASP A 108 23.16 -5.91 -9.37
CA ASP A 108 22.53 -4.98 -10.34
C ASP A 108 23.49 -3.82 -10.64
N LEU A 109 24.02 -3.15 -9.60
CA LEU A 109 24.87 -1.95 -9.78
C LEU A 109 26.25 -2.35 -10.30
N HIS A 110 26.71 -3.57 -10.04
CA HIS A 110 28.03 -4.02 -10.59
C HIS A 110 27.91 -4.26 -12.10
N LEU A 111 26.92 -5.02 -12.55
CA LEU A 111 26.70 -5.40 -13.98
C LEU A 111 26.14 -4.21 -14.73
N GLY A 112 25.38 -3.35 -14.07
CA GLY A 112 24.52 -2.33 -14.72
C GLY A 112 25.10 -0.94 -14.58
N MET A 113 26.15 -0.73 -13.79
CA MET A 113 26.69 0.63 -13.59
C MET A 113 28.22 0.57 -13.52
N PHE A 114 28.76 -0.12 -12.53
CA PHE A 114 30.22 -0.17 -12.29
C PHE A 114 30.92 -0.64 -13.58
N LEU A 115 30.61 -1.84 -14.06
CA LEU A 115 31.26 -2.43 -15.26
C LEU A 115 31.08 -1.51 -16.46
N PRO A 116 29.84 -1.14 -16.83
CA PRO A 116 29.63 -0.32 -18.02
C PRO A 116 30.33 1.02 -17.93
N THR A 117 30.48 1.56 -16.73
CA THR A 117 31.15 2.87 -16.47
C THR A 117 32.65 2.70 -16.70
N LEU A 118 33.30 1.67 -16.15
CA LEU A 118 34.72 1.40 -16.54
C LEU A 118 34.86 1.19 -18.06
N LEU A 119 34.05 0.34 -18.69
CA LEU A 119 34.25 -0.06 -20.11
C LEU A 119 34.11 1.17 -21.00
N HIS A 120 33.38 2.19 -20.55
CA HIS A 120 33.15 3.43 -21.32
C HIS A 120 34.15 4.54 -20.94
N GLN A 121 34.64 4.59 -19.69
CA GLN A 121 35.40 5.78 -19.19
C GLN A 121 36.79 5.43 -18.68
N ALA A 122 37.19 4.17 -18.56
CA ALA A 122 38.52 3.85 -18.00
C ALA A 122 39.64 4.47 -18.88
N THR A 123 40.65 5.04 -18.26
CA THR A 123 41.99 5.28 -18.89
C THR A 123 42.53 3.91 -19.31
N ALA A 124 43.58 3.83 -20.11
CA ALA A 124 44.17 2.50 -20.49
C ALA A 124 44.72 1.82 -19.23
N GLU A 125 45.27 2.54 -18.25
CA GLU A 125 45.90 1.90 -17.07
C GLU A 125 44.77 1.32 -16.24
N GLN A 126 43.68 2.08 -16.03
CA GLN A 126 42.45 1.67 -15.29
C GLN A 126 41.91 0.37 -15.89
N GLN A 127 41.64 0.42 -17.19
CA GLN A 127 41.33 -0.74 -18.05
C GLN A 127 42.22 -1.95 -17.63
N GLU A 128 43.56 -1.80 -17.60
CA GLU A 128 44.52 -2.88 -17.21
C GLU A 128 44.27 -3.30 -15.75
N ARG A 129 44.07 -2.39 -14.82
CA ARG A 129 43.89 -2.83 -13.41
C ARG A 129 42.50 -3.48 -13.19
N PHE A 130 41.43 -3.04 -13.86
CA PHE A 130 40.01 -3.27 -13.40
C PHE A 130 39.14 -4.16 -14.33
N PHE A 131 39.19 -3.98 -15.66
CA PHE A 131 38.28 -4.65 -16.64
C PHE A 131 38.15 -6.14 -16.30
N MET A 132 39.26 -6.86 -16.32
CA MET A 132 39.28 -8.35 -16.17
C MET A 132 38.80 -8.71 -14.77
N PRO A 133 39.31 -8.12 -13.67
CA PRO A 133 38.83 -8.50 -12.34
C PRO A 133 37.33 -8.11 -12.17
N ALA A 134 36.91 -6.95 -12.65
CA ALA A 134 35.47 -6.59 -12.58
C ALA A 134 34.67 -7.64 -13.38
N TRP A 135 35.21 -8.09 -14.51
CA TRP A 135 34.46 -9.06 -15.35
C TRP A 135 34.31 -10.40 -14.63
N ASN A 136 35.33 -10.83 -13.88
CA ASN A 136 35.40 -12.16 -13.23
C ASN A 136 34.80 -12.10 -11.82
N LEU A 137 34.32 -10.91 -11.37
CA LEU A 137 33.67 -10.72 -10.03
C LEU A 137 34.68 -10.95 -8.89
N GLU A 138 35.96 -10.82 -9.18
CA GLU A 138 37.06 -10.70 -8.20
C GLU A 138 36.97 -9.27 -7.61
N ILE A 139 36.67 -8.32 -8.50
CA ILE A 139 36.22 -6.97 -8.09
C ILE A 139 34.71 -6.90 -8.33
N ILE A 140 33.99 -6.65 -7.24
CA ILE A 140 32.52 -6.36 -7.25
C ILE A 140 32.30 -4.90 -6.83
N GLY A 141 31.63 -4.15 -7.69
CA GLY A 141 31.50 -2.70 -7.56
C GLY A 141 30.05 -2.27 -7.52
N THR A 142 29.84 -1.12 -6.93
CA THR A 142 28.56 -0.39 -6.92
C THR A 142 28.87 1.07 -7.24
N TYR A 143 27.83 1.88 -7.19
CA TYR A 143 27.86 3.33 -7.45
C TYR A 143 27.29 4.01 -6.21
N ALA A 144 28.09 4.74 -5.44
CA ALA A 144 27.64 5.43 -4.21
C ALA A 144 27.60 6.94 -4.42
N GLN A 145 26.40 7.47 -4.68
CA GLN A 145 26.15 8.92 -4.86
C GLN A 145 25.37 9.40 -3.65
N THR A 146 24.18 8.86 -3.39
CA THR A 146 23.18 9.45 -2.46
C THR A 146 23.82 9.36 -1.05
N GLU A 147 23.40 10.24 -0.18
CA GLU A 147 23.92 10.31 1.21
C GLU A 147 22.73 10.28 2.16
N MET A 148 22.98 10.11 3.45
CA MET A 148 21.88 10.22 4.45
C MET A 148 21.11 11.54 4.31
N GLY A 149 21.84 12.65 4.13
CA GLY A 149 21.22 13.99 4.10
C GLY A 149 20.72 14.38 2.72
N HIS A 150 21.11 13.63 1.70
CA HIS A 150 20.91 14.10 0.28
C HIS A 150 20.57 12.92 -0.61
N GLY A 151 19.35 12.94 -1.15
CA GLY A 151 18.88 11.99 -2.19
C GLY A 151 18.56 12.70 -3.50
N THR A 152 17.46 13.45 -3.55
CA THR A 152 16.99 14.26 -4.69
C THR A 152 18.05 15.30 -5.04
N HIS A 153 18.60 16.04 -4.07
CA HIS A 153 19.40 17.25 -4.37
C HIS A 153 20.89 16.91 -4.28
N LEU A 154 21.45 16.32 -5.34
CA LEU A 154 22.88 15.89 -5.39
C LEU A 154 23.86 17.08 -5.31
N ARG A 155 23.49 18.32 -5.66
CA ARG A 155 24.39 19.50 -5.50
C ARG A 155 24.76 19.67 -4.01
N GLY A 156 23.83 19.32 -3.10
CA GLY A 156 24.04 19.38 -1.64
C GLY A 156 24.98 18.33 -1.06
N LEU A 157 25.42 17.34 -1.83
CA LEU A 157 26.23 16.22 -1.26
C LEU A 157 27.41 16.82 -0.49
N GLU A 158 27.84 16.19 0.61
CA GLU A 158 28.91 16.70 1.48
C GLU A 158 30.20 15.87 1.33
N THR A 159 30.20 14.69 0.71
CA THR A 159 31.44 13.88 0.59
C THR A 159 32.46 14.70 -0.23
N THR A 160 33.69 14.83 0.25
CA THR A 160 34.77 15.64 -0.42
C THR A 160 35.82 14.66 -0.91
N ALA A 161 36.44 14.98 -2.04
CA ALA A 161 37.68 14.31 -2.52
C ALA A 161 38.75 15.42 -2.65
N THR A 162 39.59 15.55 -1.63
CA THR A 162 40.67 16.58 -1.56
C THR A 162 41.98 16.03 -2.14
N TYR A 163 42.47 16.66 -3.20
CA TYR A 163 43.78 16.33 -3.83
C TYR A 163 44.94 16.65 -2.84
N ASP A 164 45.89 15.74 -2.72
CA ASP A 164 47.18 15.97 -2.00
C ASP A 164 48.32 15.91 -3.02
N PRO A 165 48.87 17.05 -3.53
CA PRO A 165 49.92 17.00 -4.57
C PRO A 165 51.27 16.43 -4.10
N GLU A 166 51.53 16.47 -2.79
CA GLU A 166 52.74 15.87 -2.16
C GLU A 166 52.76 14.36 -2.46
N THR A 167 51.62 13.65 -2.39
CA THR A 167 51.58 12.15 -2.45
C THR A 167 50.86 11.63 -3.70
N GLN A 168 50.23 12.52 -4.47
CA GLN A 168 49.40 12.23 -5.69
C GLN A 168 48.22 11.31 -5.32
N GLU A 169 47.52 11.72 -4.27
CA GLU A 169 46.38 10.92 -3.76
C GLU A 169 45.17 11.83 -3.54
N PHE A 170 43.97 11.26 -3.65
CA PHE A 170 42.75 12.03 -3.31
C PHE A 170 42.31 11.56 -1.92
N ILE A 171 41.93 12.49 -1.06
CA ILE A 171 41.51 12.15 0.32
C ILE A 171 39.98 12.16 0.35
N LEU A 172 39.38 10.99 0.35
CA LEU A 172 37.89 10.86 0.36
C LEU A 172 37.42 10.92 1.81
N ASN A 173 36.56 11.89 2.13
CA ASN A 173 36.09 12.08 3.51
C ASN A 173 34.56 12.21 3.60
N SER A 174 34.03 11.68 4.69
CA SER A 174 32.59 11.85 5.09
C SER A 174 32.59 12.69 6.36
N PRO A 175 32.43 14.03 6.28
CA PRO A 175 32.75 14.90 7.41
C PRO A 175 31.66 14.92 8.48
N THR A 176 30.44 14.51 8.10
CA THR A 176 29.24 14.59 8.97
C THR A 176 28.48 13.27 8.89
N VAL A 177 27.52 13.09 9.78
CA VAL A 177 26.60 11.92 9.74
C VAL A 177 25.77 11.98 8.45
N THR A 178 25.35 13.17 8.02
CA THR A 178 24.49 13.41 6.84
C THR A 178 25.28 13.12 5.55
N SER A 179 26.59 13.25 5.58
CA SER A 179 27.46 12.99 4.40
C SER A 179 27.57 11.48 4.12
N ILE A 180 27.21 10.65 5.09
CA ILE A 180 27.43 9.19 4.96
C ILE A 180 26.67 8.72 3.71
N LYS A 181 27.35 7.97 2.86
CA LYS A 181 26.73 7.40 1.64
C LYS A 181 25.62 6.48 2.14
N TRP A 182 24.44 6.47 1.50
CA TRP A 182 23.23 5.83 2.10
C TRP A 182 22.24 5.42 1.00
N TRP A 183 21.92 4.13 0.92
CA TRP A 183 21.00 3.46 -0.06
C TRP A 183 21.67 2.57 -1.11
N PRO A 184 22.82 2.89 -1.74
CA PRO A 184 23.26 2.11 -2.87
C PRO A 184 23.18 0.60 -2.63
N GLY A 185 22.54 -0.12 -3.56
CA GLY A 185 22.50 -1.59 -3.58
C GLY A 185 23.89 -2.16 -3.75
N GLY A 186 24.16 -3.30 -3.14
CA GLY A 186 25.49 -3.93 -3.17
C GLY A 186 26.53 -3.20 -2.32
N LEU A 187 26.17 -2.10 -1.67
CA LEU A 187 27.19 -1.33 -0.91
C LEU A 187 27.47 -1.96 0.44
N GLY A 188 26.46 -2.51 1.10
CA GLY A 188 26.54 -2.91 2.51
C GLY A 188 27.41 -4.15 2.72
N LYS A 189 27.24 -5.22 1.95
CA LYS A 189 27.94 -6.51 2.18
C LYS A 189 28.58 -7.06 0.88
N THR A 190 28.03 -6.80 -0.29
CA THR A 190 28.35 -7.56 -1.54
C THR A 190 29.66 -7.05 -2.17
N SER A 191 29.86 -5.72 -2.20
CA SER A 191 30.84 -5.01 -3.06
C SER A 191 32.16 -4.79 -2.29
N ASN A 192 33.33 -4.88 -2.98
CA ASN A 192 34.66 -4.52 -2.42
C ASN A 192 35.15 -3.22 -3.06
N HIS A 193 34.44 -2.68 -4.04
CA HIS A 193 34.74 -1.37 -4.65
C HIS A 193 33.44 -0.57 -4.79
N ALA A 194 33.57 0.74 -4.77
CA ALA A 194 32.49 1.70 -5.07
C ALA A 194 33.10 2.83 -5.90
N ILE A 195 32.46 3.17 -7.00
CA ILE A 195 32.54 4.53 -7.58
C ILE A 195 31.77 5.46 -6.66
N VAL A 196 32.53 6.34 -5.98
CA VAL A 196 31.97 7.37 -5.06
C VAL A 196 31.81 8.70 -5.79
N LEU A 197 30.67 9.34 -5.65
CA LEU A 197 30.49 10.72 -6.15
C LEU A 197 30.78 11.71 -4.99
N ALA A 198 31.60 12.72 -5.26
CA ALA A 198 32.22 13.58 -4.24
C ALA A 198 32.49 14.97 -4.84
N GLN A 199 32.44 15.99 -4.00
CA GLN A 199 32.88 17.38 -4.31
C GLN A 199 34.41 17.37 -4.46
N LEU A 200 34.93 17.66 -5.65
CA LEU A 200 36.40 17.64 -5.91
C LEU A 200 37.02 18.94 -5.34
N ILE A 201 37.96 18.82 -4.40
CA ILE A 201 38.77 19.97 -3.88
C ILE A 201 40.22 19.76 -4.35
N THR A 202 40.75 20.72 -5.11
CA THR A 202 42.15 20.70 -5.62
C THR A 202 42.69 22.13 -5.62
N LYS A 203 43.92 22.27 -5.12
CA LYS A 203 44.42 23.55 -4.57
C LYS A 203 43.41 23.92 -3.49
N GLY A 204 43.03 25.18 -3.41
CA GLY A 204 42.01 25.55 -2.41
C GLY A 204 40.67 25.71 -3.09
N LYS A 205 40.43 25.03 -4.21
CA LYS A 205 39.16 25.31 -4.94
C LYS A 205 38.29 24.06 -5.12
N CSO A 206 36.97 24.24 -5.05
CA CSO A 206 36.01 23.13 -5.25
CB CSO A 206 34.85 23.25 -4.29
SG CSO A 206 33.64 21.90 -4.34
C CSO A 206 35.49 23.19 -6.69
O CSO A 206 34.96 24.30 -7.03
OD CSO A 206 32.19 22.48 -4.84
N TYR A 207 35.47 22.00 -7.32
CA TYR A 207 35.08 21.96 -8.76
C TYR A 207 33.78 21.19 -8.94
N GLY A 208 33.05 20.98 -7.85
CA GLY A 208 31.75 20.28 -7.89
C GLY A 208 31.94 18.79 -8.03
N LEU A 209 30.91 18.09 -8.50
CA LEU A 209 30.79 16.60 -8.36
C LEU A 209 31.61 15.84 -9.43
N HIS A 210 32.47 14.96 -8.96
CA HIS A 210 33.31 14.05 -9.77
C HIS A 210 33.22 12.66 -9.14
N ALA A 211 33.54 11.63 -9.91
CA ALA A 211 33.49 10.20 -9.56
C ALA A 211 34.88 9.62 -9.34
N PHE A 212 34.99 8.82 -8.29
CA PHE A 212 36.25 8.18 -7.86
C PHE A 212 36.03 6.68 -7.65
N ILE A 213 36.97 5.87 -8.12
CA ILE A 213 37.07 4.43 -7.78
C ILE A 213 37.70 4.32 -6.41
N VAL A 214 36.93 3.79 -5.47
CA VAL A 214 37.34 3.65 -4.07
C VAL A 214 37.22 2.19 -3.68
N PRO A 215 38.36 1.48 -3.49
CA PRO A 215 38.35 0.16 -2.94
C PRO A 215 37.82 0.39 -1.52
N ILE A 216 37.01 -0.53 -1.02
CA ILE A 216 36.38 -0.41 0.32
C ILE A 216 36.60 -1.69 1.11
N ARG A 217 36.82 -2.79 0.41
CA ARG A 217 37.18 -4.04 1.12
C ARG A 217 38.39 -4.73 0.46
N GLU A 218 39.13 -5.46 1.28
CA GLU A 218 40.30 -6.27 0.86
C GLU A 218 39.80 -7.33 -0.15
N ILE A 219 40.37 -7.39 -1.34
CA ILE A 219 40.06 -8.48 -2.30
C ILE A 219 40.45 -9.74 -1.55
N GLY A 220 39.71 -10.85 -1.69
CA GLY A 220 40.06 -12.13 -1.04
C GLY A 220 39.38 -12.38 0.29
N THR A 221 39.67 -11.57 1.33
CA THR A 221 39.11 -11.71 2.71
C THR A 221 37.79 -10.93 2.89
N HIS A 222 37.61 -9.85 2.11
CA HIS A 222 36.43 -8.95 2.16
C HIS A 222 36.41 -8.14 3.46
N LYS A 223 37.51 -8.14 4.21
CA LYS A 223 37.66 -7.27 5.42
C LYS A 223 37.67 -5.81 4.97
N PRO A 224 36.90 -4.90 5.63
CA PRO A 224 36.93 -3.46 5.33
C PRO A 224 38.34 -2.87 5.47
N LEU A 225 38.73 -2.02 4.51
CA LEU A 225 40.04 -1.34 4.45
C LEU A 225 40.09 -0.32 5.56
N PRO A 226 41.30 0.02 6.04
CA PRO A 226 41.47 1.10 7.03
C PRO A 226 40.80 2.42 6.58
N GLY A 227 40.11 3.10 7.47
CA GLY A 227 39.40 4.39 7.24
C GLY A 227 38.02 4.24 6.59
N ILE A 228 37.58 2.99 6.28
CA ILE A 228 36.28 2.62 5.64
C ILE A 228 35.35 2.03 6.70
N THR A 229 34.14 2.59 6.86
CA THR A 229 33.05 2.04 7.72
C THR A 229 31.91 1.74 6.76
N VAL A 230 31.51 0.50 6.68
CA VAL A 230 30.61 0.06 5.60
C VAL A 230 29.62 -0.95 6.22
N GLY A 231 28.33 -0.82 5.91
CA GLY A 231 27.35 -1.84 6.29
C GLY A 231 25.96 -1.62 5.68
N ASP A 232 25.04 -2.46 6.15
CA ASP A 232 23.63 -2.55 5.70
C ASP A 232 22.82 -1.46 6.42
N ILE A 233 21.94 -0.77 5.70
CA ILE A 233 21.15 0.36 6.30
C ILE A 233 19.97 -0.15 7.11
N GLY A 234 19.78 -1.47 7.21
CA GLY A 234 18.76 -2.17 8.01
C GLY A 234 17.60 -2.69 7.14
N PRO A 235 16.57 -3.29 7.73
CA PRO A 235 15.48 -3.91 6.95
C PRO A 235 14.54 -2.81 6.41
N LYS A 236 13.87 -3.11 5.28
CA LYS A 236 12.96 -2.20 4.57
C LYS A 236 11.63 -2.89 4.35
N PHE A 237 10.65 -2.17 3.83
CA PHE A 237 9.32 -2.71 3.51
C PHE A 237 9.47 -3.92 2.61
N GLY A 238 10.35 -3.84 1.59
CA GLY A 238 10.77 -4.96 0.72
C GLY A 238 12.28 -4.96 0.56
N TYR A 239 12.73 -5.42 -0.59
CA TYR A 239 14.16 -5.48 -0.99
C TYR A 239 15.01 -6.23 0.06
N ASP A 240 14.50 -7.24 0.74
CA ASP A 240 15.30 -8.07 1.69
C ASP A 240 16.58 -8.57 1.01
N GLU A 241 16.51 -8.83 -0.29
CA GLU A 241 17.57 -9.52 -1.08
C GLU A 241 18.74 -8.56 -1.30
N ILE A 242 18.51 -7.24 -1.10
CA ILE A 242 19.49 -6.17 -1.47
C ILE A 242 20.07 -5.57 -0.20
N ASP A 243 21.40 -5.66 -0.10
CA ASP A 243 22.22 -5.04 0.98
C ASP A 243 22.37 -3.54 0.69
N ASN A 244 21.24 -2.80 0.61
CA ASN A 244 21.25 -1.32 0.56
C ASN A 244 22.15 -0.87 1.70
N GLY A 245 23.13 -0.02 1.39
CA GLY A 245 24.27 0.19 2.27
C GLY A 245 24.57 1.64 2.58
N TYR A 246 25.39 1.80 3.61
CA TYR A 246 26.08 3.03 4.02
C TYR A 246 27.59 2.82 3.88
N LEU A 247 28.28 3.95 3.68
CA LEU A 247 29.74 4.02 3.43
C LEU A 247 30.21 5.34 4.03
N LYS A 248 30.95 5.19 5.10
CA LYS A 248 31.60 6.30 5.81
C LYS A 248 33.09 6.22 5.44
N MET A 249 33.64 7.32 4.95
CA MET A 249 35.10 7.41 4.67
C MET A 249 35.72 8.44 5.61
N ASP A 250 36.73 7.99 6.37
CA ASP A 250 37.48 8.87 7.30
C ASP A 250 38.87 9.25 6.71
N ASN A 251 38.87 10.32 5.88
CA ASN A 251 40.07 10.81 5.13
C ASN A 251 40.82 9.63 4.52
N HIS A 252 40.15 8.88 3.68
CA HIS A 252 40.65 7.63 3.10
C HIS A 252 41.33 8.02 1.79
N ARG A 253 42.58 7.58 1.65
CA ARG A 253 43.50 8.00 0.58
C ARG A 253 43.26 7.03 -0.59
N ILE A 254 43.12 7.58 -1.80
CA ILE A 254 43.24 6.79 -3.07
C ILE A 254 44.28 7.42 -4.01
N PRO A 255 44.90 6.59 -4.90
CA PRO A 255 45.69 7.13 -6.01
C PRO A 255 44.91 8.15 -6.86
N ARG A 256 45.59 9.20 -7.34
CA ARG A 256 45.07 10.13 -8.36
C ARG A 256 44.47 9.31 -9.50
N GLU A 257 45.15 8.22 -9.89
CA GLU A 257 44.83 7.41 -11.09
C GLU A 257 43.44 6.77 -10.91
N ASN A 258 42.86 6.91 -9.71
CA ASN A 258 41.53 6.34 -9.36
C ASN A 258 40.41 7.33 -9.63
N MET A 259 40.71 8.58 -10.00
CA MET A 259 39.65 9.52 -10.45
C MET A 259 39.23 9.13 -11.88
N LEU A 260 37.95 9.30 -12.19
CA LEU A 260 37.42 9.01 -13.54
C LEU A 260 37.60 10.28 -14.38
N MET A 261 38.43 10.18 -15.43
CA MET A 261 39.06 11.39 -15.99
C MET A 261 38.72 11.48 -17.48
N LYS A 262 37.68 10.82 -17.92
CA LYS A 262 37.30 10.90 -19.35
C LYS A 262 36.92 12.35 -19.70
N TYR A 263 36.24 13.06 -18.79
CA TYR A 263 35.55 14.34 -19.07
C TYR A 263 36.26 15.50 -18.38
N ALA A 264 37.01 15.22 -17.31
CA ALA A 264 37.80 16.24 -16.59
C ALA A 264 38.96 15.55 -15.89
N GLN A 265 40.03 16.31 -15.62
CA GLN A 265 41.33 15.74 -15.19
C GLN A 265 41.94 16.59 -14.07
N VAL A 266 42.72 15.91 -13.25
CA VAL A 266 43.61 16.55 -12.25
C VAL A 266 45.01 16.08 -12.58
N LYS A 267 45.93 17.02 -12.91
CA LYS A 267 47.37 16.77 -13.28
C LYS A 267 48.14 16.39 -12.00
N PRO A 268 49.30 15.71 -12.06
CA PRO A 268 50.05 15.40 -10.84
C PRO A 268 50.24 16.59 -9.86
N ASP A 269 50.37 17.84 -10.35
CA ASP A 269 50.53 19.07 -9.50
C ASP A 269 49.18 19.58 -8.97
N GLY A 270 48.08 18.85 -9.20
CA GLY A 270 46.75 19.21 -8.68
C GLY A 270 46.06 20.25 -9.55
N THR A 271 46.58 20.47 -10.75
CA THR A 271 45.93 21.43 -11.69
C THR A 271 44.71 20.70 -12.27
N TYR A 272 43.56 21.37 -12.20
CA TYR A 272 42.24 20.86 -12.64
C TYR A 272 42.03 21.33 -14.07
N VAL A 273 41.70 20.40 -14.96
CA VAL A 273 41.39 20.70 -16.39
C VAL A 273 39.94 20.28 -16.68
N LYS A 274 39.15 21.18 -17.27
CA LYS A 274 37.83 20.87 -17.87
C LYS A 274 37.94 20.67 -19.39
N MET A 285 19.59 9.25 -16.53
CA MET A 285 18.65 8.20 -15.99
C MET A 285 17.43 7.99 -16.90
N VAL A 286 17.59 8.28 -18.19
CA VAL A 286 16.46 8.21 -19.16
C VAL A 286 16.23 6.72 -19.51
N PHE A 287 17.28 5.86 -19.62
CA PHE A 287 17.19 4.38 -19.88
C PHE A 287 16.39 3.73 -18.73
N VAL A 288 16.80 3.95 -17.49
CA VAL A 288 16.22 3.28 -16.30
C VAL A 288 14.74 3.70 -16.20
N ARG A 289 14.43 4.97 -16.37
CA ARG A 289 13.02 5.46 -16.28
C ARG A 289 12.17 4.84 -17.41
N SER A 290 12.69 4.79 -18.61
CA SER A 290 12.07 4.05 -19.74
C SER A 290 11.76 2.61 -19.37
N PHE A 291 12.75 1.86 -18.85
CA PHE A 291 12.60 0.45 -18.42
C PHE A 291 11.53 0.38 -17.32
N LEU A 292 11.49 1.34 -16.40
CA LEU A 292 10.55 1.26 -15.24
C LEU A 292 9.09 1.28 -15.71
N VAL A 293 8.77 1.95 -16.83
CA VAL A 293 7.40 1.91 -17.44
C VAL A 293 7.03 0.46 -17.78
N GLY A 294 7.96 -0.31 -18.34
CA GLY A 294 7.69 -1.74 -18.58
C GLY A 294 7.51 -2.51 -17.27
N GLU A 295 8.30 -2.19 -16.27
CA GLU A 295 8.20 -2.87 -14.95
C GLU A 295 6.85 -2.61 -14.32
N ALA A 296 6.39 -1.36 -14.37
CA ALA A 296 5.05 -1.04 -13.84
C ALA A 296 4.03 -1.90 -14.58
N ALA A 297 4.16 -2.02 -15.90
CA ALA A 297 3.16 -2.79 -16.68
C ALA A 297 3.17 -4.22 -16.16
N ARG A 298 4.36 -4.73 -15.98
CA ARG A 298 4.54 -6.15 -15.66
C ARG A 298 3.99 -6.37 -14.24
N ALA A 299 4.32 -5.49 -13.29
CA ALA A 299 3.93 -5.72 -11.87
C ALA A 299 2.37 -5.70 -11.83
N LEU A 300 1.73 -4.77 -12.51
CA LEU A 300 0.24 -4.64 -12.44
C LEU A 300 -0.36 -5.86 -13.19
N SER A 301 0.28 -6.32 -14.27
CA SER A 301 -0.21 -7.48 -15.03
C SER A 301 -0.16 -8.72 -14.13
N LYS A 302 0.97 -8.93 -13.41
CA LYS A 302 1.06 -10.08 -12.47
C LYS A 302 -0.07 -9.95 -11.43
N ALA A 303 -0.30 -8.76 -10.88
CA ALA A 303 -1.33 -8.62 -9.81
C ALA A 303 -2.71 -8.98 -10.40
N CYS A 304 -3.03 -8.51 -11.58
CA CYS A 304 -4.35 -8.74 -12.21
C CYS A 304 -4.50 -10.22 -12.56
N THR A 305 -3.41 -10.89 -12.89
CA THR A 305 -3.43 -12.34 -13.17
C THR A 305 -3.88 -13.09 -11.93
N ILE A 306 -3.28 -12.79 -10.77
CA ILE A 306 -3.57 -13.48 -9.52
C ILE A 306 -5.03 -13.21 -9.18
N ALA A 307 -5.38 -11.92 -9.11
CA ALA A 307 -6.71 -11.53 -8.60
C ALA A 307 -7.82 -12.10 -9.52
N ILE A 308 -7.67 -12.06 -10.85
CA ILE A 308 -8.73 -12.46 -11.83
C ILE A 308 -8.90 -14.00 -11.86
N ARG A 309 -7.82 -14.74 -11.87
CA ARG A 309 -7.87 -16.19 -11.67
C ARG A 309 -8.50 -16.50 -10.31
N TYR A 310 -8.02 -15.89 -9.22
CA TYR A 310 -8.54 -16.25 -7.88
C TYR A 310 -10.02 -15.87 -7.74
N SER A 311 -10.43 -14.78 -8.39
CA SER A 311 -11.86 -14.37 -8.40
C SER A 311 -12.72 -15.37 -9.27
N ALA A 312 -12.13 -16.15 -10.17
CA ALA A 312 -12.84 -17.17 -11.04
C ALA A 312 -12.83 -18.53 -10.34
N VAL A 313 -11.92 -18.70 -9.39
CA VAL A 313 -11.86 -19.94 -8.56
C VAL A 313 -12.76 -19.79 -7.35
N ARG A 314 -12.73 -18.65 -6.72
CA ARG A 314 -13.39 -18.42 -5.41
C ARG A 314 -14.89 -18.28 -5.65
N HIS A 315 -15.71 -19.03 -4.90
CA HIS A 315 -17.18 -18.87 -4.81
C HIS A 315 -17.53 -18.38 -3.41
N GLN A 316 -18.52 -17.52 -3.32
CA GLN A 316 -18.86 -16.83 -2.06
C GLN A 316 -20.15 -16.07 -2.26
N SER A 317 -21.00 -16.13 -1.23
CA SER A 317 -22.22 -15.32 -1.10
C SER A 317 -23.26 -15.79 -2.13
N GLU A 318 -24.34 -15.06 -2.27
CA GLU A 318 -25.49 -15.41 -3.13
C GLU A 318 -25.85 -14.21 -3.98
N ILE A 319 -26.26 -14.46 -5.21
CA ILE A 319 -27.09 -13.52 -5.99
C ILE A 319 -28.50 -14.06 -5.83
N LYS A 320 -28.86 -15.05 -6.66
CA LYS A 320 -30.21 -15.64 -6.65
C LYS A 320 -30.37 -16.46 -5.37
N PRO A 321 -31.45 -16.21 -4.60
CA PRO A 321 -31.70 -16.98 -3.37
C PRO A 321 -31.90 -18.46 -3.72
N GLY A 322 -31.34 -19.31 -2.84
CA GLY A 322 -31.37 -20.78 -2.96
C GLY A 322 -30.43 -21.34 -4.01
N GLU A 323 -29.92 -20.55 -4.97
CA GLU A 323 -28.94 -21.04 -5.99
C GLU A 323 -27.51 -21.14 -5.40
N PRO A 324 -26.62 -21.96 -5.98
CA PRO A 324 -25.23 -22.07 -5.48
C PRO A 324 -24.49 -20.73 -5.43
N GLU A 325 -23.58 -20.63 -4.47
CA GLU A 325 -22.63 -19.47 -4.33
C GLU A 325 -21.90 -19.31 -5.67
N PRO A 326 -22.02 -18.17 -6.37
CA PRO A 326 -21.31 -17.99 -7.64
C PRO A 326 -19.82 -17.64 -7.43
N GLN A 327 -19.05 -17.75 -8.51
CA GLN A 327 -17.68 -17.21 -8.59
C GLN A 327 -17.76 -15.71 -8.27
N ILE A 328 -16.87 -15.21 -7.42
CA ILE A 328 -16.95 -13.80 -6.96
C ILE A 328 -16.64 -12.79 -8.08
N LEU A 329 -16.04 -13.28 -9.18
CA LEU A 329 -15.95 -12.49 -10.43
C LEU A 329 -17.34 -12.21 -10.98
N ASP A 330 -18.39 -12.88 -10.52
CA ASP A 330 -19.76 -12.59 -11.13
C ASP A 330 -20.32 -11.36 -10.45
N PHE A 331 -19.74 -10.85 -9.34
CA PHE A 331 -20.27 -9.61 -8.71
C PHE A 331 -19.73 -8.36 -9.44
N GLN A 332 -20.61 -7.42 -9.78
CA GLN A 332 -20.23 -6.21 -10.51
C GLN A 332 -19.18 -5.45 -9.72
N THR A 333 -19.29 -5.36 -8.37
CA THR A 333 -18.29 -4.65 -7.57
C THR A 333 -16.92 -5.32 -7.82
N GLN A 334 -16.87 -6.63 -8.03
CA GLN A 334 -15.57 -7.35 -8.20
C GLN A 334 -15.02 -7.08 -9.59
N GLN A 335 -15.90 -7.07 -10.61
CA GLN A 335 -15.55 -6.71 -12.00
C GLN A 335 -15.04 -5.26 -12.01
N TYR A 336 -15.69 -4.37 -11.26
CA TYR A 336 -15.25 -2.96 -11.23
C TYR A 336 -13.88 -2.83 -10.54
N LYS A 337 -13.60 -3.62 -9.52
CA LYS A 337 -12.25 -3.55 -8.88
C LYS A 337 -11.17 -3.97 -9.88
N LEU A 338 -11.45 -4.96 -10.71
CA LEU A 338 -10.37 -5.70 -11.42
C LEU A 338 -10.32 -5.42 -12.93
N PHE A 339 -11.43 -5.25 -13.65
CA PHE A 339 -11.36 -5.11 -15.15
C PHE A 339 -10.76 -3.73 -15.54
N PRO A 340 -11.01 -2.61 -14.80
CA PRO A 340 -10.31 -1.35 -15.07
C PRO A 340 -8.80 -1.51 -14.92
N LEU A 341 -8.39 -2.33 -13.98
CA LEU A 341 -6.92 -2.53 -13.76
C LEU A 341 -6.35 -3.42 -14.85
N LEU A 342 -7.12 -4.41 -15.32
CA LEU A 342 -6.68 -5.29 -16.42
C LEU A 342 -6.47 -4.46 -17.69
N ALA A 343 -7.38 -3.56 -17.97
CA ALA A 343 -7.36 -2.60 -19.08
C ALA A 343 -6.14 -1.67 -18.95
N THR A 344 -5.88 -1.18 -17.73
CA THR A 344 -4.69 -0.34 -17.47
C THR A 344 -3.46 -1.20 -17.79
N ALA A 345 -3.45 -2.45 -17.33
CA ALA A 345 -2.20 -3.25 -17.45
C ALA A 345 -1.85 -3.38 -18.94
N TYR A 346 -2.87 -3.62 -19.74
CA TYR A 346 -2.71 -3.72 -21.23
C TYR A 346 -2.27 -2.34 -21.76
N ALA A 347 -2.93 -1.30 -21.31
CA ALA A 347 -2.52 0.07 -21.67
C ALA A 347 -1.02 0.28 -21.40
N PHE A 348 -0.54 -0.11 -20.23
CA PHE A 348 0.87 0.13 -19.83
C PHE A 348 1.80 -0.82 -20.54
N GLN A 349 1.34 -2.02 -20.90
CA GLN A 349 2.14 -2.95 -21.78
C GLN A 349 2.49 -2.17 -23.06
N PHE A 350 1.48 -1.60 -23.73
CA PHE A 350 1.67 -0.95 -25.04
C PHE A 350 2.48 0.34 -24.89
N VAL A 351 2.32 1.04 -23.77
CA VAL A 351 3.12 2.27 -23.51
C VAL A 351 4.58 1.84 -23.36
N GLY A 352 4.79 0.79 -22.57
CA GLY A 352 6.13 0.24 -22.26
C GLY A 352 6.87 -0.07 -23.54
N ALA A 353 6.16 -0.67 -24.49
CA ALA A 353 6.78 -1.17 -25.72
C ALA A 353 7.08 0.10 -26.52
N TYR A 354 6.14 1.05 -26.58
CA TYR A 354 6.40 2.33 -27.28
C TYR A 354 7.60 3.04 -26.62
N MET A 355 7.66 3.18 -25.31
CA MET A 355 8.85 3.81 -24.71
C MET A 355 10.13 3.06 -25.08
N LYS A 356 10.12 1.74 -25.08
CA LYS A 356 11.35 0.98 -25.40
C LYS A 356 11.76 1.23 -26.87
N GLU A 357 10.82 1.20 -27.81
CA GLU A 357 11.09 1.40 -29.26
C GLU A 357 11.71 2.79 -29.45
N THR A 358 11.06 3.81 -28.91
CA THR A 358 11.42 5.25 -28.90
C THR A 358 12.82 5.48 -28.31
N TYR A 359 13.00 5.17 -27.02
CA TYR A 359 14.31 5.22 -26.34
C TYR A 359 15.38 4.59 -27.23
N HIS A 360 15.16 3.40 -27.81
CA HIS A 360 16.13 2.70 -28.69
C HIS A 360 16.49 3.59 -29.90
N ARG A 361 15.49 4.16 -30.60
CA ARG A 361 15.69 5.01 -31.83
C ARG A 361 16.48 6.27 -31.43
N ILE A 362 15.88 7.13 -30.59
CA ILE A 362 16.47 8.40 -30.08
C ILE A 362 17.93 8.23 -29.61
N ASN A 363 18.31 7.17 -28.90
CA ASN A 363 19.74 6.79 -28.66
C ASN A 363 20.61 6.81 -29.94
N LEU A 371 19.14 16.02 -32.07
CA LEU A 371 19.09 16.21 -30.58
C LEU A 371 17.87 17.03 -30.15
N SER A 372 17.03 17.54 -31.07
CA SER A 372 15.70 18.16 -30.78
C SER A 372 14.78 17.10 -30.16
N GLU A 373 15.36 15.97 -29.70
CA GLU A 373 14.62 14.80 -29.13
C GLU A 373 14.97 14.63 -27.65
N LEU A 374 16.25 14.74 -27.24
CA LEU A 374 16.67 14.66 -25.80
C LEU A 374 15.64 15.31 -24.87
N PRO A 375 15.16 16.56 -25.06
CA PRO A 375 14.26 17.19 -24.09
C PRO A 375 12.88 16.56 -24.05
N GLU A 376 12.30 16.21 -25.21
CA GLU A 376 10.96 15.56 -25.25
C GLU A 376 11.07 14.16 -24.64
N LEU A 377 12.19 13.46 -24.85
CA LEU A 377 12.41 12.10 -24.34
C LEU A 377 12.53 12.20 -22.81
N HIS A 378 13.36 13.09 -22.28
CA HIS A 378 13.56 13.27 -20.82
C HIS A 378 12.19 13.57 -20.16
N ALA A 379 11.40 14.50 -20.70
CA ALA A 379 10.09 14.91 -20.12
C ALA A 379 9.14 13.72 -20.18
N LEU A 380 9.12 13.02 -21.30
CA LEU A 380 8.17 11.90 -21.52
C LEU A 380 8.54 10.75 -20.58
N THR A 381 9.81 10.33 -20.53
CA THR A 381 10.24 9.19 -19.71
C THR A 381 9.99 9.52 -18.24
N ALA A 382 10.27 10.75 -17.82
CA ALA A 382 10.09 11.19 -16.43
C ALA A 382 8.59 11.07 -16.10
N GLY A 383 7.70 11.64 -16.93
CA GLY A 383 6.25 11.71 -16.68
C GLY A 383 5.63 10.32 -16.69
N LEU A 384 5.93 9.49 -17.66
CA LEU A 384 5.34 8.15 -17.76
C LEU A 384 5.90 7.22 -16.66
N LYS A 385 7.15 7.37 -16.29
CA LYS A 385 7.73 6.64 -15.15
C LYS A 385 6.92 7.01 -13.93
N ALA A 386 6.62 8.28 -13.68
CA ALA A 386 5.85 8.62 -12.47
C ALA A 386 4.42 8.08 -12.59
N PHE A 387 3.79 8.32 -13.72
CA PHE A 387 2.34 8.04 -13.94
C PHE A 387 2.07 6.55 -13.85
N THR A 388 2.89 5.76 -14.53
CA THR A 388 2.69 4.30 -14.57
C THR A 388 3.10 3.69 -13.18
N SER A 389 4.17 4.14 -12.53
CA SER A 389 4.57 3.55 -11.21
C SER A 389 3.49 3.88 -10.17
N TRP A 390 3.02 5.12 -10.11
CA TRP A 390 1.97 5.46 -9.13
C TRP A 390 0.69 4.68 -9.39
N THR A 391 0.25 4.58 -10.63
CA THR A 391 -0.98 3.83 -10.99
C THR A 391 -0.77 2.34 -10.59
N ALA A 392 0.33 1.72 -10.98
CA ALA A 392 0.51 0.27 -10.81
C ALA A 392 0.57 0.03 -9.32
N ASN A 393 1.19 0.95 -8.56
CA ASN A 393 1.33 0.81 -7.11
C ASN A 393 -0.07 0.65 -6.48
N THR A 394 -0.95 1.58 -6.76
CA THR A 394 -2.33 1.58 -6.26
C THR A 394 -3.05 0.33 -6.77
N GLY A 395 -2.89 -0.05 -8.04
CA GLY A 395 -3.59 -1.20 -8.58
C GLY A 395 -3.17 -2.50 -7.91
N ILE A 396 -1.92 -2.64 -7.46
CA ILE A 396 -1.47 -3.94 -6.87
C ILE A 396 -2.21 -4.17 -5.55
N GLU A 397 -2.36 -3.14 -4.73
CA GLU A 397 -3.04 -3.26 -3.42
C GLU A 397 -4.54 -3.48 -3.65
N ALA A 398 -5.09 -2.86 -4.68
CA ALA A 398 -6.50 -3.09 -5.01
C ALA A 398 -6.68 -4.57 -5.37
N CYS A 399 -5.75 -5.13 -6.15
CA CYS A 399 -5.81 -6.56 -6.51
C CYS A 399 -5.74 -7.40 -5.22
N ARG A 400 -4.88 -7.00 -4.29
CA ARG A 400 -4.74 -7.81 -3.06
C ARG A 400 -6.03 -7.75 -2.27
N MET A 401 -6.61 -6.58 -2.11
CA MET A 401 -7.86 -6.39 -1.33
C MET A 401 -8.98 -7.15 -2.01
N ALA A 402 -9.00 -7.17 -3.35
CA ALA A 402 -10.00 -7.94 -4.13
C ALA A 402 -9.97 -9.44 -3.78
N CYS A 403 -8.85 -9.97 -3.32
CA CYS A 403 -8.70 -11.38 -2.96
C CYS A 403 -9.23 -11.63 -1.52
N GLY A 404 -9.75 -10.63 -0.80
CA GLY A 404 -10.24 -10.84 0.58
C GLY A 404 -9.13 -11.36 1.51
N GLY A 405 -9.50 -12.13 2.50
CA GLY A 405 -8.59 -12.51 3.60
C GLY A 405 -7.35 -13.19 3.05
N HIS A 406 -7.49 -14.11 2.12
CA HIS A 406 -6.35 -14.90 1.57
C HIS A 406 -5.41 -14.03 0.74
N GLY A 407 -5.87 -12.88 0.29
CA GLY A 407 -5.02 -11.83 -0.28
C GLY A 407 -3.95 -11.36 0.70
N TYR A 408 -4.26 -11.24 1.98
CA TYR A 408 -3.35 -10.63 3.01
C TYR A 408 -2.23 -11.62 3.33
N SER A 409 -2.45 -12.89 3.11
CA SER A 409 -1.41 -13.91 3.37
C SER A 409 -0.42 -13.83 2.20
N HIS A 410 0.80 -14.23 2.44
CA HIS A 410 1.82 -14.38 1.41
C HIS A 410 1.47 -15.54 0.45
N CYS A 411 0.50 -16.37 0.74
CA CYS A 411 -0.02 -17.35 -0.25
C CYS A 411 -0.53 -16.61 -1.50
N SER A 412 -0.88 -15.33 -1.43
CA SER A 412 -1.42 -14.61 -2.60
C SER A 412 -0.30 -14.24 -3.58
N GLY A 413 0.90 -14.02 -3.08
CA GLY A 413 2.01 -13.43 -3.85
C GLY A 413 1.88 -11.92 -3.97
N LEU A 414 0.74 -11.31 -3.57
CA LEU A 414 0.54 -9.88 -3.90
C LEU A 414 1.34 -8.99 -2.94
N PRO A 415 1.45 -9.27 -1.62
CA PRO A 415 2.31 -8.44 -0.76
C PRO A 415 3.75 -8.32 -1.26
N ASN A 416 4.35 -9.41 -1.75
CA ASN A 416 5.76 -9.36 -2.22
C ASN A 416 5.83 -8.58 -3.56
N ILE A 417 4.86 -8.76 -4.43
CA ILE A 417 4.84 -7.93 -5.66
C ILE A 417 4.79 -6.46 -5.25
N TYR A 418 3.98 -6.12 -4.25
CA TYR A 418 3.79 -4.70 -3.91
C TYR A 418 5.08 -4.14 -3.26
N VAL A 419 5.63 -4.79 -2.22
CA VAL A 419 6.79 -4.18 -1.47
C VAL A 419 8.02 -4.11 -2.37
N ASN A 420 8.14 -4.95 -3.40
CA ASN A 420 9.34 -4.90 -4.27
C ASN A 420 9.09 -4.01 -5.47
N PHE A 421 7.85 -3.71 -5.77
CA PHE A 421 7.55 -2.69 -6.81
C PHE A 421 7.52 -1.27 -6.24
N THR A 422 6.88 -1.01 -5.10
CA THR A 422 6.57 0.34 -4.57
C THR A 422 7.78 1.29 -4.52
N PRO A 423 9.04 0.86 -4.25
CA PRO A 423 10.14 1.80 -4.20
C PRO A 423 10.34 2.47 -5.55
N SER A 424 9.88 1.88 -6.65
CA SER A 424 9.94 2.54 -7.97
C SER A 424 9.29 3.93 -7.95
N CYS A 425 8.34 4.20 -7.04
CA CYS A 425 7.65 5.51 -6.95
C CYS A 425 8.60 6.51 -6.28
N THR A 426 9.64 6.04 -5.63
CA THR A 426 10.44 6.88 -4.71
C THR A 426 11.83 7.06 -5.28
N PHE A 427 12.48 5.97 -5.68
CA PHE A 427 13.86 5.95 -6.20
C PHE A 427 13.83 6.16 -7.72
N GLU A 428 15.02 6.39 -8.29
CA GLU A 428 15.25 6.62 -9.75
C GLU A 428 14.43 7.85 -10.17
N GLY A 429 14.39 8.85 -9.31
CA GLY A 429 13.65 10.10 -9.49
C GLY A 429 12.32 10.05 -8.78
N GLU A 430 12.19 10.77 -7.66
CA GLU A 430 10.96 10.82 -6.87
C GLU A 430 9.81 11.27 -7.77
N ASN A 431 8.67 10.56 -7.76
CA ASN A 431 7.63 10.78 -8.80
C ASN A 431 7.13 12.24 -8.85
N THR A 432 7.08 12.96 -7.74
CA THR A 432 6.58 14.36 -7.79
C THR A 432 7.63 15.24 -8.51
N VAL A 433 8.92 15.01 -8.23
CA VAL A 433 10.01 15.69 -8.96
C VAL A 433 9.93 15.33 -10.47
N MET A 434 9.63 14.07 -10.81
CA MET A 434 9.53 13.64 -12.24
C MET A 434 8.39 14.46 -12.84
N MET A 435 7.23 14.50 -12.19
CA MET A 435 6.08 15.18 -12.83
C MET A 435 6.43 16.67 -13.05
N LEU A 436 7.27 17.21 -12.19
CA LEU A 436 7.62 18.64 -12.28
C LEU A 436 8.62 18.82 -13.40
N GLN A 437 9.45 17.83 -13.72
CA GLN A 437 10.30 17.89 -14.94
C GLN A 437 9.43 17.89 -16.20
N THR A 438 8.39 17.06 -16.25
CA THR A 438 7.41 17.04 -17.35
C THR A 438 6.77 18.42 -17.43
N ALA A 439 6.43 19.02 -16.28
CA ALA A 439 5.74 20.33 -16.29
C ALA A 439 6.66 21.44 -16.84
N ARG A 440 7.94 21.38 -16.53
CA ARG A 440 8.90 22.36 -17.09
C ARG A 440 8.80 22.33 -18.61
N PHE A 441 8.79 21.14 -19.20
CA PHE A 441 8.68 21.00 -20.68
C PHE A 441 7.32 21.49 -21.16
N LEU A 442 6.25 21.16 -20.42
CA LEU A 442 4.92 21.57 -20.91
C LEU A 442 4.87 23.10 -20.87
N MET A 443 5.47 23.76 -19.88
CA MET A 443 5.40 25.23 -19.77
C MET A 443 6.23 25.79 -20.94
N LYS A 444 7.40 25.22 -21.16
CA LYS A 444 8.34 25.75 -22.14
C LYS A 444 7.62 25.62 -23.51
N SER A 445 6.93 24.50 -23.76
CA SER A 445 6.18 24.26 -24.98
C SER A 445 5.07 25.28 -25.13
N TYR A 446 4.35 25.54 -24.05
CA TYR A 446 3.24 26.52 -23.99
C TYR A 446 3.79 27.91 -24.38
N ASP A 447 4.93 28.30 -23.81
CA ASP A 447 5.52 29.64 -24.04
C ASP A 447 6.00 29.72 -25.50
N GLN A 448 6.61 28.66 -26.03
CA GLN A 448 7.04 28.61 -27.45
C GLN A 448 5.84 28.86 -28.37
N VAL A 449 4.74 28.14 -28.19
CA VAL A 449 3.49 28.32 -28.97
C VAL A 449 3.03 29.80 -28.80
N HIS A 450 2.91 30.36 -27.59
CA HIS A 450 2.44 31.77 -27.41
C HIS A 450 3.43 32.79 -27.97
N SER A 451 4.68 32.41 -28.21
CA SER A 451 5.68 33.30 -28.86
C SER A 451 5.83 33.01 -30.38
N GLY A 452 4.89 32.27 -30.99
CA GLY A 452 4.81 32.05 -32.46
C GLY A 452 5.67 30.90 -32.97
N LYS A 453 6.15 29.99 -32.11
CA LYS A 453 6.99 28.85 -32.61
C LYS A 453 6.09 27.65 -32.71
N LEU A 454 6.50 26.73 -33.55
CA LEU A 454 5.85 25.41 -33.72
C LEU A 454 6.40 24.43 -32.68
N VAL A 455 5.52 23.62 -32.08
CA VAL A 455 5.99 22.53 -31.17
C VAL A 455 5.61 21.20 -31.80
N CSO A 456 6.42 20.17 -31.59
CA CSO A 456 6.20 18.85 -32.21
CB CSO A 456 7.29 18.61 -33.23
SG CSO A 456 7.26 19.70 -34.68
C CSO A 456 6.15 17.76 -31.14
O CSO A 456 6.19 18.18 -29.94
OD CSO A 456 5.84 19.46 -35.48
N GLY A 457 5.90 16.52 -31.59
CA GLY A 457 5.89 15.41 -30.62
C GLY A 457 4.60 15.31 -29.84
N MET A 458 4.69 14.84 -28.58
CA MET A 458 3.46 14.61 -27.77
C MET A 458 2.81 15.95 -27.34
N VAL A 459 3.48 17.10 -27.47
CA VAL A 459 2.88 18.44 -27.16
C VAL A 459 2.25 19.15 -28.40
N SER A 460 2.14 18.49 -29.55
CA SER A 460 1.68 19.21 -30.78
C SER A 460 0.27 19.77 -30.53
N TYR A 461 -0.46 19.18 -29.60
CA TYR A 461 -1.85 19.63 -29.31
C TYR A 461 -1.80 21.06 -28.82
N LEU A 462 -0.66 21.54 -28.32
CA LEU A 462 -0.62 22.93 -27.82
C LEU A 462 -0.66 23.94 -28.97
N ASN A 463 -0.25 23.58 -30.18
CA ASN A 463 -0.26 24.50 -31.37
C ASN A 463 -1.71 24.96 -31.61
N ASP A 464 -2.68 24.11 -31.31
CA ASP A 464 -4.11 24.35 -31.64
C ASP A 464 -4.90 24.84 -30.41
N LEU A 465 -4.24 25.39 -29.38
CA LEU A 465 -5.01 26.05 -28.28
C LEU A 465 -5.90 27.14 -28.90
N PRO A 466 -7.23 27.15 -28.62
CA PRO A 466 -8.12 28.21 -29.12
C PRO A 466 -7.52 29.61 -28.88
N SER A 467 -6.89 29.82 -27.71
CA SER A 467 -6.21 31.10 -27.31
C SER A 467 -5.01 31.43 -28.24
N GLN A 468 -4.30 30.43 -28.79
CA GLN A 468 -3.14 30.61 -29.71
C GLN A 468 -3.42 29.82 -31.00
N PRO A 479 -18.94 23.08 -30.21
CA PRO A 479 -18.66 22.75 -31.62
C PRO A 479 -17.54 21.71 -31.79
N THR A 480 -17.87 20.47 -31.37
CA THR A 480 -17.02 19.27 -31.13
C THR A 480 -17.78 18.42 -30.11
N MET A 481 -18.12 17.17 -30.47
CA MET A 481 -19.08 16.29 -29.74
C MET A 481 -18.43 14.90 -29.62
N VAL A 482 -18.35 14.29 -28.42
CA VAL A 482 -17.55 13.07 -28.13
C VAL A 482 -18.41 11.82 -28.41
N ASP A 483 -17.85 10.84 -29.11
CA ASP A 483 -18.42 9.51 -29.40
C ASP A 483 -17.72 8.42 -28.55
N ILE A 484 -18.42 7.89 -27.55
CA ILE A 484 -17.83 7.07 -26.45
C ILE A 484 -17.54 5.64 -26.95
N ASN A 485 -17.86 5.27 -28.19
CA ASN A 485 -17.45 3.97 -28.81
C ASN A 485 -16.27 4.13 -29.77
N SER A 486 -15.76 5.35 -29.90
CA SER A 486 -14.59 5.66 -30.78
C SER A 486 -13.31 5.97 -29.98
N PRO A 487 -12.27 5.09 -29.99
CA PRO A 487 -11.00 5.36 -29.32
C PRO A 487 -10.40 6.68 -29.80
N GLU A 488 -10.60 7.03 -31.08
CA GLU A 488 -10.07 8.31 -31.62
C GLU A 488 -10.78 9.48 -30.93
N SER A 489 -12.10 9.42 -30.77
CA SER A 489 -12.87 10.55 -30.18
C SER A 489 -12.50 10.63 -28.69
N LEU A 490 -12.18 9.50 -28.06
CA LEU A 490 -11.85 9.53 -26.62
C LEU A 490 -10.47 10.14 -26.45
N THR A 491 -9.58 9.84 -27.38
CA THR A 491 -8.20 10.39 -27.39
C THR A 491 -8.33 11.93 -27.42
N GLU A 492 -9.14 12.42 -28.35
CA GLU A 492 -9.50 13.85 -28.50
C GLU A 492 -10.02 14.44 -27.18
N ALA A 493 -10.97 13.81 -26.50
CA ALA A 493 -11.45 14.27 -25.17
C ALA A 493 -10.27 14.43 -24.20
N TYR A 494 -9.46 13.39 -24.07
CA TYR A 494 -8.27 13.38 -23.15
C TYR A 494 -7.24 14.45 -23.53
N LYS A 495 -7.15 14.77 -24.82
CA LYS A 495 -6.22 15.81 -25.32
C LYS A 495 -6.71 17.19 -24.85
N LEU A 496 -8.02 17.40 -24.90
CA LEU A 496 -8.59 18.71 -24.51
C LEU A 496 -8.52 18.86 -22.99
N ARG A 497 -8.67 17.77 -22.25
CA ARG A 497 -8.52 17.82 -20.78
C ARG A 497 -7.09 18.24 -20.46
N ALA A 498 -6.13 17.63 -21.15
CA ALA A 498 -4.73 17.98 -20.92
C ALA A 498 -4.49 19.44 -21.34
N ALA A 499 -4.91 19.84 -22.53
CA ALA A 499 -4.79 21.24 -23.01
C ALA A 499 -5.33 22.19 -21.94
N ARG A 500 -6.51 21.92 -21.40
CA ARG A 500 -7.14 22.86 -20.43
C ARG A 500 -6.28 22.95 -19.16
N LEU A 501 -5.78 21.83 -18.62
CA LEU A 501 -4.98 21.81 -17.37
C LEU A 501 -3.58 22.43 -17.62
N VAL A 502 -3.01 22.29 -18.83
CA VAL A 502 -1.72 22.96 -19.15
C VAL A 502 -1.91 24.48 -19.11
N GLU A 503 -2.96 24.95 -19.74
CA GLU A 503 -3.29 26.39 -19.81
C GLU A 503 -3.48 26.88 -18.39
N ILE A 504 -4.26 26.18 -17.57
CA ILE A 504 -4.53 26.63 -16.17
C ILE A 504 -3.22 26.71 -15.39
N ALA A 505 -2.30 25.75 -15.57
CA ALA A 505 -1.02 25.81 -14.85
C ALA A 505 -0.25 27.07 -15.34
N ALA A 506 -0.10 27.24 -16.66
CA ALA A 506 0.70 28.35 -17.24
C ALA A 506 0.15 29.70 -16.72
N LYS A 507 -1.18 29.87 -16.66
CA LYS A 507 -1.76 31.20 -16.28
C LYS A 507 -1.61 31.39 -14.77
N ASN A 508 -1.70 30.31 -14.00
CA ASN A 508 -1.57 30.42 -12.52
C ASN A 508 -0.09 30.69 -12.24
N LEU A 509 0.81 30.09 -13.01
CA LEU A 509 2.24 30.39 -12.80
C LEU A 509 2.53 31.88 -13.09
N GLN A 510 2.06 32.40 -14.24
CA GLN A 510 2.19 33.82 -14.66
C GLN A 510 1.65 34.73 -13.57
N LYS A 511 0.43 34.46 -13.07
CA LYS A 511 -0.22 35.25 -11.99
C LYS A 511 0.70 35.24 -10.76
N GLU A 512 1.29 34.11 -10.36
CA GLU A 512 2.15 34.06 -9.14
C GLU A 512 3.43 34.84 -9.41
N VAL A 513 3.98 34.76 -10.63
CA VAL A 513 5.20 35.58 -10.93
C VAL A 513 4.86 37.08 -10.74
N ILE A 514 3.75 37.60 -11.28
CA ILE A 514 3.53 39.07 -11.20
C ILE A 514 3.22 39.44 -9.73
N HIS A 515 2.64 38.58 -8.90
CA HIS A 515 2.39 38.95 -7.47
C HIS A 515 3.65 38.84 -6.61
N ARG A 516 4.49 37.84 -6.82
CA ARG A 516 5.56 37.49 -5.85
C ARG A 516 6.94 37.82 -6.38
N LYS A 517 7.09 38.18 -7.68
CA LYS A 517 8.35 38.79 -8.21
C LYS A 517 9.52 37.83 -7.93
N SER A 518 9.30 36.53 -8.06
CA SER A 518 10.32 35.46 -7.93
C SER A 518 9.77 34.25 -8.68
N LYS A 519 10.48 33.83 -9.70
CA LYS A 519 10.11 32.69 -10.58
C LYS A 519 9.98 31.41 -9.75
N GLU A 520 10.89 31.27 -8.78
CA GLU A 520 11.12 30.00 -8.03
C GLU A 520 9.99 29.88 -7.05
N VAL A 521 9.67 30.98 -6.40
CA VAL A 521 8.52 31.04 -5.46
C VAL A 521 7.25 30.75 -6.25
N ALA A 522 7.05 31.41 -7.39
CA ALA A 522 5.83 31.22 -8.21
C ALA A 522 5.71 29.73 -8.58
N TRP A 523 6.83 29.14 -8.99
CA TRP A 523 6.90 27.72 -9.37
C TRP A 523 6.45 26.83 -8.18
N ASN A 524 7.02 27.03 -7.00
CA ASN A 524 6.58 26.32 -5.77
C ASN A 524 5.07 26.45 -5.55
N LEU A 525 4.53 27.65 -5.60
CA LEU A 525 3.09 27.91 -5.33
C LEU A 525 2.19 27.51 -6.48
N THR A 526 2.71 26.97 -7.58
CA THR A 526 1.89 26.47 -8.72
C THR A 526 2.15 24.96 -8.86
N SER A 527 3.04 24.41 -8.05
CA SER A 527 3.54 23.02 -8.19
C SER A 527 2.36 22.02 -8.22
N VAL A 528 1.29 22.23 -7.46
CA VAL A 528 0.15 21.29 -7.46
C VAL A 528 -0.52 21.34 -8.83
N ASP A 529 -0.79 22.52 -9.39
CA ASP A 529 -1.39 22.64 -10.75
C ASP A 529 -0.47 22.07 -11.85
N LEU A 530 0.81 22.31 -11.71
CA LEU A 530 1.84 21.82 -12.66
C LEU A 530 1.83 20.30 -12.71
N VAL A 531 1.83 19.65 -11.55
CA VAL A 531 1.76 18.19 -11.47
C VAL A 531 0.42 17.73 -12.02
N ARG A 532 -0.70 18.40 -11.74
CA ARG A 532 -2.00 18.01 -12.36
C ARG A 532 -1.88 18.06 -13.89
N ALA A 533 -1.20 19.09 -14.42
CA ALA A 533 -1.13 19.21 -15.89
C ALA A 533 -0.31 18.05 -16.44
N SER A 534 0.84 17.70 -15.82
CA SER A 534 1.69 16.57 -16.26
C SER A 534 0.91 15.24 -16.21
N GLU A 535 0.15 15.08 -15.14
CA GLU A 535 -0.67 13.88 -14.97
C GLU A 535 -1.65 13.78 -16.13
N ALA A 536 -2.46 14.81 -16.38
CA ALA A 536 -3.48 14.75 -17.44
C ALA A 536 -2.79 14.55 -18.81
N HIS A 537 -1.60 15.15 -18.99
CA HIS A 537 -0.81 15.01 -20.24
C HIS A 537 -0.43 13.54 -20.43
N CYS A 538 0.08 12.91 -19.38
CA CYS A 538 0.57 11.51 -19.44
C CYS A 538 -0.61 10.57 -19.68
N HIS A 539 -1.72 10.82 -18.99
CA HIS A 539 -2.98 10.08 -19.16
C HIS A 539 -3.36 10.12 -20.65
N TYR A 540 -3.26 11.28 -21.25
CA TYR A 540 -3.62 11.46 -22.68
C TYR A 540 -2.67 10.65 -23.54
N VAL A 541 -1.37 10.69 -23.21
CA VAL A 541 -0.37 9.90 -23.98
C VAL A 541 -0.76 8.40 -23.88
N VAL A 542 -1.10 7.90 -22.71
CA VAL A 542 -1.42 6.46 -22.54
C VAL A 542 -2.66 6.11 -23.38
N VAL A 543 -3.73 6.90 -23.31
CA VAL A 543 -4.95 6.67 -24.12
C VAL A 543 -4.63 6.66 -25.63
N LYS A 544 -3.87 7.65 -26.06
CA LYS A 544 -3.48 7.87 -27.48
C LYS A 544 -2.71 6.64 -27.94
N LEU A 545 -1.77 6.19 -27.11
CA LEU A 545 -0.92 5.07 -27.58
C LEU A 545 -1.73 3.78 -27.62
N PHE A 546 -2.66 3.57 -26.69
CA PHE A 546 -3.47 2.32 -26.67
C PHE A 546 -4.39 2.34 -27.91
N SER A 547 -4.97 3.50 -28.19
CA SER A 547 -5.91 3.73 -29.34
C SER A 547 -5.19 3.43 -30.66
N GLU A 548 -3.97 3.94 -30.85
CA GLU A 548 -3.18 3.74 -32.07
C GLU A 548 -2.73 2.29 -32.17
N LYS A 549 -2.50 1.62 -31.05
CA LYS A 549 -2.03 0.22 -31.14
C LYS A 549 -3.15 -0.68 -31.68
N LEU A 550 -4.41 -0.36 -31.37
CA LEU A 550 -5.57 -1.12 -31.87
C LEU A 550 -5.51 -1.28 -33.41
N LEU A 551 -5.08 -0.26 -34.12
CA LEU A 551 -5.11 -0.24 -35.61
C LEU A 551 -4.02 -1.15 -36.15
N LYS A 552 -3.09 -1.66 -35.33
CA LYS A 552 -1.95 -2.49 -35.86
C LYS A 552 -2.23 -3.95 -35.55
N ILE A 553 -3.38 -4.25 -34.96
CA ILE A 553 -3.65 -5.67 -34.55
C ILE A 553 -4.31 -6.44 -35.72
N GLN A 554 -3.62 -7.43 -36.27
CA GLN A 554 -4.02 -8.18 -37.49
C GLN A 554 -5.14 -9.16 -37.14
N ASP A 555 -5.00 -9.90 -36.04
CA ASP A 555 -6.04 -10.83 -35.58
C ASP A 555 -7.27 -9.99 -35.22
N LYS A 556 -8.44 -10.29 -35.82
CA LYS A 556 -9.68 -9.50 -35.59
C LYS A 556 -10.22 -9.73 -34.18
N ALA A 557 -10.17 -10.95 -33.67
CA ALA A 557 -10.85 -11.26 -32.39
C ALA A 557 -10.05 -10.55 -31.27
N ILE A 558 -8.74 -10.60 -31.37
CA ILE A 558 -7.81 -9.95 -30.44
C ILE A 558 -8.04 -8.44 -30.53
N GLN A 559 -8.19 -7.92 -31.74
CA GLN A 559 -8.38 -6.46 -31.92
C GLN A 559 -9.68 -6.09 -31.24
N ALA A 560 -10.71 -6.92 -31.34
CA ALA A 560 -12.01 -6.58 -30.71
C ALA A 560 -11.87 -6.58 -29.16
N VAL A 561 -11.19 -7.55 -28.55
CA VAL A 561 -11.18 -7.65 -27.07
C VAL A 561 -10.25 -6.53 -26.55
N LEU A 562 -9.14 -6.23 -27.23
CA LEU A 562 -8.24 -5.09 -26.91
C LEU A 562 -9.02 -3.80 -27.04
N ARG A 563 -9.97 -3.72 -27.95
CA ARG A 563 -10.70 -2.44 -28.14
C ARG A 563 -11.61 -2.26 -26.92
N SER A 564 -12.28 -3.32 -26.51
CA SER A 564 -13.13 -3.30 -25.30
C SER A 564 -12.28 -2.79 -24.11
N LEU A 565 -11.05 -3.28 -23.97
CA LEU A 565 -10.17 -2.87 -22.89
C LEU A 565 -9.79 -1.40 -23.08
N CYS A 566 -9.46 -0.96 -24.30
CA CYS A 566 -9.06 0.45 -24.59
C CYS A 566 -10.22 1.38 -24.22
N LEU A 567 -11.44 0.98 -24.61
CA LEU A 567 -12.67 1.75 -24.32
C LEU A 567 -12.89 1.75 -22.81
N LEU A 568 -12.70 0.62 -22.11
CA LEU A 568 -12.92 0.55 -20.65
C LEU A 568 -11.89 1.47 -19.97
N TYR A 569 -10.61 1.39 -20.39
CA TYR A 569 -9.54 2.25 -19.83
C TYR A 569 -9.95 3.74 -19.90
N SER A 570 -10.36 4.14 -21.08
CA SER A 570 -10.63 5.54 -21.47
C SER A 570 -11.84 6.06 -20.72
N LEU A 571 -12.92 5.24 -20.68
CA LEU A 571 -14.24 5.63 -20.10
C LEU A 571 -14.15 5.60 -18.58
N TYR A 572 -13.39 4.62 -18.04
CA TYR A 572 -13.14 4.53 -16.58
C TYR A 572 -12.46 5.84 -16.17
N GLY A 573 -11.40 6.27 -16.88
CA GLY A 573 -10.65 7.49 -16.49
C GLY A 573 -11.56 8.72 -16.59
N ILE A 574 -12.55 8.70 -17.50
CA ILE A 574 -13.49 9.85 -17.59
C ILE A 574 -14.38 9.77 -16.35
N SER A 575 -14.90 8.58 -16.09
CA SER A 575 -15.83 8.36 -14.98
C SER A 575 -15.16 8.78 -13.68
N GLN A 576 -13.86 8.54 -13.58
CA GLN A 576 -13.08 8.76 -12.33
C GLN A 576 -12.60 10.21 -12.29
N ASN A 577 -12.69 10.98 -13.36
CA ASN A 577 -12.17 12.38 -13.37
C ASN A 577 -13.21 13.29 -14.03
N ALA A 578 -14.48 13.01 -13.78
CA ALA A 578 -15.62 13.60 -14.53
C ALA A 578 -15.50 15.12 -14.53
N GLY A 579 -15.19 15.78 -13.42
CA GLY A 579 -15.03 17.24 -13.37
C GLY A 579 -14.03 17.81 -14.37
N ASP A 580 -12.99 17.04 -14.74
CA ASP A 580 -11.95 17.47 -15.69
C ASP A 580 -12.52 17.49 -17.11
N PHE A 581 -13.61 16.76 -17.35
CA PHE A 581 -14.25 16.69 -18.69
C PHE A 581 -15.51 17.58 -18.74
N LEU A 582 -16.16 17.81 -17.60
CA LEU A 582 -17.36 18.70 -17.50
C LEU A 582 -16.92 20.17 -17.61
N GLN A 583 -15.78 20.52 -17.01
CA GLN A 583 -15.21 21.88 -17.08
C GLN A 583 -14.58 22.08 -18.46
N GLY A 584 -14.63 23.34 -18.96
CA GLY A 584 -14.31 23.74 -20.35
C GLY A 584 -15.23 23.12 -21.41
N SER A 585 -16.40 22.59 -21.02
CA SER A 585 -17.45 21.97 -21.85
C SER A 585 -16.88 20.89 -22.78
N ILE A 586 -15.93 20.08 -22.31
CA ILE A 586 -15.41 18.97 -23.15
C ILE A 586 -16.51 17.90 -23.30
N MET A 587 -17.24 17.63 -22.23
CA MET A 587 -18.43 16.75 -22.21
C MET A 587 -19.53 17.32 -21.29
N THR A 588 -20.73 16.75 -21.44
CA THR A 588 -21.96 17.24 -20.75
C THR A 588 -22.32 16.27 -19.61
N GLU A 589 -23.21 16.69 -18.73
CA GLU A 589 -23.65 15.80 -17.66
C GLU A 589 -24.32 14.56 -18.28
N PRO A 590 -25.27 14.68 -19.25
CA PRO A 590 -25.86 13.50 -19.89
C PRO A 590 -24.83 12.55 -20.54
N GLN A 591 -23.73 13.08 -21.05
CA GLN A 591 -22.63 12.26 -21.63
C GLN A 591 -21.90 11.51 -20.52
N ILE A 592 -21.70 12.10 -19.34
CA ILE A 592 -21.06 11.36 -18.22
C ILE A 592 -21.97 10.20 -17.82
N THR A 593 -23.28 10.43 -17.76
CA THR A 593 -24.27 9.35 -17.49
C THR A 593 -24.07 8.25 -18.53
N GLN A 594 -23.86 8.55 -19.81
CA GLN A 594 -23.73 7.50 -20.84
C GLN A 594 -22.37 6.78 -20.64
N VAL A 595 -21.31 7.51 -20.30
CA VAL A 595 -19.99 6.90 -19.95
C VAL A 595 -20.20 5.84 -18.87
N ASN A 596 -20.87 6.20 -17.78
CA ASN A 596 -21.05 5.31 -16.60
C ASN A 596 -21.83 4.06 -17.01
N GLN A 597 -22.83 4.23 -17.85
CA GLN A 597 -23.71 3.15 -18.39
C GLN A 597 -22.88 2.16 -19.23
N ARG A 598 -22.06 2.71 -20.12
CA ARG A 598 -21.16 1.95 -21.00
C ARG A 598 -20.07 1.21 -20.15
N VAL A 599 -19.53 1.81 -19.10
CA VAL A 599 -18.47 1.10 -18.31
C VAL A 599 -19.07 -0.19 -17.75
N LYS A 600 -20.29 -0.11 -17.24
CA LYS A 600 -21.04 -1.24 -16.65
C LYS A 600 -21.20 -2.31 -17.70
N GLU A 601 -21.51 -1.94 -18.93
CA GLU A 601 -21.74 -2.91 -20.03
C GLU A 601 -20.39 -3.53 -20.40
N LEU A 602 -19.29 -2.78 -20.34
CA LEU A 602 -17.99 -3.31 -20.79
C LEU A 602 -17.48 -4.36 -19.77
N LEU A 603 -17.73 -4.14 -18.50
CA LEU A 603 -17.54 -5.15 -17.45
C LEU A 603 -18.19 -6.47 -17.96
N THR A 604 -19.49 -6.44 -18.26
CA THR A 604 -20.27 -7.64 -18.66
C THR A 604 -19.65 -8.25 -19.94
N LEU A 605 -19.25 -7.43 -20.92
CA LEU A 605 -18.52 -8.00 -22.06
C LEU A 605 -17.19 -8.68 -21.63
N ILE A 606 -16.37 -8.07 -20.78
CA ILE A 606 -14.96 -8.53 -20.49
C ILE A 606 -14.86 -9.73 -19.51
N ARG A 607 -15.97 -9.98 -18.78
CA ARG A 607 -16.18 -11.20 -17.93
C ARG A 607 -15.78 -12.54 -18.61
N SER A 608 -16.23 -12.81 -19.83
CA SER A 608 -16.05 -14.12 -20.49
C SER A 608 -14.60 -14.23 -21.00
N ASP A 609 -13.89 -13.10 -21.10
CA ASP A 609 -12.51 -13.04 -21.68
C ASP A 609 -11.43 -12.78 -20.62
N ALA A 610 -11.81 -12.38 -19.41
CA ALA A 610 -10.90 -11.95 -18.31
C ALA A 610 -9.83 -13.01 -18.01
N VAL A 611 -10.18 -14.28 -17.83
CA VAL A 611 -9.14 -15.31 -17.54
C VAL A 611 -8.16 -15.43 -18.70
N ALA A 612 -8.70 -15.60 -19.92
CA ALA A 612 -7.88 -15.74 -21.14
C ALA A 612 -6.97 -14.54 -21.29
N LEU A 613 -7.47 -13.33 -21.00
CA LEU A 613 -6.66 -12.09 -21.08
C LEU A 613 -5.47 -12.13 -20.12
N VAL A 614 -5.63 -12.65 -18.88
CA VAL A 614 -4.48 -12.65 -17.93
C VAL A 614 -3.56 -13.84 -18.26
N ASP A 615 -4.11 -14.98 -18.77
CA ASP A 615 -3.29 -16.09 -19.32
C ASP A 615 -2.32 -15.51 -20.36
N ALA A 616 -2.75 -14.56 -21.18
CA ALA A 616 -1.93 -14.15 -22.37
C ALA A 616 -0.66 -13.50 -21.89
N PHE A 617 -0.64 -12.97 -20.65
CA PHE A 617 0.62 -12.40 -20.12
C PHE A 617 1.67 -13.53 -20.13
N ASP A 618 1.25 -14.78 -19.86
CA ASP A 618 2.21 -15.92 -19.95
C ASP A 618 3.16 -15.97 -18.74
N PHE A 619 2.76 -15.48 -17.56
CA PHE A 619 3.56 -15.67 -16.32
C PHE A 619 3.48 -17.12 -15.78
N GLN A 620 4.63 -17.70 -15.50
CA GLN A 620 4.68 -19.04 -14.92
C GLN A 620 4.34 -18.91 -13.43
N ASP A 621 3.89 -20.01 -12.84
CA ASP A 621 3.48 -20.04 -11.39
C ASP A 621 4.63 -19.53 -10.54
N VAL A 622 5.87 -19.93 -10.83
CA VAL A 622 7.05 -19.59 -10.00
C VAL A 622 7.28 -18.07 -10.08
N THR A 623 7.04 -17.45 -11.25
CA THR A 623 7.10 -15.98 -11.41
C THR A 623 6.01 -15.32 -10.55
N LEU A 624 4.78 -15.82 -10.55
CA LEU A 624 3.68 -15.17 -9.79
C LEU A 624 3.88 -15.34 -8.27
N GLY A 625 4.55 -16.41 -7.85
CA GLY A 625 4.75 -16.76 -6.43
C GLY A 625 3.43 -16.79 -5.67
N SER A 626 2.40 -17.35 -6.29
CA SER A 626 0.99 -17.24 -5.86
C SER A 626 0.32 -18.61 -5.84
N VAL A 627 -0.10 -19.04 -4.67
CA VAL A 627 -1.02 -20.20 -4.57
C VAL A 627 -2.39 -19.81 -5.10
N LEU A 628 -2.85 -18.58 -4.83
CA LEU A 628 -4.22 -18.20 -5.27
C LEU A 628 -4.27 -18.09 -6.80
N GLY A 629 -3.14 -17.71 -7.41
CA GLY A 629 -3.05 -17.29 -8.83
C GLY A 629 -2.63 -18.43 -9.79
N ARG A 630 -2.49 -19.64 -9.27
CA ARG A 630 -1.85 -20.76 -9.97
C ARG A 630 -2.62 -21.08 -11.26
N TYR A 631 -1.88 -21.31 -12.34
CA TYR A 631 -2.46 -21.49 -13.71
C TYR A 631 -3.60 -22.58 -13.72
N ASP A 632 -3.37 -23.69 -12.99
CA ASP A 632 -4.35 -24.79 -12.90
C ASP A 632 -5.53 -24.50 -11.99
N GLY A 633 -5.49 -23.45 -11.16
CA GLY A 633 -6.67 -23.09 -10.35
C GLY A 633 -6.95 -24.08 -9.24
N ASN A 634 -6.02 -25.00 -8.95
CA ASN A 634 -6.07 -25.85 -7.71
C ASN A 634 -5.48 -25.05 -6.53
N VAL A 635 -6.27 -24.14 -6.01
CA VAL A 635 -5.84 -23.23 -4.89
C VAL A 635 -5.83 -24.01 -3.55
N TYR A 636 -6.99 -24.57 -3.16
CA TYR A 636 -7.29 -24.94 -1.73
C TYR A 636 -6.37 -26.06 -1.21
N GLU A 637 -6.11 -27.09 -2.01
CA GLU A 637 -5.25 -28.24 -1.62
C GLU A 637 -3.79 -27.84 -1.54
N ASN A 638 -3.36 -26.95 -2.46
CA ASN A 638 -2.00 -26.36 -2.44
C ASN A 638 -1.90 -25.42 -1.22
N LEU A 639 -2.94 -24.69 -0.87
CA LEU A 639 -2.82 -23.67 0.23
C LEU A 639 -2.62 -24.40 1.56
N PHE A 640 -3.37 -25.49 1.79
CA PHE A 640 -3.23 -26.30 3.03
C PHE A 640 -1.81 -26.86 3.11
N GLU A 641 -1.24 -27.32 1.99
CA GLU A 641 0.16 -27.83 1.99
C GLU A 641 1.13 -26.69 2.34
N TRP A 642 0.90 -25.51 1.75
CA TRP A 642 1.84 -24.37 1.89
C TRP A 642 1.89 -23.98 3.38
N ALA A 643 0.75 -23.87 3.99
CA ALA A 643 0.68 -23.50 5.41
C ALA A 643 1.39 -24.58 6.24
N LYS A 644 1.11 -25.84 5.94
CA LYS A 644 1.74 -26.94 6.72
C LYS A 644 3.26 -26.88 6.58
N ASN A 645 3.77 -26.52 5.41
CA ASN A 645 5.24 -26.45 5.19
C ASN A 645 5.84 -25.18 5.77
N SER A 646 5.04 -24.23 6.26
CA SER A 646 5.56 -22.88 6.67
C SER A 646 6.31 -22.98 8.00
N PRO A 647 7.22 -22.02 8.32
CA PRO A 647 8.19 -22.18 9.43
C PRO A 647 7.65 -22.40 10.86
N LEU A 648 6.57 -21.74 11.27
CA LEU A 648 6.03 -21.93 12.64
C LEU A 648 5.44 -23.36 12.78
N ASN A 649 5.20 -24.14 11.71
CA ASN A 649 4.67 -25.52 11.88
C ASN A 649 5.81 -26.55 11.89
N LYS A 650 7.06 -26.15 12.00
CA LYS A 650 8.20 -27.11 12.10
C LYS A 650 8.13 -27.92 13.40
N ALA A 651 7.69 -27.35 14.53
CA ALA A 651 7.25 -28.10 15.76
C ALA A 651 5.78 -27.76 16.13
N GLU A 652 5.02 -28.77 16.62
CA GLU A 652 3.58 -28.68 17.07
C GLU A 652 3.46 -27.66 18.23
N VAL A 653 4.48 -27.67 19.12
CA VAL A 653 4.59 -26.77 20.30
C VAL A 653 5.78 -25.82 20.05
N HIS A 654 5.46 -24.52 19.88
CA HIS A 654 6.41 -23.39 19.98
C HIS A 654 7.03 -23.38 21.41
N GLU A 655 8.32 -23.03 21.54
CA GLU A 655 9.08 -22.98 22.83
C GLU A 655 8.53 -21.89 23.77
N SER A 656 7.76 -20.93 23.24
CA SER A 656 7.11 -19.82 23.98
C SER A 656 5.94 -20.36 24.84
N TYR A 657 5.42 -21.57 24.57
CA TYR A 657 4.35 -22.17 25.42
C TYR A 657 4.88 -22.34 26.87
N LYS A 658 6.04 -22.99 27.07
CA LYS A 658 6.69 -23.31 28.39
C LYS A 658 7.27 -22.01 28.99
N HIS A 659 6.41 -21.03 29.21
CA HIS A 659 6.68 -19.75 29.94
C HIS A 659 5.34 -19.09 30.24
N LEU A 660 4.39 -19.12 29.28
CA LEU A 660 2.95 -18.76 29.47
C LEU A 660 2.46 -19.31 30.81
N LYS A 661 1.65 -18.52 31.53
CA LYS A 661 1.17 -18.82 32.91
C LYS A 661 0.39 -20.17 32.89
N SER A 662 0.08 -20.74 34.07
CA SER A 662 -0.75 -21.96 34.33
C SER A 662 -1.27 -21.89 35.78
N MET B 8 16.90 19.43 21.65
CA MET B 8 15.76 19.46 20.69
C MET B 8 16.22 20.03 19.34
N ASN B 9 15.80 19.42 18.24
CA ASN B 9 16.10 19.87 16.85
C ASN B 9 15.58 21.30 16.66
N PRO B 10 16.52 22.26 16.41
CA PRO B 10 16.19 23.69 16.46
C PRO B 10 15.12 24.12 15.46
N ASP B 11 15.02 23.33 14.40
CA ASP B 11 13.84 23.45 13.54
C ASP B 11 12.57 23.25 14.39
N LEU B 12 12.43 22.10 15.02
CA LEU B 12 11.11 21.67 15.60
C LEU B 12 10.83 22.55 16.79
N ARG B 13 11.88 23.03 17.43
CA ARG B 13 11.78 24.09 18.47
C ARG B 13 11.03 25.26 17.84
N ARG B 14 11.59 25.76 16.75
CA ARG B 14 11.07 27.01 16.13
C ARG B 14 9.61 26.78 15.73
N GLU B 15 9.28 25.58 15.22
CA GLU B 15 7.91 25.32 14.75
C GLU B 15 7.03 25.45 16.01
N ARG B 16 7.45 24.76 17.08
CA ARG B 16 6.63 24.63 18.32
C ARG B 16 6.44 26.02 18.99
N ASP B 17 7.49 26.83 19.04
CA ASP B 17 7.47 28.20 19.61
C ASP B 17 6.55 29.09 18.76
N SER B 18 6.41 28.79 17.45
CA SER B 18 5.67 29.66 16.50
C SER B 18 4.21 29.26 16.33
N ALA B 19 3.73 28.27 17.08
CA ALA B 19 2.34 27.77 16.96
C ALA B 19 1.41 28.85 17.51
N SER B 20 0.20 28.90 16.97
CA SER B 20 -0.91 29.79 17.36
C SER B 20 -1.75 29.28 18.56
N PHE B 21 -1.58 28.02 19.01
CA PHE B 21 -2.48 27.38 20.00
C PHE B 21 -1.64 26.48 20.94
N ASN B 22 -2.27 26.15 22.06
CA ASN B 22 -1.62 25.29 23.07
C ASN B 22 -2.00 23.85 22.76
N PRO B 23 -1.07 22.97 22.30
CA PRO B 23 -1.41 21.59 21.96
C PRO B 23 -1.85 20.74 23.18
N GLU B 24 -1.33 21.06 24.37
CA GLU B 24 -1.79 20.43 25.64
C GLU B 24 -3.35 20.46 25.66
N LEU B 25 -3.98 21.61 25.38
CA LEU B 25 -5.45 21.74 25.53
C LEU B 25 -6.15 21.05 24.38
N LEU B 26 -5.55 20.97 23.17
CA LEU B 26 -6.15 20.09 22.13
C LEU B 26 -6.09 18.59 22.57
N THR B 27 -4.99 18.12 23.19
CA THR B 27 -4.91 16.71 23.72
C THR B 27 -6.13 16.45 24.62
N HIS B 28 -6.54 17.43 25.43
CA HIS B 28 -7.68 17.27 26.39
C HIS B 28 -8.93 17.03 25.57
N ILE B 29 -9.11 17.78 24.49
CA ILE B 29 -10.29 17.65 23.59
C ILE B 29 -10.27 16.27 22.97
N LEU B 30 -9.10 15.82 22.52
CA LEU B 30 -9.00 14.48 21.85
C LEU B 30 -9.34 13.40 22.86
N ASP B 31 -8.83 13.48 24.09
CA ASP B 31 -9.04 12.42 25.10
C ASP B 31 -10.48 12.55 25.65
N GLY B 32 -11.13 13.72 25.61
CA GLY B 32 -12.49 13.89 26.16
C GLY B 32 -12.49 14.82 27.37
N SER B 33 -11.42 14.86 28.15
CA SER B 33 -11.28 15.70 29.36
C SER B 33 -9.81 15.76 29.71
N PRO B 34 -9.41 16.74 30.52
CA PRO B 34 -8.06 16.75 31.09
C PRO B 34 -7.80 15.54 31.99
N GLU B 35 -8.85 15.02 32.64
CA GLU B 35 -8.71 13.90 33.61
C GLU B 35 -8.45 12.59 32.82
N LYS B 36 -9.08 12.45 31.64
CA LYS B 36 -8.71 11.33 30.73
C LYS B 36 -7.22 11.46 30.35
N THR B 37 -6.79 12.66 29.96
CA THR B 37 -5.38 12.84 29.48
C THR B 37 -4.44 12.37 30.59
N ARG B 38 -4.74 12.75 31.85
CA ARG B 38 -3.84 12.54 33.02
C ARG B 38 -3.80 11.02 33.31
N ARG B 39 -4.97 10.38 33.29
CA ARG B 39 -5.12 8.93 33.54
C ARG B 39 -4.48 8.09 32.41
N ARG B 40 -4.67 8.48 31.15
CA ARG B 40 -4.03 7.71 30.04
C ARG B 40 -2.52 7.81 30.24
N ARG B 41 -1.99 9.02 30.45
CA ARG B 41 -0.52 9.23 30.53
C ARG B 41 0.05 8.49 31.72
N GLU B 42 -0.71 8.47 32.83
CA GLU B 42 -0.30 7.65 34.02
C GLU B 42 -0.23 6.15 33.70
N ILE B 43 -1.23 5.62 33.03
CA ILE B 43 -1.15 4.21 32.57
C ILE B 43 0.07 4.01 31.64
N GLU B 44 0.27 4.88 30.67
CA GLU B 44 1.42 4.68 29.74
C GLU B 44 2.73 4.78 30.52
N ASN B 45 2.79 5.69 31.50
CA ASN B 45 3.99 5.88 32.33
C ASN B 45 4.17 4.55 33.11
N MET B 46 3.10 3.90 33.59
CA MET B 46 3.27 2.65 34.39
C MET B 46 3.97 1.58 33.55
N ILE B 47 3.67 1.55 32.24
CA ILE B 47 4.26 0.54 31.33
C ILE B 47 5.69 0.96 30.97
N LEU B 48 5.87 2.22 30.58
CA LEU B 48 7.19 2.69 30.04
C LEU B 48 8.27 2.45 31.11
N ASN B 49 7.94 2.59 32.41
CA ASN B 49 8.88 2.40 33.53
C ASN B 49 9.22 0.91 33.78
N ASP B 50 8.54 -0.04 33.14
CA ASP B 50 8.58 -1.48 33.51
C ASP B 50 9.48 -2.26 32.54
N PRO B 51 10.65 -2.74 33.00
CA PRO B 51 11.57 -3.45 32.12
C PRO B 51 10.93 -4.71 31.54
N ASP B 52 9.85 -5.22 32.12
CA ASP B 52 9.27 -6.50 31.64
C ASP B 52 8.66 -6.29 30.25
N PHE B 53 8.33 -5.06 29.88
CA PHE B 53 7.70 -4.65 28.61
C PHE B 53 8.75 -4.25 27.58
N GLN B 54 10.02 -4.29 27.93
CA GLN B 54 11.09 -3.97 27.00
C GLN B 54 11.54 -5.25 26.29
N HIS B 55 12.13 -5.09 25.12
CA HIS B 55 12.65 -6.19 24.26
C HIS B 55 13.44 -5.60 23.08
N GLU B 56 14.08 -6.44 22.29
CA GLU B 56 14.85 -5.99 21.10
C GLU B 56 13.88 -5.29 20.14
N ASP B 57 14.34 -4.36 19.32
CA ASP B 57 13.56 -3.80 18.17
C ASP B 57 12.93 -4.97 17.42
N LEU B 58 11.60 -5.02 17.26
CA LEU B 58 10.92 -6.12 16.55
C LEU B 58 11.37 -6.20 15.07
N ASN B 59 11.86 -5.08 14.51
CA ASN B 59 12.31 -5.03 13.08
C ASN B 59 13.53 -5.93 12.89
N PHE B 60 14.25 -6.18 13.98
CA PHE B 60 15.50 -6.96 13.93
C PHE B 60 15.27 -8.45 14.21
N LEU B 61 14.02 -8.87 14.38
CA LEU B 61 13.74 -10.24 14.87
C LEU B 61 13.06 -11.04 13.77
N THR B 62 13.14 -12.37 13.82
CA THR B 62 12.39 -13.24 12.88
C THR B 62 10.92 -13.29 13.33
N ARG B 63 10.08 -13.84 12.48
CA ARG B 63 8.64 -14.01 12.77
C ARG B 63 8.41 -14.82 14.07
N SER B 64 9.00 -16.01 14.16
CA SER B 64 9.09 -16.82 15.37
C SER B 64 9.42 -15.97 16.60
N GLN B 65 10.48 -15.16 16.54
CA GLN B 65 10.90 -14.35 17.70
C GLN B 65 9.81 -13.29 17.94
N ARG B 66 9.21 -12.78 16.90
CA ARG B 66 8.17 -11.75 17.09
C ARG B 66 6.96 -12.34 17.79
N TYR B 67 6.57 -13.55 17.41
CA TYR B 67 5.44 -14.29 18.02
C TYR B 67 5.74 -14.51 19.50
N GLU B 68 6.94 -14.95 19.86
CA GLU B 68 7.35 -15.25 21.26
C GLU B 68 7.39 -13.95 22.09
N VAL B 69 7.90 -12.86 21.51
CA VAL B 69 7.88 -11.58 22.23
C VAL B 69 6.42 -11.21 22.48
N ALA B 70 5.56 -11.25 21.45
CA ALA B 70 4.18 -10.71 21.59
C ALA B 70 3.39 -11.53 22.66
N VAL B 71 3.52 -12.86 22.67
CA VAL B 71 2.70 -13.76 23.53
C VAL B 71 3.19 -13.60 24.98
N ARG B 72 4.50 -13.47 25.17
CA ARG B 72 5.10 -13.19 26.49
C ARG B 72 4.53 -11.84 26.96
N LYS B 73 4.54 -10.80 26.11
CA LYS B 73 4.07 -9.46 26.54
C LYS B 73 2.58 -9.51 26.87
N SER B 74 1.83 -10.38 26.18
CA SER B 74 0.37 -10.50 26.46
C SER B 74 0.18 -11.22 27.80
N ALA B 75 0.93 -12.28 28.09
CA ALA B 75 0.84 -12.94 29.43
C ALA B 75 1.22 -11.91 30.54
N ILE B 76 2.33 -11.19 30.41
CA ILE B 76 2.77 -10.12 31.37
C ILE B 76 1.73 -9.04 31.47
N MET B 77 1.20 -8.56 30.37
CA MET B 77 0.18 -7.49 30.36
C MET B 77 -1.00 -7.88 31.24
N VAL B 78 -1.51 -9.11 31.13
CA VAL B 78 -2.65 -9.57 31.96
C VAL B 78 -2.26 -9.47 33.45
N LYS B 79 -1.12 -10.04 33.83
CA LYS B 79 -0.67 -10.01 35.24
C LYS B 79 -0.54 -8.54 35.69
N LYS B 80 0.06 -7.67 34.88
CA LYS B 80 0.33 -6.27 35.32
C LYS B 80 -1.00 -5.54 35.45
N MET B 81 -1.92 -5.68 34.50
CA MET B 81 -3.22 -4.99 34.66
C MET B 81 -3.90 -5.41 35.96
N ARG B 82 -3.82 -6.69 36.31
CA ARG B 82 -4.46 -7.20 37.55
C ARG B 82 -3.75 -6.62 38.77
N GLU B 83 -2.42 -6.59 38.74
CA GLU B 83 -1.63 -6.00 39.85
C GLU B 83 -2.03 -4.53 40.06
N PHE B 84 -2.17 -3.76 38.98
CA PHE B 84 -2.45 -2.31 39.10
C PHE B 84 -3.95 -2.07 39.20
N GLY B 85 -4.72 -3.14 39.34
CA GLY B 85 -6.18 -3.03 39.43
C GLY B 85 -6.73 -2.24 38.26
N ILE B 86 -6.26 -2.47 37.03
CA ILE B 86 -6.86 -1.80 35.86
C ILE B 86 -8.08 -2.65 35.42
N ALA B 87 -9.28 -2.08 35.41
CA ALA B 87 -10.50 -2.84 35.08
C ALA B 87 -11.46 -2.02 34.21
N ASP B 88 -11.36 -0.70 34.15
CA ASP B 88 -12.25 0.07 33.27
C ASP B 88 -11.91 -0.26 31.79
N PRO B 89 -12.91 -0.45 30.90
CA PRO B 89 -12.62 -0.84 29.52
C PRO B 89 -11.73 0.15 28.75
N ASP B 90 -11.95 1.46 28.95
CA ASP B 90 -11.08 2.48 28.31
C ASP B 90 -9.64 2.31 28.84
N GLU B 91 -9.44 2.05 30.14
CA GLU B 91 -8.07 2.02 30.70
C GLU B 91 -7.46 0.76 30.11
N ILE B 92 -8.20 -0.36 30.05
CA ILE B 92 -7.61 -1.63 29.53
C ILE B 92 -7.17 -1.43 28.04
N MET B 93 -7.97 -0.73 27.25
CA MET B 93 -7.62 -0.26 25.87
C MET B 93 -6.31 0.54 25.90
N TRP B 94 -6.27 1.53 26.78
CA TRP B 94 -5.08 2.41 26.83
C TRP B 94 -3.88 1.51 27.16
N PHE B 95 -4.08 0.57 28.09
CA PHE B 95 -2.99 -0.29 28.59
C PHE B 95 -2.53 -1.17 27.41
N LYS B 96 -3.46 -1.90 26.79
CA LYS B 96 -3.17 -2.86 25.72
C LYS B 96 -2.51 -2.12 24.55
N ASN B 97 -3.07 -0.99 24.12
CA ASN B 97 -2.48 -0.26 22.95
C ASN B 97 -1.04 0.19 23.24
N PHE B 98 -0.74 0.62 24.44
CA PHE B 98 0.62 1.13 24.71
C PHE B 98 1.60 -0.07 24.63
N VAL B 99 1.20 -1.17 25.26
CA VAL B 99 2.14 -2.31 25.48
C VAL B 99 2.60 -2.87 24.15
N HIS B 100 1.68 -2.93 23.22
CA HIS B 100 1.83 -3.71 21.99
C HIS B 100 2.36 -2.81 20.88
N ARG B 101 2.37 -1.50 21.15
CA ARG B 101 3.12 -0.47 20.40
C ARG B 101 2.51 -0.46 19.00
N GLY B 102 1.17 -0.40 18.85
CA GLY B 102 0.49 -0.50 17.53
C GLY B 102 0.08 -1.96 17.18
N ARG B 103 1.08 -2.88 17.10
CA ARG B 103 1.00 -4.35 16.77
C ARG B 103 -0.28 -4.97 17.35
N PRO B 104 -0.86 -6.04 16.73
CA PRO B 104 -1.97 -6.76 17.34
C PRO B 104 -1.41 -7.72 18.39
N GLU B 105 -2.25 -8.25 19.27
CA GLU B 105 -1.77 -9.11 20.38
C GLU B 105 -2.42 -10.50 20.32
N PRO B 106 -1.67 -11.58 20.59
CA PRO B 106 -2.21 -12.94 20.44
C PRO B 106 -3.28 -13.49 21.39
N LEU B 107 -3.58 -12.79 22.48
CA LEU B 107 -4.58 -13.26 23.47
C LEU B 107 -5.86 -12.47 23.23
N ASP B 108 -5.92 -11.77 22.10
CA ASP B 108 -7.09 -10.93 21.76
C ASP B 108 -8.39 -11.72 21.94
N LEU B 109 -8.52 -12.88 21.26
CA LEU B 109 -9.77 -13.70 21.25
C LEU B 109 -9.92 -14.42 22.60
N HIS B 110 -8.85 -14.71 23.33
CA HIS B 110 -8.97 -15.28 24.69
C HIS B 110 -9.67 -14.24 25.58
N LEU B 111 -9.14 -13.02 25.59
CA LEU B 111 -9.56 -11.96 26.53
C LEU B 111 -10.85 -11.34 26.03
N GLY B 112 -11.00 -11.20 24.72
CA GLY B 112 -12.13 -10.42 24.19
C GLY B 112 -13.26 -11.32 23.71
N MET B 113 -13.06 -12.62 23.63
CA MET B 113 -14.18 -13.47 23.17
C MET B 113 -14.35 -14.69 24.08
N PHE B 114 -13.32 -15.46 24.36
CA PHE B 114 -13.48 -16.74 25.05
C PHE B 114 -13.90 -16.49 26.50
N LEU B 115 -13.16 -15.67 27.26
CA LEU B 115 -13.50 -15.29 28.66
C LEU B 115 -14.88 -14.63 28.76
N PRO B 116 -15.23 -13.60 27.99
CA PRO B 116 -16.59 -13.06 28.05
C PRO B 116 -17.67 -14.08 27.70
N THR B 117 -17.42 -14.94 26.71
CA THR B 117 -18.45 -15.92 26.28
C THR B 117 -18.72 -16.87 27.45
N LEU B 118 -17.68 -17.27 28.18
CA LEU B 118 -17.86 -18.09 29.38
C LEU B 118 -18.65 -17.29 30.43
N LEU B 119 -18.35 -16.03 30.67
CA LEU B 119 -19.12 -15.24 31.70
C LEU B 119 -20.59 -15.08 31.30
N HIS B 120 -20.92 -14.86 30.03
CA HIS B 120 -22.23 -14.30 29.60
C HIS B 120 -23.11 -15.44 29.09
N GLN B 121 -22.54 -16.56 28.65
CA GLN B 121 -23.31 -17.57 27.88
C GLN B 121 -23.17 -19.00 28.41
N ALA B 122 -22.14 -19.29 29.18
CA ALA B 122 -21.87 -20.66 29.64
C ALA B 122 -22.81 -21.03 30.80
N THR B 123 -23.15 -22.30 30.90
CA THR B 123 -23.88 -22.85 32.06
C THR B 123 -22.94 -22.84 33.26
N ALA B 124 -23.50 -23.09 34.44
CA ALA B 124 -22.71 -23.09 35.69
C ALA B 124 -21.72 -24.25 35.69
N GLU B 125 -22.05 -25.38 35.06
CA GLU B 125 -21.13 -26.55 34.97
C GLU B 125 -20.01 -26.27 33.92
N GLN B 126 -20.33 -25.61 32.80
CA GLN B 126 -19.28 -25.07 31.89
C GLN B 126 -18.35 -24.13 32.67
N GLN B 127 -18.88 -23.21 33.48
CA GLN B 127 -18.00 -22.21 34.16
C GLN B 127 -17.11 -22.96 35.13
N GLU B 128 -17.69 -23.98 35.74
CA GLU B 128 -16.96 -24.81 36.70
C GLU B 128 -15.81 -25.49 35.97
N ARG B 129 -15.99 -26.00 34.76
CA ARG B 129 -14.87 -26.69 34.03
C ARG B 129 -13.84 -25.65 33.52
N PHE B 130 -14.30 -24.54 32.98
CA PHE B 130 -13.51 -23.76 32.00
C PHE B 130 -13.14 -22.37 32.50
N PHE B 131 -13.93 -21.77 33.39
CA PHE B 131 -13.81 -20.32 33.63
C PHE B 131 -12.50 -20.01 34.35
N MET B 132 -12.21 -20.60 35.51
CA MET B 132 -11.02 -20.19 36.28
C MET B 132 -9.75 -20.70 35.61
N PRO B 133 -9.73 -21.92 35.02
CA PRO B 133 -8.60 -22.28 34.19
C PRO B 133 -8.35 -21.17 33.14
N ALA B 134 -9.40 -20.68 32.48
CA ALA B 134 -9.29 -19.64 31.43
C ALA B 134 -8.78 -18.33 32.07
N TRP B 135 -9.31 -17.95 33.23
CA TRP B 135 -9.00 -16.66 33.86
C TRP B 135 -7.54 -16.68 34.30
N ASN B 136 -7.03 -17.83 34.67
CA ASN B 136 -5.61 -18.00 35.04
C ASN B 136 -4.68 -18.31 33.86
N LEU B 137 -5.18 -18.34 32.61
CA LEU B 137 -4.35 -18.64 31.40
C LEU B 137 -3.79 -20.07 31.42
N GLU B 138 -4.38 -20.97 32.20
CA GLU B 138 -4.06 -22.42 32.20
C GLU B 138 -4.78 -23.13 31.01
N ILE B 139 -5.95 -22.60 30.66
CA ILE B 139 -6.67 -22.72 29.37
C ILE B 139 -6.49 -21.40 28.64
N ILE B 140 -6.02 -21.46 27.37
CA ILE B 140 -6.07 -20.30 26.44
C ILE B 140 -7.03 -20.66 25.32
N GLY B 141 -8.02 -19.83 25.11
CA GLY B 141 -9.11 -20.07 24.13
C GLY B 141 -9.04 -19.11 22.93
N THR B 142 -9.72 -19.43 21.85
CA THR B 142 -9.99 -18.59 20.69
C THR B 142 -11.37 -18.93 20.12
N TYR B 143 -11.74 -18.25 19.05
CA TYR B 143 -13.02 -18.38 18.33
C TYR B 143 -12.68 -18.73 16.89
N ALA B 144 -13.04 -19.94 16.48
CA ALA B 144 -12.84 -20.47 15.13
C ALA B 144 -14.19 -20.54 14.40
N GLN B 145 -14.48 -19.51 13.61
CA GLN B 145 -15.68 -19.47 12.76
C GLN B 145 -15.29 -19.58 11.30
N THR B 146 -14.36 -18.77 10.79
CA THR B 146 -14.09 -18.69 9.30
C THR B 146 -13.35 -19.96 8.85
N GLU B 147 -13.59 -20.35 7.63
CA GLU B 147 -13.02 -21.56 7.02
C GLU B 147 -12.28 -21.16 5.75
N MET B 148 -11.47 -22.06 5.25
CA MET B 148 -10.61 -21.79 4.09
C MET B 148 -11.52 -21.41 2.93
N GLY B 149 -12.65 -22.08 2.85
CA GLY B 149 -13.63 -21.88 1.77
C GLY B 149 -14.56 -20.70 2.01
N HIS B 150 -14.70 -20.20 3.24
CA HIS B 150 -15.81 -19.26 3.60
C HIS B 150 -15.38 -18.24 4.64
N GLY B 151 -15.53 -16.98 4.30
CA GLY B 151 -15.17 -15.84 5.17
C GLY B 151 -16.37 -14.90 5.31
N THR B 152 -16.78 -14.29 4.20
CA THR B 152 -17.94 -13.38 4.14
C THR B 152 -19.21 -14.16 4.38
N HIS B 153 -19.44 -15.29 3.71
CA HIS B 153 -20.75 -16.01 3.75
C HIS B 153 -20.69 -17.19 4.69
N LEU B 154 -20.88 -16.92 5.99
CA LEU B 154 -20.81 -17.90 7.10
C LEU B 154 -21.95 -18.92 6.99
N ARG B 155 -23.05 -18.56 6.35
CA ARG B 155 -24.16 -19.53 6.14
C ARG B 155 -23.62 -20.72 5.33
N GLY B 156 -22.55 -20.58 4.54
CA GLY B 156 -21.96 -21.68 3.71
C GLY B 156 -20.87 -22.46 4.43
N LEU B 157 -20.58 -22.19 5.73
CA LEU B 157 -19.64 -23.01 6.54
C LEU B 157 -20.00 -24.51 6.39
N GLU B 158 -18.99 -25.38 6.41
CA GLU B 158 -19.07 -26.82 6.12
C GLU B 158 -18.80 -27.62 7.41
N THR B 159 -18.16 -27.03 8.40
CA THR B 159 -17.91 -27.75 9.66
C THR B 159 -19.26 -28.19 10.22
N THR B 160 -19.38 -29.49 10.57
CA THR B 160 -20.62 -30.07 11.18
C THR B 160 -20.38 -30.55 12.61
N ALA B 161 -21.44 -30.42 13.39
CA ALA B 161 -21.49 -30.95 14.77
C ALA B 161 -22.72 -31.84 14.82
N THR B 162 -22.44 -33.13 14.67
CA THR B 162 -23.49 -34.18 14.66
C THR B 162 -23.56 -34.62 16.17
N TYR B 163 -24.84 -34.60 16.63
CA TYR B 163 -25.24 -35.25 17.91
C TYR B 163 -25.33 -36.80 17.78
N ASP B 164 -24.57 -37.52 18.61
CA ASP B 164 -24.70 -38.96 18.93
C ASP B 164 -25.55 -39.11 20.20
N PRO B 165 -26.84 -39.52 20.09
CA PRO B 165 -27.67 -39.81 21.25
C PRO B 165 -27.18 -41.04 22.05
N GLU B 166 -26.45 -41.96 21.45
CA GLU B 166 -26.03 -43.18 22.18
C GLU B 166 -24.93 -42.82 23.18
N THR B 167 -24.00 -41.89 22.87
CA THR B 167 -22.80 -41.57 23.71
C THR B 167 -22.80 -40.10 24.28
N GLN B 168 -23.89 -39.40 23.93
CA GLN B 168 -24.28 -38.08 24.51
C GLN B 168 -23.17 -37.09 24.11
N GLU B 169 -22.72 -37.22 22.86
CA GLU B 169 -21.55 -36.47 22.36
C GLU B 169 -21.92 -35.75 21.08
N PHE B 170 -21.24 -34.65 20.84
CA PHE B 170 -21.18 -34.07 19.49
C PHE B 170 -19.95 -34.67 18.83
N ILE B 171 -20.11 -34.93 17.52
CA ILE B 171 -19.02 -35.31 16.57
C ILE B 171 -18.72 -34.07 15.72
N LEU B 172 -17.59 -33.42 15.98
CA LEU B 172 -17.14 -32.22 15.20
C LEU B 172 -16.37 -32.80 14.00
N ASN B 173 -16.75 -32.34 12.79
CA ASN B 173 -16.06 -32.84 11.55
C ASN B 173 -15.80 -31.70 10.56
N SER B 174 -14.61 -31.79 9.93
CA SER B 174 -14.10 -30.88 8.84
C SER B 174 -13.97 -31.71 7.51
N PRO B 175 -15.13 -31.95 6.82
CA PRO B 175 -15.24 -33.04 5.81
C PRO B 175 -14.38 -32.74 4.57
N THR B 176 -14.00 -31.47 4.35
CA THR B 176 -13.35 -31.04 3.07
C THR B 176 -12.20 -30.10 3.38
N VAL B 177 -11.41 -29.79 2.38
CA VAL B 177 -10.17 -28.99 2.62
C VAL B 177 -10.70 -27.58 2.85
N THR B 178 -11.82 -27.25 2.20
CA THR B 178 -12.38 -25.90 2.31
C THR B 178 -13.00 -25.75 3.69
N SER B 179 -13.39 -26.87 4.38
CA SER B 179 -14.13 -26.80 5.67
C SER B 179 -13.19 -26.39 6.79
N ILE B 180 -11.90 -26.62 6.59
CA ILE B 180 -10.88 -26.43 7.64
C ILE B 180 -10.99 -25.00 8.17
N LYS B 181 -11.01 -24.82 9.49
CA LYS B 181 -11.09 -23.44 10.07
C LYS B 181 -9.78 -22.75 9.66
N TRP B 182 -9.87 -21.45 9.35
CA TRP B 182 -8.74 -20.71 8.72
C TRP B 182 -8.83 -19.19 9.04
N TRP B 183 -7.77 -18.66 9.64
CA TRP B 183 -7.58 -17.21 10.05
C TRP B 183 -7.53 -16.95 11.58
N PRO B 184 -8.37 -17.58 12.46
CA PRO B 184 -8.49 -17.13 13.86
C PRO B 184 -7.17 -16.95 14.57
N GLY B 185 -6.96 -15.73 15.09
CA GLY B 185 -5.77 -15.43 15.88
C GLY B 185 -5.72 -16.34 17.07
N GLY B 186 -4.51 -16.79 17.44
CA GLY B 186 -4.29 -17.63 18.64
C GLY B 186 -4.60 -19.08 18.38
N LEU B 187 -5.08 -19.43 17.20
CA LEU B 187 -5.48 -20.84 16.94
C LEU B 187 -4.29 -21.72 16.55
N GLY B 188 -3.23 -21.11 15.98
CA GLY B 188 -2.14 -21.85 15.38
C GLY B 188 -1.32 -22.55 16.41
N LYS B 189 -0.81 -21.81 17.40
CA LYS B 189 0.17 -22.27 18.43
C LYS B 189 -0.23 -21.92 19.88
N THR B 190 -0.94 -20.83 20.12
CA THR B 190 -1.18 -20.34 21.49
C THR B 190 -2.33 -21.13 22.14
N SER B 191 -3.49 -21.28 21.49
CA SER B 191 -4.68 -21.79 22.21
C SER B 191 -4.65 -23.32 22.39
N ASN B 192 -5.15 -23.80 23.53
CA ASN B 192 -5.46 -25.25 23.73
C ASN B 192 -6.98 -25.52 23.68
N HIS B 193 -7.83 -24.48 23.56
CA HIS B 193 -9.32 -24.61 23.40
C HIS B 193 -9.79 -23.66 22.29
N ALA B 194 -10.82 -24.06 21.52
CA ALA B 194 -11.47 -23.17 20.53
C ALA B 194 -12.98 -23.30 20.71
N ILE B 195 -13.69 -22.18 20.73
CA ILE B 195 -15.12 -22.14 20.42
C ILE B 195 -15.23 -22.22 18.92
N VAL B 196 -15.88 -23.27 18.47
CA VAL B 196 -16.00 -23.58 17.02
C VAL B 196 -17.45 -23.39 16.63
N LEU B 197 -17.65 -22.67 15.55
CA LEU B 197 -18.98 -22.48 14.96
C LEU B 197 -19.20 -23.61 13.97
N ALA B 198 -20.30 -24.36 14.09
CA ALA B 198 -20.54 -25.55 13.25
C ALA B 198 -22.02 -25.67 12.93
N GLN B 199 -22.31 -26.33 11.81
CA GLN B 199 -23.68 -26.71 11.39
C GLN B 199 -24.19 -27.87 12.27
N LEU B 200 -25.14 -27.56 13.15
CA LEU B 200 -25.72 -28.49 14.16
C LEU B 200 -26.66 -29.48 13.45
N ILE B 201 -26.31 -30.76 13.50
CA ILE B 201 -27.18 -31.89 13.05
C ILE B 201 -27.58 -32.78 14.24
N THR B 202 -28.87 -32.83 14.55
CA THR B 202 -29.42 -33.69 15.63
C THR B 202 -30.68 -34.34 15.08
N LYS B 203 -30.86 -35.62 15.42
CA LYS B 203 -31.74 -36.53 14.66
C LYS B 203 -31.14 -36.49 13.26
N GLY B 204 -31.96 -36.23 12.25
CA GLY B 204 -31.44 -36.13 10.88
C GLY B 204 -31.68 -34.75 10.31
N LYS B 205 -31.81 -33.75 11.18
CA LYS B 205 -32.13 -32.37 10.71
C LYS B 205 -31.00 -31.41 11.05
N CSO B 206 -30.69 -30.49 10.13
CA CSO B 206 -29.69 -29.43 10.41
CB CSO B 206 -28.91 -29.11 9.16
SG CSO B 206 -27.48 -28.02 9.38
C CSO B 206 -30.43 -28.21 10.97
O CSO B 206 -31.44 -27.86 10.28
OD CSO B 206 -27.40 -27.05 8.06
N TYR B 207 -29.89 -27.68 12.08
CA TYR B 207 -30.58 -26.55 12.74
C TYR B 207 -29.76 -25.28 12.59
N GLY B 208 -28.70 -25.33 11.78
CA GLY B 208 -27.94 -24.12 11.50
C GLY B 208 -26.70 -23.93 12.34
N LEU B 209 -26.21 -22.70 12.42
CA LEU B 209 -24.90 -22.46 13.10
C LEU B 209 -25.02 -22.33 14.62
N HIS B 210 -24.22 -23.09 15.33
CA HIS B 210 -24.16 -23.12 16.79
C HIS B 210 -22.68 -23.15 17.16
N ALA B 211 -22.39 -22.83 18.41
CA ALA B 211 -21.03 -22.74 18.96
C ALA B 211 -20.76 -23.81 20.02
N PHE B 212 -19.55 -24.36 19.99
CA PHE B 212 -19.16 -25.56 20.74
C PHE B 212 -17.84 -25.26 21.38
N ILE B 213 -17.67 -25.60 22.65
CA ILE B 213 -16.34 -25.56 23.32
C ILE B 213 -15.57 -26.82 22.92
N VAL B 214 -14.44 -26.65 22.21
CA VAL B 214 -13.57 -27.78 21.74
C VAL B 214 -12.16 -27.65 22.30
N PRO B 215 -11.79 -28.49 23.31
CA PRO B 215 -10.38 -28.72 23.62
C PRO B 215 -9.65 -29.17 22.36
N ILE B 216 -8.46 -28.64 22.06
CA ILE B 216 -7.74 -29.01 20.81
C ILE B 216 -6.37 -29.56 21.19
N ARG B 217 -5.82 -29.12 22.31
CA ARG B 217 -4.48 -29.54 22.76
C ARG B 217 -4.57 -29.93 24.25
N GLU B 218 -3.72 -30.84 24.68
CA GLU B 218 -3.54 -31.29 26.09
C GLU B 218 -3.09 -30.10 26.93
N ILE B 219 -3.74 -29.83 28.05
CA ILE B 219 -3.21 -28.86 29.06
C ILE B 219 -1.87 -29.45 29.50
N GLY B 220 -0.90 -28.63 29.84
CA GLY B 220 0.40 -29.21 30.24
C GLY B 220 1.31 -29.42 29.06
N THR B 221 1.14 -30.45 28.23
CA THR B 221 2.13 -30.71 27.14
C THR B 221 1.85 -29.87 25.88
N HIS B 222 0.61 -29.42 25.66
CA HIS B 222 0.18 -28.62 24.49
C HIS B 222 0.20 -29.48 23.24
N LYS B 223 0.22 -30.81 23.40
CA LYS B 223 0.16 -31.76 22.27
C LYS B 223 -1.25 -31.71 21.67
N PRO B 224 -1.39 -31.63 20.33
CA PRO B 224 -2.71 -31.75 19.71
C PRO B 224 -3.42 -33.03 20.17
N LEU B 225 -4.73 -32.95 20.33
CA LEU B 225 -5.57 -34.06 20.81
C LEU B 225 -5.83 -34.99 19.65
N PRO B 226 -6.22 -36.26 19.89
CA PRO B 226 -6.62 -37.17 18.80
C PRO B 226 -7.73 -36.54 17.97
N GLY B 227 -7.60 -36.65 16.67
CA GLY B 227 -8.61 -36.12 15.73
C GLY B 227 -8.43 -34.61 15.40
N ILE B 228 -7.39 -33.97 15.89
CA ILE B 228 -7.12 -32.53 15.73
C ILE B 228 -5.84 -32.35 14.88
N THR B 229 -5.98 -31.61 13.79
CA THR B 229 -4.81 -31.05 13.08
C THR B 229 -4.92 -29.53 13.26
N VAL B 230 -3.88 -28.93 13.79
CA VAL B 230 -3.90 -27.48 14.13
C VAL B 230 -2.55 -26.92 13.80
N GLY B 231 -2.51 -25.72 13.21
CA GLY B 231 -1.22 -25.02 12.95
C GLY B 231 -1.37 -23.58 12.48
N ASP B 232 -0.23 -22.95 12.22
CA ASP B 232 -0.14 -21.58 11.66
C ASP B 232 -0.36 -21.60 10.12
N ILE B 233 -1.13 -20.62 9.59
CA ILE B 233 -1.55 -20.52 8.16
C ILE B 233 -0.40 -19.99 7.30
N GLY B 234 0.70 -19.56 7.93
CA GLY B 234 1.95 -19.13 7.33
C GLY B 234 2.10 -17.63 7.47
N PRO B 235 3.19 -17.05 6.91
CA PRO B 235 3.44 -15.60 7.02
C PRO B 235 2.45 -14.75 6.20
N LYS B 236 2.19 -13.57 6.66
CA LYS B 236 1.25 -12.60 6.03
C LYS B 236 1.96 -11.26 5.80
N PHE B 237 1.30 -10.34 5.08
CA PHE B 237 1.84 -8.99 4.80
C PHE B 237 2.27 -8.35 6.14
N GLY B 238 1.47 -8.49 7.18
CA GLY B 238 1.75 -8.01 8.56
C GLY B 238 1.34 -9.10 9.52
N TYR B 239 1.01 -8.74 10.76
CA TYR B 239 0.52 -9.66 11.79
C TYR B 239 1.54 -10.78 12.04
N ASP B 240 2.83 -10.47 12.02
CA ASP B 240 3.83 -11.52 12.33
C ASP B 240 3.65 -12.03 13.75
N GLU B 241 3.10 -11.18 14.63
CA GLU B 241 2.98 -11.46 16.08
C GLU B 241 1.83 -12.45 16.36
N ILE B 242 0.93 -12.66 15.40
CA ILE B 242 -0.31 -13.42 15.56
C ILE B 242 -0.18 -14.75 14.83
N ASP B 243 -0.45 -15.81 15.57
CA ASP B 243 -0.51 -17.20 15.07
C ASP B 243 -1.90 -17.40 14.46
N ASN B 244 -2.23 -16.67 13.39
CA ASN B 244 -3.46 -16.90 12.59
C ASN B 244 -3.44 -18.38 12.18
N GLY B 245 -4.48 -19.14 12.48
CA GLY B 245 -4.36 -20.60 12.47
C GLY B 245 -5.39 -21.32 11.62
N TYR B 246 -5.14 -22.61 11.45
CA TYR B 246 -6.11 -23.57 10.88
C TYR B 246 -6.42 -24.64 11.93
N LEU B 247 -7.56 -25.28 11.75
CA LEU B 247 -8.10 -26.32 12.64
C LEU B 247 -8.94 -27.23 11.78
N LYS B 248 -8.46 -28.45 11.70
CA LYS B 248 -9.14 -29.56 11.01
C LYS B 248 -9.50 -30.59 12.07
N MET B 249 -10.79 -30.89 12.12
CA MET B 249 -11.32 -31.90 13.05
C MET B 249 -11.74 -33.15 12.27
N ASP B 250 -11.23 -34.31 12.67
CA ASP B 250 -11.57 -35.61 12.04
C ASP B 250 -12.60 -36.39 12.91
N ASN B 251 -13.89 -36.21 12.69
CA ASN B 251 -14.94 -36.77 13.57
C ASN B 251 -14.52 -36.68 15.07
N HIS B 252 -14.26 -35.49 15.58
CA HIS B 252 -13.70 -35.31 16.94
C HIS B 252 -14.85 -35.21 17.92
N ARG B 253 -14.83 -36.01 18.99
CA ARG B 253 -16.00 -36.17 19.89
C ARG B 253 -15.83 -35.30 21.14
N ILE B 254 -16.89 -34.53 21.44
CA ILE B 254 -16.94 -33.64 22.64
C ILE B 254 -18.23 -33.96 23.39
N PRO B 255 -18.30 -33.76 24.71
CA PRO B 255 -19.55 -33.91 25.46
C PRO B 255 -20.70 -33.06 24.91
N ARG B 256 -21.93 -33.58 24.94
CA ARG B 256 -23.14 -32.73 24.71
C ARG B 256 -23.08 -31.44 25.54
N GLU B 257 -22.52 -31.48 26.76
CA GLU B 257 -22.39 -30.34 27.70
C GLU B 257 -21.37 -29.30 27.20
N ASN B 258 -20.66 -29.55 26.08
CA ASN B 258 -19.70 -28.57 25.49
C ASN B 258 -20.45 -27.62 24.55
N MET B 259 -21.69 -27.92 24.20
CA MET B 259 -22.43 -26.97 23.34
C MET B 259 -22.74 -25.69 24.15
N LEU B 260 -22.64 -24.54 23.52
CA LEU B 260 -23.13 -23.27 24.10
C LEU B 260 -24.66 -23.20 23.92
N MET B 261 -25.37 -23.30 25.04
CA MET B 261 -26.82 -23.53 25.05
C MET B 261 -27.58 -22.40 25.76
N LYS B 262 -27.07 -21.19 25.77
CA LYS B 262 -27.81 -20.08 26.39
C LYS B 262 -29.10 -19.86 25.60
N TYR B 263 -29.06 -20.02 24.28
CA TYR B 263 -30.14 -19.52 23.39
C TYR B 263 -30.89 -20.69 22.74
N ALA B 264 -30.23 -21.83 22.54
CA ALA B 264 -30.83 -23.06 21.99
C ALA B 264 -30.28 -24.22 22.81
N GLN B 265 -31.02 -25.31 22.93
CA GLN B 265 -30.57 -26.53 23.66
C GLN B 265 -30.72 -27.80 22.79
N VAL B 266 -29.78 -28.71 22.98
CA VAL B 266 -29.97 -30.12 22.57
C VAL B 266 -30.10 -30.93 23.89
N LYS B 267 -31.28 -31.53 24.09
CA LYS B 267 -31.55 -32.44 25.24
C LYS B 267 -30.74 -33.72 25.11
N PRO B 268 -30.55 -34.46 26.23
CA PRO B 268 -29.76 -35.68 26.24
C PRO B 268 -30.25 -36.72 25.23
N ASP B 269 -31.50 -36.61 24.78
CA ASP B 269 -32.05 -37.56 23.77
C ASP B 269 -31.95 -36.99 22.34
N GLY B 270 -31.34 -35.81 22.16
CA GLY B 270 -31.09 -35.21 20.85
C GLY B 270 -32.15 -34.20 20.43
N THR B 271 -33.20 -34.01 21.23
CA THR B 271 -34.27 -33.01 20.95
C THR B 271 -33.61 -31.61 20.95
N TYR B 272 -33.83 -30.88 19.84
CA TYR B 272 -33.46 -29.45 19.67
C TYR B 272 -34.59 -28.56 20.18
N VAL B 273 -34.26 -27.55 21.02
CA VAL B 273 -35.19 -26.53 21.59
C VAL B 273 -34.82 -25.15 21.03
N LYS B 274 -35.77 -24.41 20.40
CA LYS B 274 -35.75 -22.96 19.93
C LYS B 274 -34.34 -22.49 19.54
N MET B 285 -19.67 -7.96 16.52
CA MET B 285 -19.17 -7.39 15.23
C MET B 285 -19.52 -5.89 15.12
N VAL B 286 -20.70 -5.44 15.59
CA VAL B 286 -21.11 -4.01 15.59
C VAL B 286 -20.19 -3.19 16.50
N PHE B 287 -19.82 -3.75 17.67
CA PHE B 287 -18.88 -3.07 18.61
C PHE B 287 -17.49 -2.93 17.93
N VAL B 288 -16.92 -3.99 17.38
CA VAL B 288 -15.52 -3.95 16.87
C VAL B 288 -15.47 -2.96 15.69
N ARG B 289 -16.58 -2.82 14.93
CA ARG B 289 -16.71 -1.87 13.78
C ARG B 289 -16.72 -0.45 14.34
N SER B 290 -17.34 -0.27 15.49
CA SER B 290 -17.32 1.02 16.21
C SER B 290 -15.87 1.46 16.47
N PHE B 291 -15.18 0.65 17.26
CA PHE B 291 -13.76 0.68 17.63
C PHE B 291 -12.86 0.92 16.39
N LEU B 292 -13.11 0.22 15.28
CA LEU B 292 -12.20 0.28 14.09
C LEU B 292 -12.20 1.72 13.52
N VAL B 293 -13.27 2.47 13.69
CA VAL B 293 -13.28 3.88 13.29
C VAL B 293 -12.22 4.63 14.08
N GLY B 294 -12.18 4.45 15.37
CA GLY B 294 -11.17 5.14 16.17
C GLY B 294 -9.78 4.60 15.84
N GLU B 295 -9.68 3.32 15.52
CA GLU B 295 -8.36 2.69 15.19
C GLU B 295 -7.84 3.28 13.89
N ALA B 296 -8.73 3.53 12.93
CA ALA B 296 -8.38 4.23 11.67
C ALA B 296 -7.92 5.68 11.97
N ALA B 297 -8.63 6.43 12.78
CA ALA B 297 -8.21 7.77 13.25
C ALA B 297 -6.79 7.71 13.82
N ARG B 298 -6.54 6.73 14.67
CA ARG B 298 -5.25 6.64 15.33
C ARG B 298 -4.16 6.29 14.30
N ALA B 299 -4.36 5.28 13.47
CA ALA B 299 -3.29 4.85 12.51
C ALA B 299 -2.95 5.96 11.51
N LEU B 300 -3.95 6.72 11.07
CA LEU B 300 -3.68 7.91 10.23
C LEU B 300 -2.96 9.02 11.01
N SER B 301 -3.35 9.24 12.25
CA SER B 301 -2.81 10.29 13.14
C SER B 301 -1.35 9.96 13.42
N LYS B 302 -1.02 8.73 13.67
CA LYS B 302 0.41 8.39 13.82
C LYS B 302 1.17 8.61 12.52
N ALA B 303 0.62 8.23 11.36
CA ALA B 303 1.39 8.30 10.12
C ALA B 303 1.63 9.79 9.83
N CYS B 304 0.62 10.63 9.99
CA CYS B 304 0.79 12.09 9.83
C CYS B 304 1.83 12.62 10.82
N THR B 305 1.84 12.17 12.08
CA THR B 305 2.83 12.63 13.06
C THR B 305 4.22 12.39 12.51
N ILE B 306 4.45 11.18 12.00
CA ILE B 306 5.82 10.79 11.56
C ILE B 306 6.20 11.66 10.35
N ALA B 307 5.32 11.73 9.38
CA ALA B 307 5.66 12.40 8.10
C ALA B 307 5.76 13.93 8.29
N ILE B 308 4.90 14.55 9.09
CA ILE B 308 4.93 16.03 9.25
C ILE B 308 6.17 16.38 10.04
N ARG B 309 6.52 15.63 11.08
CA ARG B 309 7.75 15.94 11.85
C ARG B 309 8.94 15.74 10.94
N TYR B 310 9.10 14.56 10.35
CA TYR B 310 10.21 14.34 9.39
C TYR B 310 10.31 15.49 8.36
N SER B 311 9.18 15.97 7.83
CA SER B 311 9.15 16.98 6.73
C SER B 311 9.60 18.34 7.27
N ALA B 312 9.56 18.54 8.60
CA ALA B 312 10.04 19.77 9.28
C ALA B 312 11.51 19.61 9.72
N VAL B 313 12.01 18.37 9.76
CA VAL B 313 13.45 18.10 10.07
C VAL B 313 14.27 18.05 8.78
N ARG B 314 13.69 17.51 7.70
CA ARG B 314 14.38 17.17 6.42
C ARG B 314 14.48 18.43 5.58
N HIS B 315 15.70 18.83 5.28
CA HIS B 315 15.98 19.90 4.29
C HIS B 315 16.34 19.17 2.97
N GLN B 316 15.97 19.73 1.83
CA GLN B 316 16.34 19.22 0.48
C GLN B 316 15.92 20.21 -0.61
N SER B 317 16.72 20.26 -1.67
CA SER B 317 16.37 21.06 -2.88
C SER B 317 16.34 22.56 -2.60
N GLU B 318 16.09 23.33 -3.63
CA GLU B 318 16.15 24.78 -3.42
C GLU B 318 14.91 25.45 -3.94
N ILE B 319 14.51 26.53 -3.30
CA ILE B 319 13.44 27.36 -3.90
C ILE B 319 14.26 28.48 -4.57
N LYS B 320 14.68 29.50 -3.82
CA LYS B 320 15.55 30.56 -4.40
C LYS B 320 16.94 29.99 -4.63
N PRO B 321 17.52 30.21 -5.84
CA PRO B 321 18.72 29.48 -6.28
C PRO B 321 19.94 29.62 -5.36
N GLY B 322 20.26 30.80 -4.83
CA GLY B 322 21.43 30.91 -3.92
C GLY B 322 21.21 30.27 -2.55
N GLU B 323 19.99 30.41 -2.01
CA GLU B 323 19.64 30.31 -0.56
C GLU B 323 19.74 28.88 -0.01
N PRO B 324 19.91 28.69 1.31
CA PRO B 324 19.94 27.34 1.88
C PRO B 324 18.72 26.48 1.45
N GLU B 325 18.94 25.17 1.33
CA GLU B 325 17.83 24.16 1.20
C GLU B 325 16.83 24.38 2.35
N PRO B 326 15.54 24.64 2.05
CA PRO B 326 14.57 24.77 3.12
C PRO B 326 14.14 23.37 3.60
N GLN B 327 13.34 23.38 4.66
CA GLN B 327 12.57 22.21 5.11
C GLN B 327 11.64 21.77 3.99
N ILE B 328 11.50 20.46 3.77
CA ILE B 328 10.65 20.00 2.62
C ILE B 328 9.17 20.35 2.86
N LEU B 329 8.79 20.59 4.11
CA LEU B 329 7.41 20.99 4.38
C LEU B 329 7.10 22.36 3.75
N ASP B 330 8.15 23.10 3.32
CA ASP B 330 7.95 24.45 2.68
C ASP B 330 7.52 24.29 1.25
N PHE B 331 7.61 23.12 0.66
CA PHE B 331 7.15 22.87 -0.73
C PHE B 331 5.64 22.65 -0.67
N GLN B 332 4.93 23.35 -1.53
CA GLN B 332 3.47 23.20 -1.66
C GLN B 332 3.12 21.73 -1.92
N THR B 333 3.89 20.98 -2.72
CA THR B 333 3.50 19.58 -3.07
C THR B 333 3.47 18.73 -1.78
N GLN B 334 4.41 18.96 -0.88
CA GLN B 334 4.56 18.26 0.42
C GLN B 334 3.41 18.66 1.35
N GLN B 335 3.00 19.93 1.33
CA GLN B 335 1.81 20.37 2.08
C GLN B 335 0.57 19.67 1.54
N TYR B 336 0.50 19.55 0.24
CA TYR B 336 -0.71 18.95 -0.40
C TYR B 336 -0.78 17.45 -0.08
N LYS B 337 0.38 16.78 0.05
CA LYS B 337 0.41 15.35 0.40
C LYS B 337 -0.05 15.21 1.84
N LEU B 338 0.31 16.13 2.74
CA LEU B 338 0.20 15.82 4.20
C LEU B 338 -0.92 16.57 4.91
N PHE B 339 -1.14 17.86 4.65
CA PHE B 339 -2.12 18.63 5.42
C PHE B 339 -3.52 18.07 5.18
N PRO B 340 -3.93 17.67 3.95
CA PRO B 340 -5.28 17.15 3.74
C PRO B 340 -5.51 15.84 4.51
N LEU B 341 -4.44 15.06 4.71
CA LEU B 341 -4.44 13.87 5.61
C LEU B 341 -4.49 14.24 7.12
N LEU B 342 -3.83 15.31 7.53
CA LEU B 342 -3.85 15.80 8.95
C LEU B 342 -5.25 16.29 9.27
N ALA B 343 -5.90 16.93 8.30
CA ALA B 343 -7.31 17.38 8.45
C ALA B 343 -8.23 16.16 8.56
N THR B 344 -7.90 15.12 7.79
CA THR B 344 -8.67 13.86 7.69
C THR B 344 -8.47 13.13 9.03
N ALA B 345 -7.23 13.14 9.54
CA ALA B 345 -6.93 12.52 10.85
C ALA B 345 -7.83 13.16 11.93
N TYR B 346 -7.88 14.48 12.03
CA TYR B 346 -8.70 15.20 13.05
C TYR B 346 -10.16 14.90 12.79
N ALA B 347 -10.63 14.96 11.54
CA ALA B 347 -12.02 14.65 11.17
C ALA B 347 -12.34 13.28 11.77
N PHE B 348 -11.44 12.31 11.60
CA PHE B 348 -11.66 10.90 11.98
C PHE B 348 -11.61 10.77 13.52
N GLN B 349 -10.71 11.51 14.17
CA GLN B 349 -10.66 11.53 15.65
C GLN B 349 -12.07 11.88 16.18
N PHE B 350 -12.70 12.90 15.59
CA PHE B 350 -14.02 13.36 16.09
C PHE B 350 -15.10 12.39 15.63
N VAL B 351 -15.07 11.82 14.42
CA VAL B 351 -16.09 10.80 14.08
C VAL B 351 -15.99 9.62 15.05
N GLY B 352 -14.77 9.19 15.34
CA GLY B 352 -14.46 8.10 16.26
C GLY B 352 -15.10 8.35 17.61
N ALA B 353 -14.89 9.55 18.20
CA ALA B 353 -15.46 9.88 19.52
C ALA B 353 -16.99 9.91 19.42
N TYR B 354 -17.55 10.45 18.34
CA TYR B 354 -19.01 10.43 18.13
C TYR B 354 -19.47 8.98 17.98
N MET B 355 -18.75 8.12 17.29
CA MET B 355 -19.20 6.72 17.10
C MET B 355 -19.19 5.98 18.43
N LYS B 356 -18.24 6.33 19.32
CA LYS B 356 -18.01 5.65 20.61
C LYS B 356 -19.18 6.00 21.54
N GLU B 357 -19.46 7.30 21.71
CA GLU B 357 -20.62 7.81 22.50
C GLU B 357 -21.92 7.28 21.94
N THR B 358 -22.03 7.19 20.62
CA THR B 358 -23.28 6.74 19.95
C THR B 358 -23.49 5.25 20.26
N TYR B 359 -22.49 4.42 20.04
CA TYR B 359 -22.58 2.95 20.21
C TYR B 359 -22.97 2.66 21.66
N HIS B 360 -22.30 3.32 22.62
CA HIS B 360 -22.58 3.25 24.10
C HIS B 360 -24.07 3.55 24.40
N ARG B 361 -24.60 4.74 24.02
CA ARG B 361 -25.97 5.23 24.35
C ARG B 361 -27.08 4.31 23.79
N ILE B 362 -27.02 3.97 22.49
CA ILE B 362 -27.96 2.99 21.83
C ILE B 362 -27.78 1.60 22.48
N ASN B 363 -26.56 1.04 22.57
CA ASN B 363 -26.31 -0.30 23.19
C ASN B 363 -26.71 -0.31 24.69
N GLU B 364 -27.07 0.83 25.30
CA GLU B 364 -27.78 0.90 26.61
C GLU B 364 -29.14 1.59 26.37
N SER B 372 -34.97 -0.24 18.31
CA SER B 372 -35.49 1.12 18.01
C SER B 372 -34.52 1.85 17.05
N GLU B 373 -33.27 2.06 17.46
CA GLU B 373 -32.23 2.67 16.60
C GLU B 373 -31.18 1.63 16.15
N LEU B 374 -31.44 0.32 16.30
CA LEU B 374 -30.48 -0.75 15.89
C LEU B 374 -30.25 -0.69 14.38
N PRO B 375 -31.28 -0.47 13.54
CA PRO B 375 -31.07 -0.24 12.11
C PRO B 375 -30.04 0.86 11.76
N GLU B 376 -30.27 2.11 12.19
CA GLU B 376 -29.38 3.26 11.91
C GLU B 376 -27.95 2.93 12.37
N LEU B 377 -27.83 2.35 13.55
CA LEU B 377 -26.53 2.06 14.19
C LEU B 377 -25.75 1.10 13.30
N HIS B 378 -26.34 -0.06 12.96
CA HIS B 378 -25.69 -1.11 12.14
C HIS B 378 -25.18 -0.48 10.82
N ALA B 379 -25.96 0.38 10.18
CA ALA B 379 -25.75 0.97 8.84
C ALA B 379 -24.62 2.00 8.89
N LEU B 380 -24.68 2.82 9.91
CA LEU B 380 -23.72 3.89 10.21
C LEU B 380 -22.37 3.27 10.61
N THR B 381 -22.37 2.27 11.47
CA THR B 381 -21.16 1.54 11.92
C THR B 381 -20.47 0.87 10.71
N ALA B 382 -21.21 0.11 9.89
CA ALA B 382 -20.72 -0.58 8.70
C ALA B 382 -20.08 0.48 7.80
N GLY B 383 -20.80 1.54 7.50
CA GLY B 383 -20.38 2.57 6.52
C GLY B 383 -19.17 3.32 6.98
N LEU B 384 -19.15 3.83 8.22
CA LEU B 384 -17.99 4.59 8.72
C LEU B 384 -16.80 3.66 8.90
N LYS B 385 -17.03 2.40 9.23
CA LYS B 385 -15.88 1.49 9.40
C LYS B 385 -15.18 1.36 8.03
N ALA B 386 -15.97 1.15 6.99
CA ALA B 386 -15.41 0.96 5.63
C ALA B 386 -14.77 2.28 5.16
N PHE B 387 -15.44 3.41 5.29
CA PHE B 387 -14.99 4.71 4.76
C PHE B 387 -13.69 5.12 5.46
N THR B 388 -13.64 5.05 6.79
CA THR B 388 -12.45 5.45 7.60
C THR B 388 -11.31 4.48 7.32
N SER B 389 -11.53 3.15 7.19
CA SER B 389 -10.36 2.25 7.05
C SER B 389 -9.80 2.40 5.65
N TRP B 390 -10.66 2.46 4.63
CA TRP B 390 -10.16 2.64 3.24
C TRP B 390 -9.36 3.96 3.16
N THR B 391 -9.92 5.07 3.67
CA THR B 391 -9.23 6.38 3.64
C THR B 391 -7.95 6.35 4.45
N ALA B 392 -7.95 5.88 5.67
CA ALA B 392 -6.72 5.83 6.48
C ALA B 392 -5.67 4.98 5.76
N ASN B 393 -6.12 3.90 5.10
CA ASN B 393 -5.23 2.89 4.46
C ASN B 393 -4.38 3.56 3.37
N THR B 394 -5.01 4.29 2.48
CA THR B 394 -4.41 5.19 1.47
C THR B 394 -3.52 6.28 2.13
N GLY B 395 -4.01 7.00 3.12
CA GLY B 395 -3.28 8.04 3.87
C GLY B 395 -1.97 7.55 4.49
N ILE B 396 -1.97 6.37 5.08
CA ILE B 396 -0.72 5.85 5.72
C ILE B 396 0.32 5.67 4.61
N GLU B 397 0.00 5.07 3.47
CA GLU B 397 1.01 4.87 2.37
C GLU B 397 1.47 6.24 1.84
N ALA B 398 0.55 7.19 1.70
CA ALA B 398 0.85 8.54 1.20
C ALA B 398 1.85 9.20 2.15
N CYS B 399 1.69 9.00 3.48
CA CYS B 399 2.65 9.50 4.47
C CYS B 399 3.98 8.83 4.22
N ARG B 400 4.02 7.53 3.96
CA ARG B 400 5.34 6.86 3.81
C ARG B 400 6.06 7.42 2.58
N MET B 401 5.34 7.54 1.49
CA MET B 401 5.98 7.98 0.22
C MET B 401 6.43 9.43 0.46
N ALA B 402 5.69 10.21 1.26
CA ALA B 402 6.05 11.60 1.49
C ALA B 402 7.36 11.71 2.27
N CYS B 403 7.84 10.64 2.92
CA CYS B 403 9.16 10.64 3.56
C CYS B 403 10.27 10.29 2.59
N GLY B 404 9.98 10.01 1.30
CA GLY B 404 11.06 9.71 0.34
C GLY B 404 11.72 8.35 0.59
N GLY B 405 13.01 8.24 0.27
CA GLY B 405 13.81 7.02 0.50
C GLY B 405 13.69 6.49 1.92
N HIS B 406 14.02 7.30 2.93
CA HIS B 406 13.96 6.84 4.34
C HIS B 406 12.59 6.32 4.76
N GLY B 407 11.51 6.80 4.16
CA GLY B 407 10.15 6.26 4.34
C GLY B 407 10.08 4.76 4.07
N TYR B 408 10.84 4.27 3.11
CA TYR B 408 10.77 2.84 2.67
C TYR B 408 11.46 1.94 3.72
N SER B 409 12.45 2.47 4.42
CA SER B 409 13.17 1.74 5.48
C SER B 409 12.24 1.60 6.70
N HIS B 410 12.36 0.52 7.43
CA HIS B 410 11.62 0.34 8.69
C HIS B 410 12.01 1.43 9.70
N CYS B 411 13.07 2.19 9.48
CA CYS B 411 13.42 3.32 10.36
C CYS B 411 12.25 4.29 10.42
N SER B 412 11.39 4.30 9.41
CA SER B 412 10.27 5.28 9.38
C SER B 412 9.14 4.80 10.29
N GLY B 413 9.05 3.49 10.59
CA GLY B 413 7.91 2.92 11.31
C GLY B 413 6.62 2.84 10.47
N LEU B 414 6.62 3.36 9.24
CA LEU B 414 5.36 3.53 8.47
C LEU B 414 4.94 2.21 7.81
N PRO B 415 5.87 1.38 7.31
CA PRO B 415 5.50 0.06 6.79
C PRO B 415 4.78 -0.81 7.83
N ASN B 416 5.26 -0.77 9.06
CA ASN B 416 4.65 -1.61 10.14
C ASN B 416 3.30 -1.01 10.48
N ILE B 417 3.18 0.30 10.47
CA ILE B 417 1.82 0.83 10.72
C ILE B 417 0.87 0.37 9.61
N TYR B 418 1.29 0.45 8.35
CA TYR B 418 0.44 0.08 7.20
C TYR B 418 0.07 -1.41 7.29
N VAL B 419 1.04 -2.34 7.38
CA VAL B 419 0.68 -3.76 7.13
C VAL B 419 -0.18 -4.23 8.30
N ASN B 420 -0.07 -3.60 9.50
CA ASN B 420 -0.85 -4.05 10.64
C ASN B 420 -2.22 -3.34 10.61
N PHE B 421 -2.35 -2.17 10.01
CA PHE B 421 -3.71 -1.54 9.91
C PHE B 421 -4.53 -2.08 8.73
N THR B 422 -3.90 -2.30 7.57
CA THR B 422 -4.60 -2.65 6.29
C THR B 422 -5.60 -3.81 6.45
N PRO B 423 -5.38 -4.91 7.24
CA PRO B 423 -6.36 -5.98 7.29
C PRO B 423 -7.73 -5.53 7.84
N SER B 424 -7.81 -4.39 8.48
CA SER B 424 -9.09 -3.71 8.85
C SER B 424 -9.98 -3.44 7.62
N CYS B 425 -9.48 -3.31 6.40
CA CYS B 425 -10.37 -3.10 5.23
C CYS B 425 -11.00 -4.42 4.73
N THR B 426 -10.43 -5.54 5.17
CA THR B 426 -10.77 -6.91 4.68
C THR B 426 -11.60 -7.70 5.72
N PHE B 427 -11.14 -7.71 6.96
CA PHE B 427 -11.68 -8.51 8.09
C PHE B 427 -12.71 -7.66 8.81
N GLU B 428 -13.53 -8.25 9.66
CA GLU B 428 -14.54 -7.50 10.48
C GLU B 428 -15.55 -6.81 9.56
N GLY B 429 -15.92 -7.53 8.50
CA GLY B 429 -16.84 -7.06 7.46
C GLY B 429 -16.04 -6.48 6.34
N GLU B 430 -15.84 -7.26 5.26
CA GLU B 430 -15.15 -6.73 4.05
C GLU B 430 -15.82 -5.38 3.68
N ASN B 431 -15.02 -4.36 3.45
CA ASN B 431 -15.52 -2.97 3.24
C ASN B 431 -16.61 -2.88 2.15
N THR B 432 -16.49 -3.56 1.01
CA THR B 432 -17.50 -3.46 -0.06
C THR B 432 -18.83 -3.98 0.49
N VAL B 433 -18.81 -5.10 1.20
CA VAL B 433 -20.03 -5.69 1.81
C VAL B 433 -20.58 -4.69 2.83
N MET B 434 -19.72 -4.06 3.63
CA MET B 434 -20.18 -3.03 4.59
C MET B 434 -20.90 -1.86 3.86
N MET B 435 -20.29 -1.34 2.78
CA MET B 435 -20.93 -0.23 2.06
C MET B 435 -22.28 -0.70 1.51
N LEU B 436 -22.43 -1.95 1.05
CA LEU B 436 -23.73 -2.40 0.52
C LEU B 436 -24.77 -2.50 1.65
N GLN B 437 -24.36 -2.88 2.85
CA GLN B 437 -25.25 -2.85 4.04
C GLN B 437 -25.65 -1.40 4.33
N THR B 438 -24.75 -0.42 4.23
CA THR B 438 -25.22 0.98 4.35
C THR B 438 -26.29 1.26 3.27
N ALA B 439 -26.03 0.86 2.04
CA ALA B 439 -26.84 1.19 0.85
C ALA B 439 -28.25 0.61 0.99
N ARG B 440 -28.37 -0.59 1.57
CA ARG B 440 -29.66 -1.25 1.92
C ARG B 440 -30.44 -0.30 2.80
N PHE B 441 -29.79 0.27 3.81
CA PHE B 441 -30.40 1.28 4.70
C PHE B 441 -30.77 2.54 3.91
N LEU B 442 -29.91 3.02 3.03
CA LEU B 442 -30.22 4.26 2.30
C LEU B 442 -31.43 3.97 1.37
N MET B 443 -31.49 2.80 0.73
CA MET B 443 -32.59 2.44 -0.20
C MET B 443 -33.90 2.32 0.59
N LYS B 444 -33.88 1.68 1.75
CA LYS B 444 -35.08 1.51 2.58
C LYS B 444 -35.55 2.92 2.97
N SER B 445 -34.62 3.83 3.28
CA SER B 445 -34.97 5.21 3.71
C SER B 445 -35.60 5.99 2.56
N TYR B 446 -34.96 5.93 1.40
CA TYR B 446 -35.44 6.61 0.17
C TYR B 446 -36.88 6.14 -0.13
N ASP B 447 -37.14 4.82 -0.08
CA ASP B 447 -38.48 4.21 -0.32
C ASP B 447 -39.48 4.73 0.72
N GLN B 448 -39.11 4.74 2.00
CA GLN B 448 -39.95 5.33 3.07
C GLN B 448 -40.30 6.76 2.65
N VAL B 449 -39.31 7.59 2.41
CA VAL B 449 -39.61 9.01 2.07
C VAL B 449 -40.65 9.04 0.94
N HIS B 450 -40.47 8.23 -0.11
CA HIS B 450 -41.21 8.35 -1.39
C HIS B 450 -42.56 7.63 -1.30
N SER B 451 -42.79 6.87 -0.23
CA SER B 451 -44.15 6.39 0.16
C SER B 451 -44.66 7.29 1.30
N GLY B 452 -44.32 8.59 1.26
CA GLY B 452 -44.79 9.67 2.16
C GLY B 452 -44.56 9.45 3.66
N LYS B 453 -43.45 8.83 4.08
CA LYS B 453 -43.13 8.72 5.53
C LYS B 453 -41.99 9.67 5.84
N LEU B 454 -41.73 9.90 7.10
CA LEU B 454 -40.67 10.85 7.53
C LEU B 454 -39.51 10.00 8.05
N VAL B 455 -38.30 10.26 7.55
CA VAL B 455 -37.10 9.52 8.04
C VAL B 455 -36.39 10.38 9.09
N CSO B 456 -35.57 9.75 9.93
CA CSO B 456 -34.93 10.49 11.05
CB CSO B 456 -35.63 10.11 12.34
SG CSO B 456 -37.43 10.40 12.40
C CSO B 456 -33.45 10.13 11.14
O CSO B 456 -33.11 9.13 10.43
OD CSO B 456 -37.64 12.00 12.15
N GLY B 457 -32.68 10.95 11.89
CA GLY B 457 -31.26 10.64 12.14
C GLY B 457 -30.33 11.02 11.00
N MET B 458 -29.26 10.25 10.82
CA MET B 458 -28.27 10.51 9.74
C MET B 458 -28.95 10.59 8.35
N VAL B 459 -30.13 9.99 8.10
CA VAL B 459 -30.80 10.03 6.75
C VAL B 459 -31.91 11.10 6.70
N SER B 460 -32.06 11.95 7.73
CA SER B 460 -33.15 12.98 7.75
C SER B 460 -33.05 13.91 6.54
N TYR B 461 -31.85 14.18 6.03
CA TYR B 461 -31.69 14.95 4.77
C TYR B 461 -32.53 14.36 3.63
N LEU B 462 -32.89 13.06 3.63
CA LEU B 462 -33.58 12.46 2.43
C LEU B 462 -35.04 12.96 2.39
N ASN B 463 -35.56 13.45 3.51
CA ASN B 463 -36.94 13.97 3.58
C ASN B 463 -37.09 15.18 2.65
N ASP B 464 -36.00 15.93 2.43
CA ASP B 464 -36.06 17.18 1.62
C ASP B 464 -35.74 16.91 0.15
N LEU B 465 -35.94 15.68 -0.32
CA LEU B 465 -35.73 15.41 -1.77
C LEU B 465 -36.87 16.06 -2.55
N PRO B 479 -31.65 28.45 -6.17
CA PRO B 479 -31.53 29.27 -4.95
C PRO B 479 -30.95 28.47 -3.75
N THR B 480 -29.63 28.62 -3.51
CA THR B 480 -28.81 27.97 -2.46
C THR B 480 -27.35 27.90 -2.94
N MET B 481 -26.56 28.99 -2.86
CA MET B 481 -25.14 29.04 -3.35
C MET B 481 -24.15 28.85 -2.18
N VAL B 482 -23.18 27.97 -2.35
CA VAL B 482 -22.23 27.54 -1.30
C VAL B 482 -21.33 28.72 -0.92
N ASP B 483 -21.18 28.96 0.37
CA ASP B 483 -20.16 29.83 1.00
C ASP B 483 -18.99 28.93 1.47
N ILE B 484 -17.82 29.09 0.87
CA ILE B 484 -16.69 28.15 1.05
C ILE B 484 -15.91 28.50 2.33
N ASN B 485 -16.30 29.54 3.06
CA ASN B 485 -15.71 29.82 4.40
C ASN B 485 -16.65 29.37 5.51
N SER B 486 -17.77 28.72 5.16
CA SER B 486 -18.84 28.29 6.10
C SER B 486 -18.91 26.77 6.22
N PRO B 487 -18.43 26.19 7.34
CA PRO B 487 -18.57 24.75 7.55
C PRO B 487 -20.03 24.31 7.38
N GLU B 488 -21.01 25.16 7.76
CA GLU B 488 -22.45 24.82 7.63
C GLU B 488 -22.82 24.81 6.15
N SER B 489 -22.40 25.84 5.41
CA SER B 489 -22.71 25.92 3.97
C SER B 489 -22.04 24.72 3.29
N LEU B 490 -20.80 24.38 3.68
CA LEU B 490 -20.10 23.20 3.05
C LEU B 490 -20.84 21.91 3.44
N THR B 491 -21.29 21.79 4.68
CA THR B 491 -22.03 20.61 5.12
C THR B 491 -23.21 20.44 4.17
N GLU B 492 -23.89 21.53 3.83
CA GLU B 492 -25.10 21.54 2.98
C GLU B 492 -24.74 21.05 1.57
N ALA B 493 -23.60 21.50 1.03
CA ALA B 493 -23.12 21.01 -0.29
C ALA B 493 -22.97 19.48 -0.23
N TYR B 494 -22.34 18.91 0.80
CA TYR B 494 -22.13 17.42 0.92
C TYR B 494 -23.50 16.70 1.02
N LYS B 495 -24.43 17.30 1.74
CA LYS B 495 -25.77 16.67 1.90
C LYS B 495 -26.39 16.49 0.51
N LEU B 496 -26.28 17.51 -0.33
CA LEU B 496 -26.92 17.46 -1.66
C LEU B 496 -26.20 16.46 -2.56
N ARG B 497 -24.88 16.39 -2.45
CA ARG B 497 -24.10 15.40 -3.22
C ARG B 497 -24.58 14.00 -2.85
N ALA B 498 -24.75 13.74 -1.56
CA ALA B 498 -25.22 12.43 -1.09
C ALA B 498 -26.63 12.15 -1.60
N ALA B 499 -27.53 13.12 -1.48
CA ALA B 499 -28.93 12.94 -1.92
C ALA B 499 -28.99 12.64 -3.42
N ARG B 500 -28.22 13.38 -4.22
CA ARG B 500 -28.14 13.08 -5.69
C ARG B 500 -27.67 11.63 -5.90
N LEU B 501 -26.64 11.16 -5.18
CA LEU B 501 -26.08 9.81 -5.49
C LEU B 501 -27.02 8.73 -4.92
N VAL B 502 -27.72 9.02 -3.81
CA VAL B 502 -28.74 8.10 -3.24
C VAL B 502 -29.88 7.96 -4.27
N GLU B 503 -30.31 9.09 -4.83
CA GLU B 503 -31.43 9.08 -5.77
C GLU B 503 -30.98 8.34 -7.04
N ILE B 504 -29.80 8.66 -7.58
CA ILE B 504 -29.24 7.95 -8.77
C ILE B 504 -29.24 6.44 -8.49
N ALA B 505 -28.80 6.00 -7.31
CA ALA B 505 -28.76 4.55 -7.01
C ALA B 505 -30.21 4.01 -7.01
N ALA B 506 -31.13 4.66 -6.33
CA ALA B 506 -32.53 4.21 -6.21
C ALA B 506 -33.17 4.12 -7.62
N LYS B 507 -32.97 5.11 -8.50
CA LYS B 507 -33.61 5.14 -9.83
C LYS B 507 -32.99 4.04 -10.69
N ASN B 508 -31.66 3.90 -10.66
CA ASN B 508 -31.01 2.84 -11.47
C ASN B 508 -31.51 1.47 -10.97
N LEU B 509 -31.69 1.32 -9.65
CA LEU B 509 -32.05 -0.01 -9.09
C LEU B 509 -33.46 -0.34 -9.60
N GLN B 510 -34.35 0.62 -9.55
CA GLN B 510 -35.76 0.45 -10.01
C GLN B 510 -35.78 0.04 -11.48
N LYS B 511 -35.03 0.71 -12.36
CA LYS B 511 -35.03 0.40 -13.80
C LYS B 511 -34.52 -1.02 -14.01
N GLU B 512 -33.43 -1.40 -13.33
CA GLU B 512 -32.82 -2.76 -13.43
C GLU B 512 -33.80 -3.81 -12.87
N VAL B 513 -34.57 -3.51 -11.84
CA VAL B 513 -35.60 -4.45 -11.30
C VAL B 513 -36.63 -4.78 -12.40
N ILE B 514 -37.14 -3.78 -13.10
CA ILE B 514 -38.03 -3.93 -14.29
C ILE B 514 -37.30 -4.69 -15.39
N HIS B 515 -36.16 -4.21 -15.84
CA HIS B 515 -35.41 -4.87 -16.95
C HIS B 515 -35.06 -6.35 -16.62
N ARG B 516 -34.81 -6.76 -15.36
CA ARG B 516 -34.23 -8.12 -15.06
C ARG B 516 -35.26 -9.07 -14.42
N LYS B 517 -36.46 -8.62 -14.09
CA LYS B 517 -37.48 -9.49 -13.43
C LYS B 517 -36.83 -10.24 -12.25
N SER B 518 -35.87 -9.62 -11.53
CA SER B 518 -35.17 -10.19 -10.34
C SER B 518 -34.54 -9.08 -9.50
N LYS B 519 -34.96 -8.96 -8.25
CA LYS B 519 -34.44 -7.97 -7.29
C LYS B 519 -32.95 -8.20 -7.03
N GLU B 520 -32.55 -9.47 -6.94
CA GLU B 520 -31.16 -9.85 -6.59
C GLU B 520 -30.20 -9.54 -7.75
N VAL B 521 -30.56 -9.86 -9.00
CA VAL B 521 -29.74 -9.48 -10.19
C VAL B 521 -29.66 -7.95 -10.28
N ALA B 522 -30.79 -7.23 -10.14
CA ALA B 522 -30.78 -5.75 -10.24
C ALA B 522 -29.84 -5.15 -9.18
N TRP B 523 -29.89 -5.68 -7.95
CA TRP B 523 -29.03 -5.26 -6.80
C TRP B 523 -27.55 -5.42 -7.21
N ASN B 524 -27.18 -6.62 -7.65
CA ASN B 524 -25.82 -6.89 -8.20
C ASN B 524 -25.47 -5.84 -9.26
N LEU B 525 -26.33 -5.58 -10.25
CA LEU B 525 -25.95 -4.69 -11.41
C LEU B 525 -26.06 -3.21 -11.05
N THR B 526 -26.50 -2.85 -9.86
CA THR B 526 -26.53 -1.44 -9.35
C THR B 526 -25.52 -1.30 -8.17
N SER B 527 -24.74 -2.33 -7.89
CA SER B 527 -23.91 -2.41 -6.67
C SER B 527 -22.83 -1.30 -6.69
N VAL B 528 -22.33 -0.92 -7.87
CA VAL B 528 -21.27 0.12 -7.92
C VAL B 528 -21.91 1.46 -7.54
N ASP B 529 -23.10 1.71 -8.05
CA ASP B 529 -23.86 2.96 -7.77
C ASP B 529 -24.20 2.97 -6.30
N LEU B 530 -24.63 1.81 -5.79
CA LEU B 530 -25.02 1.70 -4.36
C LEU B 530 -23.84 2.01 -3.43
N VAL B 531 -22.66 1.46 -3.70
CA VAL B 531 -21.43 1.73 -2.91
C VAL B 531 -21.10 3.22 -3.01
N ARG B 532 -21.21 3.82 -4.20
CA ARG B 532 -20.91 5.29 -4.39
C ARG B 532 -21.84 6.13 -3.54
N ALA B 533 -23.11 5.78 -3.50
CA ALA B 533 -24.11 6.47 -2.65
C ALA B 533 -23.71 6.34 -1.17
N SER B 534 -23.30 5.15 -0.71
CA SER B 534 -22.88 4.97 0.72
C SER B 534 -21.66 5.83 1.01
N GLU B 535 -20.71 5.83 0.07
CA GLU B 535 -19.43 6.60 0.22
C GLU B 535 -19.80 8.05 0.45
N ALA B 536 -20.69 8.57 -0.38
CA ALA B 536 -21.02 10.02 -0.34
C ALA B 536 -21.80 10.34 0.94
N HIS B 537 -22.62 9.43 1.39
CA HIS B 537 -23.41 9.57 2.63
C HIS B 537 -22.45 9.62 3.83
N CYS B 538 -21.52 8.65 3.90
CA CYS B 538 -20.46 8.61 4.95
C CYS B 538 -19.62 9.90 4.89
N HIS B 539 -19.24 10.32 3.69
CA HIS B 539 -18.39 11.53 3.53
C HIS B 539 -19.14 12.72 4.15
N TYR B 540 -20.42 12.84 3.84
CA TYR B 540 -21.26 13.92 4.37
C TYR B 540 -21.27 13.86 5.90
N VAL B 541 -21.50 12.67 6.46
CA VAL B 541 -21.56 12.46 7.92
C VAL B 541 -20.25 12.96 8.56
N VAL B 542 -19.12 12.67 7.96
CA VAL B 542 -17.82 13.11 8.53
C VAL B 542 -17.71 14.64 8.49
N VAL B 543 -18.07 15.26 7.37
CA VAL B 543 -18.04 16.75 7.23
C VAL B 543 -19.00 17.32 8.27
N LYS B 544 -20.21 16.77 8.34
CA LYS B 544 -21.20 17.26 9.31
C LYS B 544 -20.63 17.22 10.76
N LEU B 545 -20.10 16.08 11.18
CA LEU B 545 -19.62 15.89 12.57
C LEU B 545 -18.47 16.82 12.84
N PHE B 546 -17.55 16.98 11.91
CA PHE B 546 -16.39 17.87 12.12
C PHE B 546 -16.92 19.32 12.26
N SER B 547 -17.78 19.75 11.35
CA SER B 547 -18.39 21.11 11.37
C SER B 547 -19.06 21.34 12.72
N GLU B 548 -19.96 20.47 13.13
CA GLU B 548 -20.61 20.56 14.46
C GLU B 548 -19.56 20.61 15.58
N LYS B 549 -18.50 19.80 15.54
CA LYS B 549 -17.53 19.76 16.67
C LYS B 549 -16.95 21.18 16.84
N LEU B 550 -16.75 21.96 15.79
CA LEU B 550 -16.16 23.30 15.95
C LEU B 550 -16.96 24.14 16.97
N LEU B 551 -18.29 24.01 17.02
CA LEU B 551 -19.16 24.96 17.79
C LEU B 551 -19.03 24.65 19.28
N LYS B 552 -18.42 23.53 19.64
CA LYS B 552 -18.26 23.10 21.04
C LYS B 552 -16.84 23.40 21.49
N ILE B 553 -15.96 23.90 20.60
CA ILE B 553 -14.58 24.20 21.05
C ILE B 553 -14.59 25.52 21.82
N GLN B 554 -14.22 25.50 23.09
CA GLN B 554 -14.15 26.68 24.00
C GLN B 554 -12.88 27.49 23.75
N ASP B 555 -11.72 26.87 23.55
CA ASP B 555 -10.48 27.65 23.35
C ASP B 555 -10.51 28.32 21.98
N LYS B 556 -10.47 29.66 21.92
CA LYS B 556 -10.59 30.45 20.68
C LYS B 556 -9.54 30.03 19.63
N ALA B 557 -8.27 29.91 20.03
CA ALA B 557 -7.14 29.64 19.13
C ALA B 557 -7.26 28.18 18.61
N ILE B 558 -7.65 27.24 19.46
CA ILE B 558 -7.84 25.84 19.00
C ILE B 558 -9.04 25.79 18.08
N GLN B 559 -10.11 26.49 18.39
CA GLN B 559 -11.26 26.58 17.45
C GLN B 559 -10.81 27.09 16.07
N ALA B 560 -10.04 28.16 16.04
CA ALA B 560 -9.63 28.74 14.76
C ALA B 560 -8.81 27.70 13.97
N VAL B 561 -7.92 26.94 14.62
CA VAL B 561 -7.02 26.05 13.82
C VAL B 561 -7.81 24.81 13.40
N LEU B 562 -8.72 24.33 14.25
CA LEU B 562 -9.62 23.22 13.87
C LEU B 562 -10.49 23.67 12.71
N ARG B 563 -11.00 24.89 12.74
CA ARG B 563 -11.78 25.45 11.62
C ARG B 563 -11.00 25.38 10.29
N SER B 564 -9.74 25.85 10.25
CA SER B 564 -8.83 25.73 9.09
C SER B 564 -8.77 24.24 8.67
N LEU B 565 -8.61 23.30 9.58
CA LEU B 565 -8.56 21.86 9.21
C LEU B 565 -9.92 21.39 8.64
N CYS B 566 -11.01 21.83 9.24
CA CYS B 566 -12.36 21.39 8.82
C CYS B 566 -12.59 21.85 7.38
N LEU B 567 -12.22 23.11 7.13
CA LEU B 567 -12.43 23.73 5.79
C LEU B 567 -11.47 23.03 4.82
N LEU B 568 -10.20 22.82 5.19
CA LEU B 568 -9.25 22.11 4.31
C LEU B 568 -9.87 20.74 4.01
N TYR B 569 -10.40 20.05 5.02
CA TYR B 569 -11.00 18.71 4.80
C TYR B 569 -12.17 18.82 3.80
N SER B 570 -13.11 19.72 4.04
CA SER B 570 -14.34 19.80 3.20
C SER B 570 -13.97 20.28 1.78
N LEU B 571 -13.09 21.25 1.65
CA LEU B 571 -12.72 21.82 0.34
C LEU B 571 -11.85 20.85 -0.46
N TYR B 572 -10.88 20.17 0.17
CA TYR B 572 -10.12 19.09 -0.50
C TYR B 572 -11.07 18.05 -1.10
N GLY B 573 -12.05 17.63 -0.29
CA GLY B 573 -13.06 16.64 -0.71
C GLY B 573 -13.80 17.14 -1.96
N ILE B 574 -14.19 18.40 -2.04
CA ILE B 574 -14.91 18.93 -3.24
C ILE B 574 -13.94 18.91 -4.44
N SER B 575 -12.77 19.48 -4.23
CA SER B 575 -11.69 19.54 -5.24
C SER B 575 -11.41 18.15 -5.82
N GLN B 576 -11.45 17.11 -4.99
CA GLN B 576 -11.11 15.72 -5.43
C GLN B 576 -12.35 15.04 -6.02
N ASN B 577 -13.57 15.59 -5.85
CA ASN B 577 -14.84 14.97 -6.34
C ASN B 577 -15.67 16.03 -7.13
N ALA B 578 -15.00 16.90 -7.89
CA ALA B 578 -15.62 18.11 -8.49
C ALA B 578 -16.86 17.69 -9.30
N GLY B 579 -16.77 16.64 -10.10
CA GLY B 579 -17.88 16.14 -10.91
C GLY B 579 -19.14 15.90 -10.09
N ASP B 580 -19.01 15.47 -8.83
CA ASP B 580 -20.16 15.16 -7.95
C ASP B 580 -20.82 16.48 -7.48
N PHE B 581 -20.12 17.60 -7.59
CA PHE B 581 -20.69 18.90 -7.14
C PHE B 581 -21.15 19.70 -8.37
N LEU B 582 -20.48 19.54 -9.52
CA LEU B 582 -20.85 20.18 -10.82
C LEU B 582 -22.18 19.62 -11.37
N GLN B 583 -22.35 18.31 -11.35
CA GLN B 583 -23.64 17.66 -11.74
C GLN B 583 -24.75 17.92 -10.71
N GLY B 584 -25.99 18.08 -11.19
CA GLY B 584 -27.17 18.49 -10.39
C GLY B 584 -27.09 19.94 -9.93
N SER B 585 -26.17 20.73 -10.48
CA SER B 585 -26.02 22.18 -10.23
C SER B 585 -25.85 22.46 -8.74
N ILE B 586 -25.02 21.69 -8.03
CA ILE B 586 -24.72 22.00 -6.60
C ILE B 586 -23.72 23.18 -6.58
N MET B 587 -22.76 23.20 -7.49
CA MET B 587 -21.70 24.24 -7.55
C MET B 587 -21.33 24.43 -9.04
N THR B 588 -20.88 25.64 -9.37
CA THR B 588 -20.45 26.01 -10.74
C THR B 588 -18.95 25.79 -10.88
N GLU B 589 -18.49 25.79 -12.14
CA GLU B 589 -17.07 25.74 -12.53
C GLU B 589 -16.32 26.83 -11.78
N PRO B 590 -16.73 28.12 -11.80
CA PRO B 590 -15.97 29.16 -11.10
C PRO B 590 -15.88 28.91 -9.59
N GLN B 591 -16.90 28.27 -9.00
CA GLN B 591 -16.92 27.91 -7.54
C GLN B 591 -15.85 26.84 -7.30
N ILE B 592 -15.72 25.87 -8.21
CA ILE B 592 -14.63 24.85 -8.12
C ILE B 592 -13.30 25.61 -8.19
N THR B 593 -13.15 26.58 -9.10
CA THR B 593 -11.87 27.35 -9.23
C THR B 593 -11.60 28.03 -7.88
N GLN B 594 -12.62 28.56 -7.22
CA GLN B 594 -12.43 29.24 -5.92
C GLN B 594 -12.08 28.20 -4.83
N VAL B 595 -12.79 27.07 -4.78
CA VAL B 595 -12.44 25.93 -3.89
C VAL B 595 -10.94 25.67 -4.04
N ASN B 596 -10.47 25.49 -5.25
CA ASN B 596 -9.08 25.02 -5.50
C ASN B 596 -8.08 26.09 -5.07
N GLN B 597 -8.41 27.36 -5.31
CA GLN B 597 -7.63 28.52 -4.80
C GLN B 597 -7.61 28.49 -3.24
N ARG B 598 -8.72 28.27 -2.57
CA ARG B 598 -8.78 28.34 -1.11
C ARG B 598 -8.04 27.12 -0.49
N VAL B 599 -8.12 25.97 -1.10
CA VAL B 599 -7.33 24.81 -0.62
C VAL B 599 -5.85 25.23 -0.58
N LYS B 600 -5.35 25.94 -1.60
CA LYS B 600 -3.90 26.30 -1.66
C LYS B 600 -3.58 27.26 -0.52
N GLU B 601 -4.46 28.22 -0.28
CA GLU B 601 -4.29 29.22 0.77
C GLU B 601 -4.35 28.56 2.17
N LEU B 602 -5.23 27.58 2.40
CA LEU B 602 -5.30 26.80 3.68
C LEU B 602 -3.98 26.03 3.89
N LEU B 603 -3.32 25.57 2.83
CA LEU B 603 -2.07 24.82 3.04
C LEU B 603 -1.07 25.72 3.74
N THR B 604 -0.93 26.94 3.23
CA THR B 604 0.04 27.94 3.76
C THR B 604 -0.35 28.08 5.30
N LEU B 605 -1.66 28.24 5.56
CA LEU B 605 -2.22 28.78 6.87
C LEU B 605 -2.00 27.70 7.91
N ILE B 606 -2.10 26.46 7.48
CA ILE B 606 -1.84 25.30 8.37
C ILE B 606 -0.32 25.15 8.59
N ARG B 607 0.52 25.49 7.62
CA ARG B 607 1.98 25.18 7.70
C ARG B 607 2.58 25.48 9.11
N SER B 608 2.35 26.68 9.66
CA SER B 608 3.01 27.12 10.93
C SER B 608 2.45 26.34 12.14
N ASP B 609 1.28 25.71 12.03
CA ASP B 609 0.61 24.96 13.12
C ASP B 609 0.80 23.43 12.96
N ALA B 610 1.35 22.93 11.85
CA ALA B 610 1.33 21.49 11.52
C ALA B 610 2.09 20.68 12.61
N VAL B 611 3.30 21.06 13.00
CA VAL B 611 4.04 20.25 14.02
C VAL B 611 3.25 20.24 15.33
N ALA B 612 2.77 21.38 15.79
CA ALA B 612 2.04 21.36 17.08
C ALA B 612 0.78 20.54 16.92
N LEU B 613 0.20 20.52 15.74
CA LEU B 613 -1.07 19.78 15.55
C LEU B 613 -0.80 18.29 15.65
N VAL B 614 0.40 17.84 15.25
CA VAL B 614 0.64 16.38 15.37
C VAL B 614 1.09 16.06 16.80
N ASP B 615 1.84 16.97 17.38
CA ASP B 615 2.28 16.86 18.79
C ASP B 615 1.06 16.69 19.71
N ALA B 616 -0.06 17.32 19.39
CA ALA B 616 -1.31 17.24 20.21
C ALA B 616 -1.89 15.82 20.24
N PHE B 617 -1.54 14.94 19.30
CA PHE B 617 -2.02 13.52 19.38
C PHE B 617 -1.33 12.79 20.55
N ASP B 618 -0.19 13.30 21.04
CA ASP B 618 0.46 12.87 22.29
C ASP B 618 1.01 11.47 22.16
N PHE B 619 1.49 11.06 20.99
CA PHE B 619 2.08 9.72 20.77
C PHE B 619 3.49 9.72 21.37
N GLN B 620 3.85 8.77 22.21
CA GLN B 620 5.24 8.65 22.65
C GLN B 620 6.12 8.08 21.52
N ASP B 621 7.45 8.35 21.53
CA ASP B 621 8.38 7.72 20.58
C ASP B 621 8.13 6.22 20.50
N VAL B 622 7.98 5.52 21.61
CA VAL B 622 7.89 4.03 21.57
C VAL B 622 6.61 3.64 20.81
N THR B 623 5.54 4.41 20.87
CA THR B 623 4.25 4.11 20.16
C THR B 623 4.44 4.34 18.63
N LEU B 624 5.20 5.36 18.24
CA LEU B 624 5.43 5.65 16.80
C LEU B 624 6.43 4.62 16.27
N GLY B 625 7.42 4.17 17.05
CA GLY B 625 8.36 3.16 16.52
C GLY B 625 9.11 3.72 15.32
N SER B 626 9.45 5.02 15.35
CA SER B 626 9.96 5.81 14.21
C SER B 626 11.21 6.62 14.56
N VAL B 627 12.32 6.32 13.92
CA VAL B 627 13.49 7.23 13.93
C VAL B 627 13.12 8.58 13.26
N LEU B 628 12.33 8.59 12.20
CA LEU B 628 12.17 9.83 11.44
C LEU B 628 11.24 10.75 12.23
N GLY B 629 10.27 10.16 12.93
CA GLY B 629 9.18 10.93 13.56
C GLY B 629 9.48 11.30 15.06
N ARG B 630 10.65 11.02 15.56
CA ARG B 630 10.89 11.18 17.05
C ARG B 630 10.60 12.66 17.53
N TYR B 631 10.03 12.78 18.71
CA TYR B 631 9.53 14.04 19.30
C TYR B 631 10.64 15.16 19.38
N ASP B 632 11.90 14.73 19.63
CA ASP B 632 13.08 15.65 19.62
C ASP B 632 13.64 15.97 18.22
N GLY B 633 13.21 15.37 17.10
CA GLY B 633 13.68 15.77 15.76
C GLY B 633 15.12 15.37 15.54
N ASN B 634 15.73 14.58 16.43
CA ASN B 634 17.16 14.21 16.24
C ASN B 634 17.26 12.91 15.43
N VAL B 635 17.12 13.01 14.14
CA VAL B 635 16.83 11.85 13.24
C VAL B 635 18.14 11.22 12.78
N TYR B 636 19.02 12.02 12.23
CA TYR B 636 20.21 11.51 11.48
C TYR B 636 21.11 10.69 12.42
N GLU B 637 21.42 11.17 13.61
CA GLU B 637 22.35 10.44 14.52
C GLU B 637 21.71 9.05 14.80
N ASN B 638 20.42 9.13 15.12
CA ASN B 638 19.67 7.97 15.66
C ASN B 638 19.53 6.99 14.49
N LEU B 639 19.38 7.52 13.27
CA LEU B 639 19.25 6.64 12.08
C LEU B 639 20.53 5.78 11.97
N PHE B 640 21.69 6.42 12.11
CA PHE B 640 23.01 5.79 11.87
C PHE B 640 23.27 4.71 12.92
N GLU B 641 22.94 4.98 14.19
CA GLU B 641 22.89 3.96 15.28
C GLU B 641 21.99 2.76 14.91
N TRP B 642 20.74 3.04 14.53
CA TRP B 642 19.73 2.00 14.20
C TRP B 642 20.30 1.05 13.11
N ALA B 643 20.85 1.61 12.03
CA ALA B 643 21.41 0.80 10.93
C ALA B 643 22.55 -0.05 11.48
N LYS B 644 23.50 0.56 12.16
CA LYS B 644 24.68 -0.18 12.70
C LYS B 644 24.18 -1.37 13.55
N ASN B 645 23.08 -1.21 14.30
CA ASN B 645 22.59 -2.22 15.30
C ASN B 645 21.71 -3.31 14.62
N SER B 646 21.52 -3.20 13.29
CA SER B 646 20.55 -4.06 12.56
C SER B 646 21.23 -5.38 12.22
N PRO B 647 20.46 -6.46 11.93
CA PRO B 647 20.99 -7.82 11.90
C PRO B 647 22.15 -8.11 10.93
N LEU B 648 22.11 -7.63 9.69
CA LEU B 648 23.13 -7.97 8.65
C LEU B 648 24.49 -7.44 9.10
N ASN B 649 24.51 -6.50 10.06
CA ASN B 649 25.79 -5.88 10.52
C ASN B 649 26.31 -6.60 11.77
N LYS B 650 25.65 -7.65 12.28
CA LYS B 650 26.16 -8.52 13.39
C LYS B 650 27.51 -9.11 12.97
N ALA B 651 27.80 -9.18 11.65
CA ALA B 651 29.10 -9.64 11.04
C ALA B 651 29.52 -8.70 9.87
N GLU B 652 30.80 -8.28 9.78
CA GLU B 652 31.42 -7.47 8.67
C GLU B 652 31.33 -8.21 7.29
N VAL B 653 31.63 -9.51 7.28
CA VAL B 653 31.54 -10.39 6.07
C VAL B 653 30.35 -11.33 6.26
N HIS B 654 29.38 -11.30 5.33
CA HIS B 654 28.21 -12.22 5.32
C HIS B 654 28.65 -13.62 4.87
N GLU B 655 28.06 -14.69 5.46
CA GLU B 655 28.34 -16.13 5.15
C GLU B 655 28.39 -16.31 3.62
N SER B 656 27.65 -15.48 2.88
CA SER B 656 27.33 -15.64 1.43
C SER B 656 28.52 -15.22 0.55
N TYR B 657 29.51 -14.47 1.07
CA TYR B 657 30.73 -14.03 0.32
C TYR B 657 31.36 -15.23 -0.44
N LYS B 658 31.26 -16.47 0.09
CA LYS B 658 31.78 -17.74 -0.52
C LYS B 658 31.41 -17.87 -2.02
N HIS B 659 30.20 -17.46 -2.43
CA HIS B 659 29.63 -17.62 -3.80
C HIS B 659 30.33 -16.65 -4.76
N LEU B 660 30.72 -15.47 -4.25
CA LEU B 660 31.44 -14.37 -4.97
C LEU B 660 32.96 -14.66 -4.94
N LYS B 661 33.36 -15.78 -5.54
CA LYS B 661 34.75 -16.11 -5.93
C LYS B 661 34.90 -15.75 -7.42
N SER B 662 36.14 -15.60 -7.94
CA SER B 662 36.44 -15.28 -9.37
C SER B 662 35.61 -16.14 -10.36
C1 PGE C . -14.30 -14.45 -0.54
O1 PGE C . -14.29 -13.78 -1.77
C2 PGE C . -15.03 -13.71 0.45
O2 PGE C . -14.42 -14.16 1.60
C3 PGE C . -13.17 -13.45 1.64
C4 PGE C . -12.63 -13.34 3.04
O4 PGE C . -13.13 -12.95 6.46
C6 PGE C . -13.10 -11.65 5.83
C5 PGE C . -13.66 -11.68 4.43
O3 PGE C . -12.66 -11.98 3.42
C1 EDO D . -10.56 -15.56 3.80
O1 EDO D . -10.67 -15.35 2.32
C2 EDO D . -11.52 -16.54 4.46
O2 EDO D . -11.93 -17.80 3.77
C1 EDO E . -13.46 -8.79 -2.10
O1 EDO E . -13.48 -7.92 -3.23
C2 EDO E . -13.89 -10.22 -2.21
O2 EDO E . -13.56 -10.90 -0.93
C1 PEG F . -18.19 -12.09 -1.69
O1 PEG F . -16.74 -11.89 -1.70
C2 PEG F . -18.99 -10.88 -1.26
O2 PEG F . -18.90 -9.84 -2.25
C3 PEG F . -20.18 -9.32 -2.59
C4 PEG F . -20.13 -7.81 -2.79
O4 PEG F . -20.76 -7.31 -4.04
C1 EDO G . 1.78 -22.55 -16.53
O1 EDO G . 2.73 -21.68 -17.10
C2 EDO G . 2.40 -23.25 -15.34
O2 EDO G . 3.20 -22.32 -14.54
C1 EDO H . 4.74 -11.38 -22.13
O1 EDO H . 6.03 -11.78 -21.63
C2 EDO H . 4.24 -10.14 -21.48
O2 EDO H . 3.81 -10.47 -20.18
C1 GOL I . -5.65 19.84 -7.72
O1 GOL I . -6.11 18.49 -7.69
C2 GOL I . -6.72 20.83 -8.14
O2 GOL I . -7.46 20.27 -9.24
C3 GOL I . -6.18 22.22 -8.45
O3 GOL I . -5.45 22.82 -7.37
C1 EDO J . -1.22 9.36 -11.39
O1 EDO J . -0.16 10.30 -11.47
C2 EDO J . -2.19 9.60 -10.28
O2 EDO J . -2.29 8.42 -9.41
C1 EDO K . 10.89 17.96 -2.49
O1 EDO K . 10.31 18.00 -3.79
C2 EDO K . 12.31 17.56 -2.49
O2 EDO K . 12.84 17.74 -3.77
C1 PGE L . 14.23 14.31 -0.48
O1 PGE L . 14.35 14.54 0.90
C2 PGE L . 15.34 13.57 -0.84
O2 PGE L . 15.05 12.26 -0.40
C3 PGE L . 14.09 11.49 -1.15
C4 PGE L . 14.71 10.22 -1.77
O4 PGE L . 17.26 8.48 -2.98
C6 PGE L . 16.73 9.47 -3.89
C5 PGE L . 15.22 9.35 -4.04
O3 PGE L . 14.50 10.27 -3.20
C1 EDO M . 8.67 13.21 -1.13
O1 EDO M . 7.35 13.91 -1.25
C2 EDO M . 9.95 13.95 -0.65
O2 EDO M . 11.20 13.22 -0.99
C1 EDO N . 7.06 0.25 26.32
O1 EDO N . 8.35 -0.26 26.68
C2 EDO N . 6.19 -0.74 25.53
O2 EDO N . 6.62 -2.18 25.50
C1 EDO O . 7.36 12.51 23.81
O1 EDO O . 5.99 12.02 23.90
C2 EDO O . 8.48 11.50 24.09
O2 EDO O . 8.27 10.17 23.54
C1 GOL P . 1.34 32.49 15.99
O1 GOL P . 0.11 33.19 16.10
C2 GOL P . 2.50 33.44 16.14
O2 GOL P . 3.26 33.17 17.33
C3 GOL P . 3.37 33.52 14.91
O3 GOL P . 3.71 34.87 14.59
C1 EDO Q . -6.28 10.23 21.29
O1 EDO Q . -7.37 11.12 21.37
C2 EDO Q . -5.01 10.94 21.42
O2 EDO Q . -4.29 10.83 20.21
C1 GOL R . -8.27 -6.63 33.18
O1 GOL R . -9.13 -6.16 34.21
C2 GOL R . -7.49 -7.88 33.58
O2 GOL R . -8.33 -8.97 33.94
C3 GOL R . -6.55 -8.32 32.47
O3 GOL R . -7.27 -8.98 31.41
#